data_4FI5
# 
_entry.id   4FI5 
# 
_audit_conform.dict_name       mmcif_pdbx.dic 
_audit_conform.dict_version    5.379 
_audit_conform.dict_location   http://mmcif.pdb.org/dictionaries/ascii/mmcif_pdbx.dic 
# 
loop_
_database_2.database_id 
_database_2.database_code 
_database_2.pdbx_database_accession 
_database_2.pdbx_DOI 
PDB   4FI5         pdb_00004fi5 10.2210/pdb4fi5/pdb 
RCSB  RCSB072930   ?            ?                   
WWPDB D_1000072930 ?            ?                   
# 
_pdbx_database_related.db_name        TargetTrack 
_pdbx_database_related.db_id          HahaA.17785.a 
_pdbx_database_related.details        . 
_pdbx_database_related.content_type   unspecified 
# 
_pdbx_database_status.entry_id                        4FI5 
_pdbx_database_status.deposit_site                    RCSB 
_pdbx_database_status.process_site                    RCSB 
_pdbx_database_status.recvd_initial_deposition_date   2012-06-07 
_pdbx_database_status.status_code                     REL 
_pdbx_database_status.status_code_sf                  REL 
_pdbx_database_status.status_code_mr                  ? 
_pdbx_database_status.SG_entry                        Y 
_pdbx_database_status.status_code_cs                  ? 
_pdbx_database_status.methods_development_category    ? 
_pdbx_database_status.pdb_format_compatible           Y 
_pdbx_database_status.status_code_nmr_data            ? 
# 
_audit_author.name           'Seattle Structural Genomics Center for Infectious Disease (SSGCID)' 
_audit_author.pdbx_ordinal   1 
# 
_citation.id                        primary 
_citation.title                     'Crystal structure of the N-terminal domain of Hantaan virus strain 76-118 nucleoprotein' 
_citation.journal_abbrev            'TO BE PUBLISHED' 
_citation.journal_volume            ? 
_citation.page_first                ? 
_citation.page_last                 ? 
_citation.year                      ? 
_citation.journal_id_ASTM           ? 
_citation.country                   ? 
_citation.journal_id_ISSN           ? 
_citation.journal_id_CSD            0353 
_citation.book_publisher            ? 
_citation.pdbx_database_id_PubMed   ? 
_citation.pdbx_database_id_DOI      ? 
# 
loop_
_citation_author.citation_id 
_citation_author.name 
_citation_author.ordinal 
_citation_author.identifier_ORCID 
primary 'Edwards, T.E.'                                                      1 ? 
primary 'Abendroth, J.'                                                      2 ? 
primary 'Altamura, L.'                                                       3 ? 
primary 'Seattle Structural Genomics Center for Infectious Disease (SSGCID)' 4 ? 
# 
_cell.length_a           77.400 
_cell.length_b           77.400 
_cell.length_c           36.520 
_cell.angle_alpha        90.000 
_cell.angle_beta         90.000 
_cell.angle_gamma        120.000 
_cell.entry_id           4FI5 
_cell.pdbx_unique_axis   ? 
_cell.Z_PDB              6 
_cell.length_a_esd       ? 
_cell.length_b_esd       ? 
_cell.length_c_esd       ? 
_cell.angle_alpha_esd    ? 
_cell.angle_beta_esd     ? 
_cell.angle_gamma_esd    ? 
# 
_symmetry.space_group_name_H-M             'P 32 2 1' 
_symmetry.entry_id                         4FI5 
_symmetry.Int_Tables_number                154 
_symmetry.pdbx_full_space_group_name_H-M   ? 
_symmetry.cell_setting                     ? 
_symmetry.space_group_name_Hall            ? 
# 
loop_
_entity.id 
_entity.type 
_entity.src_method 
_entity.pdbx_description 
_entity.formula_weight 
_entity.pdbx_number_of_molecules 
_entity.pdbx_ec 
_entity.pdbx_mutation 
_entity.pdbx_fragment 
_entity.details 
1 polymer man Nucleoprotein 12829.333 1  ? ? 'unp residues 3-93' ? 
2 water   nat water         18.015    71 ? ? ?                   ? 
# 
_entity_name_com.entity_id   1 
_entity_name_com.name        'Nucleocapsid protein, Protein N' 
# 
_entity_poly.entity_id                      1 
_entity_poly.type                           'polypeptide(L)' 
_entity_poly.nstd_linkage                   no 
_entity_poly.nstd_monomer                   no 
_entity_poly.pdbx_seq_one_letter_code       
;MAHHHHHHMGTLEAQTQGPGSMTMEELQREINAHEGQLVIARQKVRDAEKQYEKDPDELNKRTLTDREGVAVSIQAKIDE
LKRQLADRIATGKNLGKEQDPTGVEPGDHLKER
;
_entity_poly.pdbx_seq_one_letter_code_can   
;MAHHHHHHMGTLEAQTQGPGSMTMEELQREINAHEGQLVIARQKVRDAEKQYEKDPDELNKRTLTDREGVAVSIQAKIDE
LKRQLADRIATGKNLGKEQDPTGVEPGDHLKER
;
_entity_poly.pdbx_strand_id                 A 
_entity_poly.pdbx_target_identifier         HahaA.17785.a 
# 
loop_
_entity_poly_seq.entity_id 
_entity_poly_seq.num 
_entity_poly_seq.mon_id 
_entity_poly_seq.hetero 
1 1   MET n 
1 2   ALA n 
1 3   HIS n 
1 4   HIS n 
1 5   HIS n 
1 6   HIS n 
1 7   HIS n 
1 8   HIS n 
1 9   MET n 
1 10  GLY n 
1 11  THR n 
1 12  LEU n 
1 13  GLU n 
1 14  ALA n 
1 15  GLN n 
1 16  THR n 
1 17  GLN n 
1 18  GLY n 
1 19  PRO n 
1 20  GLY n 
1 21  SER n 
1 22  MET n 
1 23  THR n 
1 24  MET n 
1 25  GLU n 
1 26  GLU n 
1 27  LEU n 
1 28  GLN n 
1 29  ARG n 
1 30  GLU n 
1 31  ILE n 
1 32  ASN n 
1 33  ALA n 
1 34  HIS n 
1 35  GLU n 
1 36  GLY n 
1 37  GLN n 
1 38  LEU n 
1 39  VAL n 
1 40  ILE n 
1 41  ALA n 
1 42  ARG n 
1 43  GLN n 
1 44  LYS n 
1 45  VAL n 
1 46  ARG n 
1 47  ASP n 
1 48  ALA n 
1 49  GLU n 
1 50  LYS n 
1 51  GLN n 
1 52  TYR n 
1 53  GLU n 
1 54  LYS n 
1 55  ASP n 
1 56  PRO n 
1 57  ASP n 
1 58  GLU n 
1 59  LEU n 
1 60  ASN n 
1 61  LYS n 
1 62  ARG n 
1 63  THR n 
1 64  LEU n 
1 65  THR n 
1 66  ASP n 
1 67  ARG n 
1 68  GLU n 
1 69  GLY n 
1 70  VAL n 
1 71  ALA n 
1 72  VAL n 
1 73  SER n 
1 74  ILE n 
1 75  GLN n 
1 76  ALA n 
1 77  LYS n 
1 78  ILE n 
1 79  ASP n 
1 80  GLU n 
1 81  LEU n 
1 82  LYS n 
1 83  ARG n 
1 84  GLN n 
1 85  LEU n 
1 86  ALA n 
1 87  ASP n 
1 88  ARG n 
1 89  ILE n 
1 90  ALA n 
1 91  THR n 
1 92  GLY n 
1 93  LYS n 
1 94  ASN n 
1 95  LEU n 
1 96  GLY n 
1 97  LYS n 
1 98  GLU n 
1 99  GLN n 
1 100 ASP n 
1 101 PRO n 
1 102 THR n 
1 103 GLY n 
1 104 VAL n 
1 105 GLU n 
1 106 PRO n 
1 107 GLY n 
1 108 ASP n 
1 109 HIS n 
1 110 LEU n 
1 111 LYS n 
1 112 GLU n 
1 113 ARG n 
# 
_entity_src_gen.entity_id                          1 
_entity_src_gen.pdbx_src_id                        1 
_entity_src_gen.pdbx_alt_source_flag               sample 
_entity_src_gen.pdbx_seq_type                      ? 
_entity_src_gen.pdbx_beg_seq_num                   ? 
_entity_src_gen.pdbx_end_seq_num                   ? 
_entity_src_gen.gene_src_common_name               ? 
_entity_src_gen.gene_src_genus                     ? 
_entity_src_gen.pdbx_gene_src_gene                 N 
_entity_src_gen.gene_src_species                   ? 
_entity_src_gen.gene_src_strain                    76-118 
_entity_src_gen.gene_src_tissue                    ? 
_entity_src_gen.gene_src_tissue_fraction           ? 
_entity_src_gen.gene_src_details                   ? 
_entity_src_gen.pdbx_gene_src_fragment             ? 
_entity_src_gen.pdbx_gene_src_scientific_name      'Hantaan virus' 
_entity_src_gen.pdbx_gene_src_ncbi_taxonomy_id     11602 
_entity_src_gen.pdbx_gene_src_variant              ? 
_entity_src_gen.pdbx_gene_src_cell_line            ? 
_entity_src_gen.pdbx_gene_src_atcc                 ? 
_entity_src_gen.pdbx_gene_src_organ                ? 
_entity_src_gen.pdbx_gene_src_organelle            ? 
_entity_src_gen.pdbx_gene_src_cell                 ? 
_entity_src_gen.pdbx_gene_src_cellular_location    ? 
_entity_src_gen.host_org_common_name               ? 
_entity_src_gen.pdbx_host_org_scientific_name      'Escherichia coli' 
_entity_src_gen.pdbx_host_org_ncbi_taxonomy_id     562 
_entity_src_gen.host_org_genus                     ? 
_entity_src_gen.pdbx_host_org_gene                 ? 
_entity_src_gen.pdbx_host_org_organ                ? 
_entity_src_gen.host_org_species                   ? 
_entity_src_gen.pdbx_host_org_tissue               ? 
_entity_src_gen.pdbx_host_org_tissue_fraction      ? 
_entity_src_gen.pdbx_host_org_strain               ? 
_entity_src_gen.pdbx_host_org_variant              ? 
_entity_src_gen.pdbx_host_org_cell_line            ? 
_entity_src_gen.pdbx_host_org_atcc                 ? 
_entity_src_gen.pdbx_host_org_culture_collection   ? 
_entity_src_gen.pdbx_host_org_cell                 ? 
_entity_src_gen.pdbx_host_org_organelle            ? 
_entity_src_gen.pdbx_host_org_cellular_location    ? 
_entity_src_gen.pdbx_host_org_vector_type          plasmid 
_entity_src_gen.pdbx_host_org_vector               ? 
_entity_src_gen.host_org_details                   ? 
_entity_src_gen.expression_system_id               ? 
_entity_src_gen.plasmid_name                       pAVA0421 
_entity_src_gen.plasmid_details                    ? 
_entity_src_gen.pdbx_description                   ? 
# 
_struct_ref.id                         1 
_struct_ref.db_name                    UNP 
_struct_ref.db_code                    NCAP_HANTV 
_struct_ref.pdbx_db_accession          P05133 
_struct_ref.entity_id                  1 
_struct_ref.pdbx_seq_one_letter_code   
;TMEELQREINAHEGQLVIARQKVRDAEKQYEKDPDELNKRTLTDREGVAVSIQAKIDELKRQLADRIATGKNLGKEQDPT
GVEPGDHLKER
;
_struct_ref.pdbx_align_begin           3 
_struct_ref.pdbx_db_isoform            ? 
# 
_struct_ref_seq.align_id                      1 
_struct_ref_seq.ref_id                        1 
_struct_ref_seq.pdbx_PDB_id_code              4FI5 
_struct_ref_seq.pdbx_strand_id                A 
_struct_ref_seq.seq_align_beg                 23 
_struct_ref_seq.pdbx_seq_align_beg_ins_code   ? 
_struct_ref_seq.seq_align_end                 113 
_struct_ref_seq.pdbx_seq_align_end_ins_code   ? 
_struct_ref_seq.pdbx_db_accession             P05133 
_struct_ref_seq.db_align_beg                  3 
_struct_ref_seq.pdbx_db_align_beg_ins_code    ? 
_struct_ref_seq.db_align_end                  93 
_struct_ref_seq.pdbx_db_align_end_ins_code    ? 
_struct_ref_seq.pdbx_auth_seq_align_beg       2 
_struct_ref_seq.pdbx_auth_seq_align_end       92 
# 
loop_
_struct_ref_seq_dif.align_id 
_struct_ref_seq_dif.pdbx_pdb_id_code 
_struct_ref_seq_dif.mon_id 
_struct_ref_seq_dif.pdbx_pdb_strand_id 
_struct_ref_seq_dif.seq_num 
_struct_ref_seq_dif.pdbx_pdb_ins_code 
_struct_ref_seq_dif.pdbx_seq_db_name 
_struct_ref_seq_dif.pdbx_seq_db_accession_code 
_struct_ref_seq_dif.db_mon_id 
_struct_ref_seq_dif.pdbx_seq_db_seq_num 
_struct_ref_seq_dif.details 
_struct_ref_seq_dif.pdbx_auth_seq_num 
_struct_ref_seq_dif.pdbx_ordinal 
1 4FI5 MET A 1  ? UNP P05133 ? ? 'initiating methionine' -20 1  
1 4FI5 ALA A 2  ? UNP P05133 ? ? 'expression tag'        -19 2  
1 4FI5 HIS A 3  ? UNP P05133 ? ? 'expression tag'        -18 3  
1 4FI5 HIS A 4  ? UNP P05133 ? ? 'expression tag'        -17 4  
1 4FI5 HIS A 5  ? UNP P05133 ? ? 'expression tag'        -16 5  
1 4FI5 HIS A 6  ? UNP P05133 ? ? 'expression tag'        -15 6  
1 4FI5 HIS A 7  ? UNP P05133 ? ? 'expression tag'        -14 7  
1 4FI5 HIS A 8  ? UNP P05133 ? ? 'expression tag'        -13 8  
1 4FI5 MET A 9  ? UNP P05133 ? ? 'expression tag'        -12 9  
1 4FI5 GLY A 10 ? UNP P05133 ? ? 'expression tag'        -11 10 
1 4FI5 THR A 11 ? UNP P05133 ? ? 'expression tag'        -10 11 
1 4FI5 LEU A 12 ? UNP P05133 ? ? 'expression tag'        -9  12 
1 4FI5 GLU A 13 ? UNP P05133 ? ? 'expression tag'        -8  13 
1 4FI5 ALA A 14 ? UNP P05133 ? ? 'expression tag'        -7  14 
1 4FI5 GLN A 15 ? UNP P05133 ? ? 'expression tag'        -6  15 
1 4FI5 THR A 16 ? UNP P05133 ? ? 'expression tag'        -5  16 
1 4FI5 GLN A 17 ? UNP P05133 ? ? 'expression tag'        -4  17 
1 4FI5 GLY A 18 ? UNP P05133 ? ? 'expression tag'        -3  18 
1 4FI5 PRO A 19 ? UNP P05133 ? ? 'expression tag'        -2  19 
1 4FI5 GLY A 20 ? UNP P05133 ? ? 'expression tag'        -1  20 
1 4FI5 SER A 21 ? UNP P05133 ? ? 'expression tag'        0   21 
1 4FI5 MET A 22 ? UNP P05133 ? ? 'expression tag'        1   22 
# 
loop_
_chem_comp.id 
_chem_comp.type 
_chem_comp.mon_nstd_flag 
_chem_comp.name 
_chem_comp.pdbx_synonyms 
_chem_comp.formula 
_chem_comp.formula_weight 
ALA 'L-peptide linking' y ALANINE         ? 'C3 H7 N O2'     89.093  
ARG 'L-peptide linking' y ARGININE        ? 'C6 H15 N4 O2 1' 175.209 
ASN 'L-peptide linking' y ASPARAGINE      ? 'C4 H8 N2 O3'    132.118 
ASP 'L-peptide linking' y 'ASPARTIC ACID' ? 'C4 H7 N O4'     133.103 
GLN 'L-peptide linking' y GLUTAMINE       ? 'C5 H10 N2 O3'   146.144 
GLU 'L-peptide linking' y 'GLUTAMIC ACID' ? 'C5 H9 N O4'     147.129 
GLY 'peptide linking'   y GLYCINE         ? 'C2 H5 N O2'     75.067  
HIS 'L-peptide linking' y HISTIDINE       ? 'C6 H10 N3 O2 1' 156.162 
HOH non-polymer         . WATER           ? 'H2 O'           18.015  
ILE 'L-peptide linking' y ISOLEUCINE      ? 'C6 H13 N O2'    131.173 
LEU 'L-peptide linking' y LEUCINE         ? 'C6 H13 N O2'    131.173 
LYS 'L-peptide linking' y LYSINE          ? 'C6 H15 N2 O2 1' 147.195 
MET 'L-peptide linking' y METHIONINE      ? 'C5 H11 N O2 S'  149.211 
PRO 'L-peptide linking' y PROLINE         ? 'C5 H9 N O2'     115.130 
SER 'L-peptide linking' y SERINE          ? 'C3 H7 N O3'     105.093 
THR 'L-peptide linking' y THREONINE       ? 'C4 H9 N O3'     119.119 
TYR 'L-peptide linking' y TYROSINE        ? 'C9 H11 N O3'    181.189 
VAL 'L-peptide linking' y VALINE          ? 'C5 H11 N O2'    117.146 
# 
_exptl.crystals_number   1 
_exptl.entry_id          4FI5 
_exptl.method            'X-RAY DIFFRACTION' 
# 
_exptl_crystal.id                    1 
_exptl_crystal.density_Matthews      2.46 
_exptl_crystal.density_meas          ? 
_exptl_crystal.density_percent_sol   50.03 
_exptl_crystal.description           ? 
_exptl_crystal.F_000                 ? 
_exptl_crystal.preparation           ? 
# 
_exptl_crystal_grow.crystal_id      1 
_exptl_crystal_grow.method          'VAPOR DIFFUSION, SITTING DROP' 
_exptl_crystal_grow.pH              7.5 
_exptl_crystal_grow.temp            289 
_exptl_crystal_grow.temp_details    ? 
_exptl_crystal_grow.pdbx_details    
;HahaA.17785.a.A16.PS01490 at 20 mg/mL against Morpheus screen condition g8, 12.5% PEG1000, 12.5% PEG3350, 12.5% MPD, 20 mM Na-formate, 20 mM Na-citrate, 20 mM Ammonium acetate, 20 mM NaK tartrate, 100 mM MOPS/HEPES-Na pH 7.5, crystal tracking ID 234641g8, puck ID hky1-5, VAPOR DIFFUSION, SITTING DROP, temperature 289K
;
_exptl_crystal_grow.pdbx_pH_range   ? 
# 
_diffrn.id                     1 
_diffrn.ambient_temp           100 
_diffrn.ambient_temp_details   ? 
_diffrn.crystal_id             1 
# 
_diffrn_detector.diffrn_id              1 
_diffrn_detector.detector               CCD 
_diffrn_detector.type                   'ADSC QUANTUM 315r' 
_diffrn_detector.pdbx_collection_date   2012-05-31 
_diffrn_detector.details                ? 
# 
_diffrn_radiation.diffrn_id                        1 
_diffrn_radiation.wavelength_id                    1 
_diffrn_radiation.pdbx_diffrn_protocol             'SINGLE WAVELENGTH' 
_diffrn_radiation.monochromator                    ? 
_diffrn_radiation.pdbx_monochromatic_or_laue_m_l   M 
_diffrn_radiation.pdbx_scattering_type             x-ray 
# 
_diffrn_radiation_wavelength.id           1 
_diffrn_radiation_wavelength.wavelength   1.003317 
_diffrn_radiation_wavelength.wt           1.0 
# 
_diffrn_source.diffrn_id                   1 
_diffrn_source.source                      SYNCHROTRON 
_diffrn_source.type                        'SSRL BEAMLINE BL7-1' 
_diffrn_source.pdbx_wavelength             ? 
_diffrn_source.pdbx_wavelength_list        1.003317 
_diffrn_source.pdbx_synchrotron_site       SSRL 
_diffrn_source.pdbx_synchrotron_beamline   BL7-1 
# 
_reflns.entry_id                     4FI5 
_reflns.d_resolution_high            2.200 
_reflns.number_obs                   6604 
_reflns.pdbx_Rmerge_I_obs            0.078 
_reflns.pdbx_netI_over_sigmaI        21.380 
_reflns.percent_possible_obs         99.800 
_reflns.B_iso_Wilson_estimate        37.089 
_reflns.observed_criterion_sigma_I   -3.000 
_reflns.observed_criterion_sigma_F   ? 
_reflns.d_resolution_low             50 
_reflns.number_all                   6619 
_reflns.pdbx_Rsym_value              ? 
_reflns.pdbx_redundancy              7.3 
_reflns.R_free_details               ? 
_reflns.limit_h_max                  ? 
_reflns.limit_h_min                  ? 
_reflns.limit_k_max                  ? 
_reflns.limit_k_min                  ? 
_reflns.limit_l_max                  ? 
_reflns.limit_l_min                  ? 
_reflns.observed_criterion_F_max     ? 
_reflns.observed_criterion_F_min     ? 
_reflns.pdbx_chi_squared             ? 
_reflns.pdbx_scaling_rejects         ? 
_reflns.pdbx_ordinal                 1 
_reflns.pdbx_diffrn_id               1 
# 
loop_
_reflns_shell.d_res_high 
_reflns_shell.d_res_low 
_reflns_shell.number_measured_obs 
_reflns_shell.number_measured_all 
_reflns_shell.number_unique_obs 
_reflns_shell.Rmerge_I_obs 
_reflns_shell.meanI_over_sigI_obs 
_reflns_shell.pdbx_Rsym_value 
_reflns_shell.pdbx_chi_squared 
_reflns_shell.pdbx_redundancy 
_reflns_shell.percent_possible_obs 
_reflns_shell.number_unique_all 
_reflns_shell.percent_possible_all 
_reflns_shell.pdbx_ordinal 
_reflns_shell.pdbx_diffrn_id 
2.200 2.260 3560 ? 483 0.579 3.900  ? ? ? ? ? 100.000 1  1 
2.260 2.320 3387 ? 461 0.469 4.940  ? ? ? ? ? 100.000 2  1 
2.320 2.390 3334 ? 452 0.418 5.370  ? ? ? ? ? 100.000 3  1 
2.390 2.460 3241 ? 438 0.338 6.750  ? ? ? ? ? 100.000 4  1 
2.460 2.540 3297 ? 449 0.305 7.330  ? ? ? ? ? 100.000 5  1 
2.540 2.630 3053 ? 417 0.223 9.350  ? ? ? ? ? 100.000 6  1 
2.630 2.730 2905 ? 396 0.219 9.940  ? ? ? ? ? 100.000 7  1 
2.730 2.840 2879 ? 390 0.147 13.980 ? ? ? ? ? 100.000 8  1 
2.840 2.970 2756 ? 374 0.121 16.460 ? ? ? ? ? 100.000 9  1 
2.970 3.110 2622 ? 359 0.087 21.940 ? ? ? ? ? 100.000 10 1 
3.110 3.280 2452 ? 333 0.076 25.360 ? ? ? ? ? 100.000 11 1 
3.280 3.480 2356 ? 327 0.060 30.970 ? ? ? ? ? 99.700  12 1 
3.480 3.720 2269 ? 310 0.044 40.190 ? ? ? ? ? 100.000 13 1 
3.720 4.020 2014 ? 280 0.035 48.030 ? ? ? ? ? 100.000 14 1 
4.020 4.400 1868 ? 261 0.032 51.680 ? ? ? ? ? 100.000 15 1 
4.400 4.920 1683 ? 243 0.035 47.700 ? ? ? ? ? 100.000 16 1 
4.920 5.680 1505 ? 219 0.036 41.950 ? ? ? ? ? 100.000 17 1 
5.680 6.960 1276 ? 187 0.039 40.440 ? ? ? ? ? 99.500  18 1 
6.960 9.840 991  ? 145 0.022 62.970 ? ? ? ? ? 100.000 19 1 
9.840 ?     494  ? 80  0.017 69.870 ? ? ? ? ? 86.000  20 1 
# 
_refine.entry_id                                 4FI5 
_refine.ls_d_res_high                            2.2000 
_refine.ls_d_res_low                             50.0000 
_refine.pdbx_ls_sigma_F                          0.000 
_refine.pdbx_data_cutoff_high_absF               ? 
_refine.pdbx_data_cutoff_low_absF                ? 
_refine.ls_percent_reflns_obs                    99.7600 
_refine.ls_number_reflns_obs                     6594 
_refine.ls_number_reflns_all                     ? 
_refine.pdbx_ls_cross_valid_method               THROUGHOUT 
_refine.pdbx_R_Free_selection_details            RANDOM 
_refine.details                                  'U VALUES      : WITH TLS ADDED HYDROGENS HAVE BEEN ADDED IN THE RIDING POSITIONS' 
_refine.ls_R_factor_all                          ? 
_refine.ls_R_factor_obs                          0.1957 
_refine.ls_R_factor_R_work                       0.1915 
_refine.ls_wR_factor_R_work                      0.1708 
_refine.ls_R_factor_R_free                       0.2354 
_refine.ls_wR_factor_R_free                      0.2087 
_refine.ls_percent_reflns_R_free                 9.8000 
_refine.ls_number_reflns_R_free                  645 
_refine.ls_R_factor_R_free_error                 ? 
_refine.B_iso_mean                               35.4455 
_refine.solvent_model_param_bsol                 ? 
_refine.solvent_model_param_ksol                 ? 
_refine.pdbx_isotropic_thermal_model             ? 
_refine.aniso_B[1][1]                            2.1500 
_refine.aniso_B[2][2]                            2.1500 
_refine.aniso_B[3][3]                            -3.2300 
_refine.aniso_B[1][2]                            1.0800 
_refine.aniso_B[1][3]                            -0.0000 
_refine.aniso_B[2][3]                            -0.0000 
_refine.correlation_coeff_Fo_to_Fc               0.9520 
_refine.correlation_coeff_Fo_to_Fc_free          0.9320 
_refine.overall_SU_R_Cruickshank_DPI             0.1910 
_refine.overall_SU_R_free                        0.1766 
_refine.pdbx_overall_ESU_R                       0.1910 
_refine.pdbx_overall_ESU_R_Free                  0.1770 
_refine.overall_SU_ML                            0.1100 
_refine.overall_SU_B                             7.9620 
_refine.solvent_model_details                    MASK 
_refine.pdbx_solvent_vdw_probe_radii             1.2000 
_refine.pdbx_solvent_ion_probe_radii             0.8000 
_refine.pdbx_solvent_shrinkage_radii             0.8000 
_refine.ls_number_parameters                     ? 
_refine.ls_number_restraints                     ? 
_refine.pdbx_starting_model                      'pdb ID 2ic9' 
_refine.pdbx_method_to_determine_struct          'MOLECULAR REPLACEMENT' 
_refine.pdbx_stereochemistry_target_values       'MAXIMUM LIKELIHOOD' 
_refine.pdbx_stereochem_target_val_spec_case     ? 
_refine.overall_FOM_work_R_set                   0.8625 
_refine.B_iso_max                                73.230 
_refine.B_iso_min                                18.610 
_refine.pdbx_overall_phase_error                 ? 
_refine.occupancy_max                            1.000 
_refine.occupancy_min                            0.500 
_refine.pdbx_ls_sigma_I                          ? 
_refine.ls_redundancy_reflns_obs                 ? 
_refine.ls_R_factor_R_free_error_details         ? 
_refine.pdbx_data_cutoff_high_rms_absF           ? 
_refine.overall_FOM_free_R_set                   ? 
_refine.pdbx_diffrn_id                           1 
_refine.pdbx_refine_id                           'X-RAY DIFFRACTION' 
_refine.pdbx_TLS_residual_ADP_flag               ? 
_refine.pdbx_overall_SU_R_free_Cruickshank_DPI   ? 
_refine.pdbx_overall_SU_R_Blow_DPI               ? 
_refine.pdbx_overall_SU_R_free_Blow_DPI          ? 
# 
_refine_hist.pdbx_refine_id                   'X-RAY DIFFRACTION' 
_refine_hist.cycle_id                         LAST 
_refine_hist.pdbx_number_atoms_protein        566 
_refine_hist.pdbx_number_atoms_nucleic_acid   0 
_refine_hist.pdbx_number_atoms_ligand         0 
_refine_hist.number_atoms_solvent             71 
_refine_hist.number_atoms_total               637 
_refine_hist.d_res_high                       2.2000 
_refine_hist.d_res_low                        50.0000 
# 
loop_
_refine_ls_restr.type 
_refine_ls_restr.number 
_refine_ls_restr.dev_ideal 
_refine_ls_restr.dev_ideal_target 
_refine_ls_restr.weight 
_refine_ls_restr.pdbx_restraint_function 
_refine_ls_restr.pdbx_refine_id 
r_bond_refined_d       577 0.014  0.019  ? ? 'X-RAY DIFFRACTION' 
r_bond_other_d         408 0.002  0.020  ? ? 'X-RAY DIFFRACTION' 
r_angle_refined_deg    775 1.513  1.973  ? ? 'X-RAY DIFFRACTION' 
r_angle_other_deg      992 0.951  3.000  ? ? 'X-RAY DIFFRACTION' 
r_dihedral_angle_1_deg 72  5.121  5.000  ? ? 'X-RAY DIFFRACTION' 
r_dihedral_angle_2_deg 33  29.060 24.545 ? ? 'X-RAY DIFFRACTION' 
r_dihedral_angle_3_deg 118 16.035 15.000 ? ? 'X-RAY DIFFRACTION' 
r_dihedral_angle_4_deg 8   20.423 15.000 ? ? 'X-RAY DIFFRACTION' 
r_chiral_restr         89  0.078  0.200  ? ? 'X-RAY DIFFRACTION' 
r_gen_planes_refined   644 0.006  0.020  ? ? 'X-RAY DIFFRACTION' 
r_gen_planes_other     108 0.001  0.020  ? ? 'X-RAY DIFFRACTION' 
# 
_refine_ls_shell.d_res_high                       2.2000 
_refine_ls_shell.d_res_low                        2.2570 
_refine_ls_shell.pdbx_total_number_of_bins_used   20 
_refine_ls_shell.percent_reflns_obs               99.5500 
_refine_ls_shell.number_reflns_R_work             388 
_refine_ls_shell.R_factor_all                     ? 
_refine_ls_shell.R_factor_R_work                  0.2440 
_refine_ls_shell.R_factor_R_free                  0.2940 
_refine_ls_shell.percent_reflns_R_free            ? 
_refine_ls_shell.number_reflns_R_free             52 
_refine_ls_shell.R_factor_R_free_error            ? 
_refine_ls_shell.number_reflns_all                440 
_refine_ls_shell.number_reflns_obs                ? 
_refine_ls_shell.redundancy_reflns_obs            ? 
_refine_ls_shell.pdbx_refine_id                   'X-RAY DIFFRACTION' 
# 
_struct.entry_id                  4FI5 
_struct.title                     'Crystal structure of the N-terminal domain of Hantaan virus strain 76-118 nucleoprotein' 
_struct.pdbx_model_details        ? 
_struct.pdbx_CASP_flag            ? 
_struct.pdbx_model_type_details   ? 
# 
_struct_keywords.entry_id        4FI5 
_struct_keywords.pdbx_keywords   'VIRAL PROTEIN' 
_struct_keywords.text            
;Structural Genomics, NIAID, National Institute of Allergy and Infectious Diseases, Seattle Structural Genomics Center for Infectious Disease, SSGCID, Korean hemorrhagic fever virus, Hantaan virus, Hantavirus, NP, nucleoprotein, antibody epitope, N-terminal domain, ssRNA negative strand virus, Bunyaviridae, human host, Eurasian field mouse host, virion, VIRAL PROTEIN
;
# 
loop_
_struct_asym.id 
_struct_asym.pdbx_blank_PDB_chainid_flag 
_struct_asym.pdbx_modified 
_struct_asym.entity_id 
_struct_asym.details 
A N N 1 ? 
B N N 2 ? 
# 
_struct_biol.id        1 
_struct_biol.details   ? 
# 
loop_
_struct_conf.conf_type_id 
_struct_conf.id 
_struct_conf.pdbx_PDB_helix_id 
_struct_conf.beg_label_comp_id 
_struct_conf.beg_label_asym_id 
_struct_conf.beg_label_seq_id 
_struct_conf.pdbx_beg_PDB_ins_code 
_struct_conf.end_label_comp_id 
_struct_conf.end_label_asym_id 
_struct_conf.end_label_seq_id 
_struct_conf.pdbx_end_PDB_ins_code 
_struct_conf.beg_auth_comp_id 
_struct_conf.beg_auth_asym_id 
_struct_conf.beg_auth_seq_id 
_struct_conf.end_auth_comp_id 
_struct_conf.end_auth_asym_id 
_struct_conf.end_auth_seq_id 
_struct_conf.pdbx_PDB_helix_class 
_struct_conf.details 
_struct_conf.pdbx_PDB_helix_length 
HELX_P HELX_P1 1 THR A 23 ? ASP A 55 ? THR A 2  ASP A 34 1 ? 33 
HELX_P HELX_P2 2 ASP A 57 ? THR A 91 ? ASP A 36 THR A 70 1 ? 35 
# 
_struct_conf_type.id          HELX_P 
_struct_conf_type.criteria    ? 
_struct_conf_type.reference   ? 
# 
_atom_sites.entry_id                    4FI5 
_atom_sites.fract_transf_matrix[1][1]   -0.00437242 
_atom_sites.fract_transf_matrix[1][2]   -0.00080553 
_atom_sites.fract_transf_matrix[1][3]   -0.01424065 
_atom_sites.fract_transf_matrix[2][1]   0.00222384 
_atom_sites.fract_transf_matrix[2][2]   0.01157061 
_atom_sites.fract_transf_matrix[2][3]   -0.00915161 
_atom_sites.fract_transf_matrix[3][1]   0.02445442 
_atom_sites.fract_transf_matrix[3][2]   -0.01018318 
_atom_sites.fract_transf_matrix[3][3]   -0.00693242 
_atom_sites.fract_transf_vector[1]      0.483454 
_atom_sites.fract_transf_vector[2]      0.191050 
_atom_sites.fract_transf_vector[3]      -0.004525 
# 
loop_
_atom_type.symbol 
C 
N 
O 
S 
# 
loop_
_atom_site.group_PDB 
_atom_site.id 
_atom_site.type_symbol 
_atom_site.label_atom_id 
_atom_site.label_alt_id 
_atom_site.label_comp_id 
_atom_site.label_asym_id 
_atom_site.label_entity_id 
_atom_site.label_seq_id 
_atom_site.pdbx_PDB_ins_code 
_atom_site.Cartn_x 
_atom_site.Cartn_y 
_atom_site.Cartn_z 
_atom_site.occupancy 
_atom_site.B_iso_or_equiv 
_atom_site.pdbx_formal_charge 
_atom_site.auth_seq_id 
_atom_site.auth_comp_id 
_atom_site.auth_asym_id 
_atom_site.auth_atom_id 
_atom_site.pdbx_PDB_model_num 
ATOM   1   N N   . SER A 1 21 ? 22.325  1.425  3.035   1.00 64.08 ? 0   SER A N   1 
ATOM   2   C CA  . SER A 1 21 ? 22.593  0.013  3.460   1.00 67.09 ? 0   SER A CA  1 
ATOM   3   C C   . SER A 1 21 ? 21.873  -1.045 2.586   1.00 63.14 ? 0   SER A C   1 
ATOM   4   O O   . SER A 1 21 ? 21.830  -2.227 2.943   1.00 71.37 ? 0   SER A O   1 
ATOM   5   C CB  . SER A 1 21 ? 22.181  -0.175 4.920   1.00 65.07 ? 0   SER A CB  1 
ATOM   6   O OG  . SER A 1 21 ? 20.786  0.026  5.072   1.00 64.91 ? 0   SER A OG  1 
ATOM   7   N N   . MET A 1 22 ? 21.278  -0.611 1.480   1.00 50.46 ? 1   MET A N   1 
ATOM   8   C CA  . MET A 1 22 ? 20.707  -1.512 0.481   1.00 44.31 ? 1   MET A CA  1 
ATOM   9   C C   . MET A 1 22 ? 21.464  -1.320 -0.808  1.00 41.03 ? 1   MET A C   1 
ATOM   10  O O   . MET A 1 22 ? 21.778  -0.181 -1.176  1.00 38.42 ? 1   MET A O   1 
ATOM   11  C CB  . MET A 1 22 ? 19.230  -1.182 0.225   1.00 42.52 ? 1   MET A CB  1 
ATOM   12  C CG  . MET A 1 22 ? 18.287  -1.807 1.222   1.00 42.88 ? 1   MET A CG  1 
ATOM   13  S SD  . MET A 1 22 ? 16.569  -1.688 0.705   1.00 43.17 ? 1   MET A SD  1 
ATOM   14  C CE  . MET A 1 22 ? 16.254  0.060  1.069   1.00 48.43 ? 1   MET A CE  1 
ATOM   15  N N   . THR A 1 23 ? 21.774  -2.414 -1.499  1.00 37.29 ? 2   THR A N   1 
ATOM   16  C CA  . THR A 1 23 ? 22.202  -2.284 -2.884  1.00 34.82 ? 2   THR A CA  1 
ATOM   17  C C   . THR A 1 23 ? 21.052  -1.799 -3.761  1.00 31.89 ? 2   THR A C   1 
ATOM   18  O O   . THR A 1 23 ? 19.895  -1.757 -3.338  1.00 31.76 ? 2   THR A O   1 
ATOM   19  C CB  . THR A 1 23 ? 22.708  -3.610 -3.435  1.00 34.53 ? 2   THR A CB  1 
ATOM   20  O OG1 . THR A 1 23 ? 21.641  -4.564 -3.417  1.00 32.99 ? 2   THR A OG1 1 
ATOM   21  C CG2 . THR A 1 23 ? 23.922  -4.114 -2.567  1.00 34.43 ? 2   THR A CG2 1 
ATOM   22  N N   . MET A 1 24 ? 21.373  -1.456 -4.995  1.00 31.49 ? 3   MET A N   1 
ATOM   23  C CA  . MET A 1 24 ? 20.364  -1.057 -5.945  1.00 35.39 ? 3   MET A CA  1 
ATOM   24  C C   . MET A 1 24 ? 19.349  -2.190 -6.204  1.00 32.44 ? 3   MET A C   1 
ATOM   25  O O   . MET A 1 24 ? 18.155  -1.956 -6.286  1.00 30.33 ? 3   MET A O   1 
ATOM   26  C CB  . MET A 1 24 ? 21.029  -0.701 -7.261  1.00 39.31 ? 3   MET A CB  1 
ATOM   27  C CG  . MET A 1 24 ? 20.346  0.442  -7.956  1.00 47.75 ? 3   MET A CG  1 
ATOM   28  S SD  . MET A 1 24 ? 20.731  1.976  -7.084  1.00 60.76 ? 3   MET A SD  1 
ATOM   29  C CE  . MET A 1 24 ? 19.993  3.113  -8.262  1.00 58.73 ? 3   MET A CE  1 
ATOM   30  N N   . GLU A 1 25 ? 19.865  -3.404 -6.371  1.00 30.30 ? 4   GLU A N   1 
ATOM   31  C CA  . GLU A 1 25 ? 19.054  -4.586 -6.567  1.00 31.91 ? 4   GLU A CA  1 
ATOM   32  C C   . GLU A 1 25 ? 18.115  -4.803 -5.376  1.00 31.26 ? 4   GLU A C   1 
ATOM   33  O O   . GLU A 1 25 ? 16.957  -5.130 -5.568  1.00 29.69 ? 4   GLU A O   1 
ATOM   34  C CB  . GLU A 1 25 ? 19.923  -5.803 -6.724  1.00 34.70 ? 4   GLU A CB  1 
ATOM   35  C CG  . GLU A 1 25 ? 20.646  -5.853 -8.044  1.00 37.67 ? 4   GLU A CG  1 
ATOM   36  C CD  . GLU A 1 25 ? 21.964  -5.086 -8.048  1.00 41.26 ? 4   GLU A CD  1 
ATOM   37  O OE1 . GLU A 1 25 ? 22.460  -4.647 -6.981  1.00 40.21 ? 4   GLU A OE1 1 
ATOM   38  O OE2 . GLU A 1 25 ? 22.497  -4.928 -9.158  1.00 49.08 ? 4   GLU A OE2 1 
ATOM   39  N N   . GLU A 1 26 ? 18.620  -4.615 -4.165  1.00 29.15 ? 5   GLU A N   1 
ATOM   40  C CA  . GLU A 1 26 ? 17.774  -4.740 -2.994  1.00 31.86 ? 5   GLU A CA  1 
ATOM   41  C C   . GLU A 1 26 ? 16.682  -3.674 -2.997  1.00 33.02 ? 5   GLU A C   1 
ATOM   42  O O   . GLU A 1 26 ? 15.542  -3.963 -2.698  1.00 32.34 ? 5   GLU A O   1 
ATOM   43  C CB  . GLU A 1 26 ? 18.594  -4.591 -1.726  1.00 32.67 ? 5   GLU A CB  1 
ATOM   44  C CG  . GLU A 1 26 ? 19.312  -5.845 -1.270  1.00 32.91 ? 5   GLU A CG  1 
ATOM   45  C CD  . GLU A 1 26 ? 20.074  -5.592 0.000   1.00 32.88 ? 5   GLU A CD  1 
ATOM   46  O OE1 . GLU A 1 26 ? 20.958  -4.725 -0.008  1.00 34.57 ? 5   GLU A OE1 1 
ATOM   47  O OE2 . GLU A 1 26 ? 19.774  -6.240 1.011   1.00 35.36 ? 5   GLU A OE2 1 
ATOM   48  N N   . LEU A 1 27 ? 17.037  -2.448 -3.355  1.00 32.71 ? 6   LEU A N   1 
ATOM   49  C CA  . LEU A 1 27 ? 16.066  -1.363 -3.396  1.00 31.40 ? 6   LEU A CA  1 
ATOM   50  C C   . LEU A 1 27 ? 14.958  -1.664 -4.392  1.00 29.78 ? 6   LEU A C   1 
ATOM   51  O O   . LEU A 1 27 ? 13.773  -1.487 -4.063  1.00 29.60 ? 6   LEU A O   1 
ATOM   52  C CB  . LEU A 1 27 ? 16.771  -0.037 -3.720  1.00 31.97 ? 6   LEU A CB  1 
ATOM   53  C CG  . LEU A 1 27 ? 16.095  1.305  -3.438  1.00 34.50 ? 6   LEU A CG  1 
ATOM   54  C CD1 . LEU A 1 27 ? 15.332  1.304  -2.115  1.00 31.80 ? 6   LEU A CD1 1 
ATOM   55  C CD2 . LEU A 1 27 ? 17.149  2.435  -3.473  1.00 34.92 ? 6   LEU A CD2 1 
ATOM   56  N N   . GLN A 1 28 ? 15.322  -2.101 -5.604  1.00 27.08 ? 7   GLN A N   1 
ATOM   57  C CA  . GLN A 1 28 ? 14.315  -2.471 -6.604  1.00 28.09 ? 7   GLN A CA  1 
ATOM   58  C C   . GLN A 1 28 ? 13.408  -3.622 -6.121  1.00 28.32 ? 7   GLN A C   1 
ATOM   59  O O   . GLN A 1 28 ? 12.188  -3.588 -6.315  1.00 25.29 ? 7   GLN A O   1 
ATOM   60  C CB  . GLN A 1 28 ? 14.964  -2.872 -7.919  1.00 29.02 ? 7   GLN A CB  1 
ATOM   61  C CG  . GLN A 1 28 ? 13.954  -3.079 -9.027  1.00 33.01 ? 7   GLN A CG  1 
ATOM   62  C CD  . GLN A 1 28 ? 13.248  -1.759 -9.431  1.00 35.03 ? 7   GLN A CD  1 
ATOM   63  O OE1 . GLN A 1 28 ? 13.908  -0.842 -9.919  1.00 39.06 ? 7   GLN A OE1 1 
ATOM   64  N NE2 . GLN A 1 28 ? 11.925  -1.666 -9.228  1.00 33.12 ? 7   GLN A NE2 1 
ATOM   65  N N   . ARG A 1 29 ? 13.997  -4.639 -5.486  1.00 25.82 ? 8   ARG A N   1 
ATOM   66  C CA  . ARG A 1 29 ? 13.149  -5.727 -4.931  1.00 26.93 ? 8   ARG A CA  1 
ATOM   67  C C   . ARG A 1 29 ? 12.206  -5.189 -3.888  1.00 25.73 ? 8   ARG A C   1 
ATOM   68  O O   . ARG A 1 29 ? 11.099  -5.600 -3.800  1.00 24.24 ? 8   ARG A O   1 
ATOM   69  C CB  . ARG A 1 29 ? 13.975  -6.855 -4.334  1.00 26.41 ? 8   ARG A CB  1 
ATOM   70  C CG  . ARG A 1 29 ? 14.595  -7.723 -5.405  1.00 27.35 ? 8   ARG A CG  1 
ATOM   71  C CD  . ARG A 1 29 ? 15.201  -8.958 -4.759  1.00 28.72 ? 8   ARG A CD  1 
ATOM   72  N NE  . ARG A 1 29 ? 16.460  -8.739 -4.040  1.00 27.67 ? 8   ARG A NE  1 
ATOM   73  C CZ  . ARG A 1 29 ? 17.660  -8.703 -4.604  1.00 27.59 ? 8   ARG A CZ  1 
ATOM   74  N NH1 . ARG A 1 29 ? 17.776  -8.749 -5.909  1.00 28.09 ? 8   ARG A NH1 1 
ATOM   75  N NH2 . ARG A 1 29 ? 18.750  -8.552 -3.867  1.00 27.91 ? 8   ARG A NH2 1 
ATOM   76  N N   . GLU A 1 30 ? 12.653  -4.225 -3.122  1.00 27.51 ? 9   GLU A N   1 
ATOM   77  C CA  . GLU A 1 30 ? 11.819  -3.674 -2.053  1.00 30.87 ? 9   GLU A CA  1 
ATOM   78  C C   . GLU A 1 30 ? 10.654  -2.833 -2.648  1.00 29.11 ? 9   GLU A C   1 
ATOM   79  O O   . GLU A 1 30 ? 9.503   -2.908 -2.183  1.00 28.09 ? 9   GLU A O   1 
ATOM   80  C CB  . GLU A 1 30 ? 12.700  -2.831 -1.128  1.00 33.24 ? 9   GLU A CB  1 
ATOM   81  C CG  . GLU A 1 30 ? 12.229  -2.755 0.296   1.00 39.39 ? 9   GLU A CG  1 
ATOM   82  C CD  . GLU A 1 30 ? 12.143  -4.112 0.987   1.00 42.38 ? 9   GLU A CD  1 
ATOM   83  O OE1 . GLU A 1 30 ? 12.772  -5.117 0.549   1.00 42.35 ? 9   GLU A OE1 1 
ATOM   84  O OE2 . GLU A 1 30 ? 11.409  -4.150 1.987   1.00 45.82 ? 9   GLU A OE2 1 
ATOM   85  N N   . ILE A 1 31 ? 10.962  -2.070 -3.696  1.00 26.65 ? 10  ILE A N   1 
ATOM   86  C CA  . ILE A 1 31 ? 9.936   -1.360 -4.449  1.00 26.85 ? 10  ILE A CA  1 
ATOM   87  C C   . ILE A 1 31 ? 8.941   -2.364 -5.032  1.00 26.90 ? 10  ILE A C   1 
ATOM   88  O O   . ILE A 1 31 ? 7.744   -2.204 -4.873  1.00 24.53 ? 10  ILE A O   1 
ATOM   89  C CB  . ILE A 1 31 ? 10.528  -0.474 -5.577  1.00 25.28 ? 10  ILE A CB  1 
ATOM   90  C CG1 . ILE A 1 31 ? 11.235  0.740  -4.963  1.00 25.83 ? 10  ILE A CG1 1 
ATOM   91  C CG2 . ILE A 1 31 ? 9.428   -0.092 -6.574  1.00 24.85 ? 10  ILE A CG2 1 
ATOM   92  C CD1 . ILE A 1 31 ? 12.410  1.322  -5.771  1.00 23.30 ? 10  ILE A CD1 1 
ATOM   93  N N   . ASN A 1 32 ? 9.438   -3.399 -5.706  1.00 27.18 ? 11  ASN A N   1 
ATOM   94  C CA  . ASN A 1 32 ? 8.544   -4.376 -6.345  1.00 28.50 ? 11  ASN A CA  1 
ATOM   95  C C   . ASN A 1 32 ? 7.670   -5.110 -5.302  1.00 27.81 ? 11  ASN A C   1 
ATOM   96  O O   . ASN A 1 32 ? 6.483   -5.335 -5.546  1.00 26.74 ? 11  ASN A O   1 
ATOM   97  C CB  . ASN A 1 32 ? 9.303   -5.418 -7.184  1.00 30.01 ? 11  ASN A CB  1 
ATOM   98  C CG  . ASN A 1 32 ? 10.127  -4.803 -8.295  1.00 33.79 ? 11  ASN A CG  1 
ATOM   99  O OD1 . ASN A 1 32 ? 9.960   -3.623 -8.659  1.00 37.36 ? 11  ASN A OD1 1 
ATOM   100 N ND2 . ASN A 1 32 ? 11.073  -5.584 -8.809  1.00 34.44 ? 11  ASN A ND2 1 
ATOM   101 N N   . ALA A 1 33 ? 8.249   -5.477 -4.161  1.00 25.61 ? 12  ALA A N   1 
ATOM   102 C CA  . ALA A 1 33 ? 7.472   -6.123 -3.103  1.00 26.83 ? 12  ALA A CA  1 
ATOM   103 C C   . ALA A 1 33 ? 6.331   -5.203 -2.608  1.00 25.80 ? 12  ALA A C   1 
ATOM   104 O O   . ALA A 1 33 ? 5.174   -5.625 -2.489  1.00 26.16 ? 12  ALA A O   1 
ATOM   105 C CB  . ALA A 1 33 ? 8.397   -6.533 -1.947  1.00 25.88 ? 12  ALA A CB  1 
ATOM   106 N N   . HIS A 1 34 ? 6.640   -3.943 -2.352  1.00 25.82 ? 13  HIS A N   1 
ATOM   107 C CA  . HIS A 1 34 ? 5.611   -2.993 -1.894  1.00 27.19 ? 13  HIS A CA  1 
ATOM   108 C C   . HIS A 1 34 ? 4.542   -2.740 -2.938  1.00 29.66 ? 13  HIS A C   1 
ATOM   109 O O   . HIS A 1 34 ? 3.348   -2.723 -2.641  1.00 29.89 ? 13  HIS A O   1 
ATOM   110 C CB  . HIS A 1 34 ? 6.238   -1.720 -1.380  1.00 26.64 ? 13  HIS A CB  1 
ATOM   111 C CG  . HIS A 1 34 ? 6.913   -1.893 -0.046  1.00 29.20 ? 13  HIS A CG  1 
ATOM   112 N ND1 . HIS A 1 34 ? 8.142   -2.458 0.085   1.00 30.36 ? 13  HIS A ND1 1 
ATOM   113 C CD2 . HIS A 1 34 ? 6.457   -1.631 1.256   1.00 28.85 ? 13  HIS A CD2 1 
ATOM   114 C CE1 . HIS A 1 34 ? 8.461   -2.512 1.390   1.00 30.10 ? 13  HIS A CE1 1 
ATOM   115 N NE2 . HIS A 1 34 ? 7.421   -2.013 2.100   1.00 29.91 ? 13  HIS A NE2 1 
ATOM   116 N N   . GLU A 1 35 ? 4.941   -2.649 -4.196  1.00 31.27 ? 14  GLU A N   1 
ATOM   117 C CA  . GLU A 1 35 ? 3.967   -2.523 -5.276  1.00 31.88 ? 14  GLU A CA  1 
ATOM   118 C C   . GLU A 1 35 ? 2.962   -3.690 -5.340  1.00 31.16 ? 14  GLU A C   1 
ATOM   119 O O   . GLU A 1 35 ? 1.753   -3.472 -5.478  1.00 30.30 ? 14  GLU A O   1 
ATOM   120 C CB  . GLU A 1 35 ? 4.683   -2.188 -6.612  1.00 35.40 ? 14  GLU A CB  1 
ATOM   121 C CG  . GLU A 1 35 ? 4.560   -0.662 -6.845  1.00 42.46 ? 14  GLU A CG  1 
ATOM   122 C CD  . GLU A 1 35 ? 5.581   -0.049 -7.752  1.00 47.19 ? 14  GLU A CD  1 
ATOM   123 O OE1 . GLU A 1 35 ? 5.479   1.179  -7.962  1.00 49.75 ? 14  GLU A OE1 1 
ATOM   124 O OE2 . GLU A 1 35 ? 6.457   -0.776 -8.272  1.00 52.91 ? 14  GLU A OE2 1 
ATOM   125 N N   . GLY A 1 36 ? 3.455   -4.910 -5.169  1.00 29.84 ? 15  GLY A N   1 
ATOM   126 C CA  . GLY A 1 36 ? 2.609   -6.071 -5.010  1.00 29.85 ? 15  GLY A CA  1 
ATOM   127 C C   . GLY A 1 36 ? 1.643   -5.979 -3.830  1.00 29.47 ? 15  GLY A C   1 
ATOM   128 O O   . GLY A 1 36 ? 0.454   -6.291 -3.990  1.00 27.09 ? 15  GLY A O   1 
ATOM   129 N N   . GLN A 1 37 ? 2.158   -5.554 -2.664  1.00 29.57 ? 16  GLN A N   1 
ATOM   130 C CA  . GLN A 1 37 ? 1.350   -5.371 -1.451  1.00 30.87 ? 16  GLN A CA  1 
ATOM   131 C C   . GLN A 1 37 ? 0.284   -4.317 -1.643  1.00 28.12 ? 16  GLN A C   1 
ATOM   132 O O   . GLN A 1 37 ? -0.767  -4.458 -1.076  1.00 26.93 ? 16  GLN A O   1 
ATOM   133 C CB  . GLN A 1 37 ? 2.195   -4.922 -0.251  1.00 33.74 ? 16  GLN A CB  1 
ATOM   134 C CG  . GLN A 1 37 ? 3.137   -5.938 0.371   1.00 40.87 ? 16  GLN A CG  1 
ATOM   135 C CD  . GLN A 1 37 ? 4.129   -5.233 1.312   1.00 50.25 ? 16  GLN A CD  1 
ATOM   136 O OE1 . GLN A 1 37 ? 5.332   -5.533 1.318   1.00 61.01 ? 16  GLN A OE1 1 
ATOM   137 N NE2 . GLN A 1 37 ? 3.633   -4.237 2.072   1.00 53.09 ? 16  GLN A NE2 1 
ATOM   138 N N   . LEU A 1 38 ? 0.597   -3.232 -2.379  1.00 26.10 ? 17  LEU A N   1 
ATOM   139 C CA  . LEU A 1 38 ? -0.384  -2.199 -2.683  1.00 25.26 ? 17  LEU A CA  1 
ATOM   140 C C   . LEU A 1 38 ? -1.577  -2.770 -3.460  1.00 26.14 ? 17  LEU A C   1 
ATOM   141 O O   . LEU A 1 38 ? -2.752  -2.510 -3.103  1.00 23.25 ? 17  LEU A O   1 
ATOM   142 C CB  . LEU A 1 38 ? 0.251   -1.014 -3.435  1.00 24.69 ? 17  LEU A CB  1 
ATOM   143 C CG  . LEU A 1 38 ? -0.673  0.174  -3.698  1.00 26.08 ? 17  LEU A CG  1 
ATOM   144 C CD1 . LEU A 1 38 ? -1.296  0.699  -2.396  1.00 24.72 ? 17  LEU A CD1 1 
ATOM   145 C CD2 . LEU A 1 38 ? -0.002  1.299  -4.526  1.00 24.73 ? 17  LEU A CD2 1 
ATOM   146 N N   . VAL A 1 39 ? -1.290  -3.539 -4.517  1.00 26.61 ? 18  VAL A N   1 
ATOM   147 C CA  . VAL A 1 39 ? -2.366  -4.177 -5.302  1.00 27.57 ? 18  VAL A CA  1 
ATOM   148 C C   . VAL A 1 39 ? -3.268  -5.053 -4.368  1.00 27.32 ? 18  VAL A C   1 
ATOM   149 O O   . VAL A 1 39 ? -4.511  -4.973 -4.378  1.00 27.05 ? 18  VAL A O   1 
ATOM   150 C CB  . VAL A 1 39 ? -1.805  -4.997 -6.496  1.00 30.56 ? 18  VAL A CB  1 
ATOM   151 C CG1 . VAL A 1 39 ? -2.940  -5.723 -7.215  1.00 29.14 ? 18  VAL A CG1 1 
ATOM   152 C CG2 . VAL A 1 39 ? -0.980  -4.096 -7.473  1.00 29.30 ? 18  VAL A CG2 1 
ATOM   153 N N   . ILE A 1 40 ? -2.644  -5.813 -3.502  1.00 27.21 ? 19  ILE A N   1 
ATOM   154 C CA  . ILE A 1 40 ? -3.384  -6.667 -2.566  1.00 27.48 ? 19  ILE A CA  1 
ATOM   155 C C   . ILE A 1 40 ? -4.219  -5.806 -1.604  1.00 26.81 ? 19  ILE A C   1 
ATOM   156 O O   . ILE A 1 40 ? -5.410  -6.045 -1.450  1.00 27.02 ? 19  ILE A O   1 
ATOM   157 C CB  . ILE A 1 40 ? -2.466  -7.612 -1.796  1.00 28.80 ? 19  ILE A CB  1 
ATOM   158 C CG1 . ILE A 1 40 ? -1.717  -8.541 -2.754  1.00 31.83 ? 19  ILE A CG1 1 
ATOM   159 C CG2 . ILE A 1 40 ? -3.253  -8.490 -0.818  1.00 27.14 ? 19  ILE A CG2 1 
ATOM   160 C CD1 . ILE A 1 40 ? -0.653  -9.393 -2.049  1.00 33.45 ? 19  ILE A CD1 1 
ATOM   161 N N   . ALA A 1 41 ? -3.598  -4.772 -1.042  1.00 24.84 ? 20  ALA A N   1 
ATOM   162 C CA  . ALA A 1 41 ? -4.261  -3.833 -0.144  1.00 24.19 ? 20  ALA A CA  1 
ATOM   163 C C   . ALA A 1 41 ? -5.469  -3.172 -0.780  1.00 24.61 ? 20  ALA A C   1 
ATOM   164 O O   . ALA A 1 41 ? -6.494  -2.994 -0.110  1.00 23.89 ? 20  ALA A O   1 
ATOM   165 C CB  . ALA A 1 41 ? -3.267  -2.781 0.397   1.00 22.55 ? 20  ALA A CB  1 
ATOM   166 N N   . ARG A 1 42 ? -5.369  -2.789 -2.054  1.00 25.25 ? 21  ARG A N   1 
ATOM   167 C CA  . ARG A 1 42 ? -6.481  -2.085 -2.709  1.00 27.22 ? 21  ARG A CA  1 
ATOM   168 C C   . ARG A 1 42 ? -7.616  -3.053 -2.936  1.00 27.18 ? 21  ARG A C   1 
ATOM   169 O O   . ARG A 1 42 ? -8.778  -2.662 -2.826  1.00 26.44 ? 21  ARG A O   1 
ATOM   170 C CB  . ARG A 1 42 ? -6.053  -1.414 -4.033  1.00 30.50 ? 21  ARG A CB  1 
ATOM   171 C CG  . ARG A 1 42 ? -5.134  -0.241 -3.791  1.00 32.81 ? 21  ARG A CG  1 
ATOM   172 C CD  . ARG A 1 42 ? -4.918  0.609  -5.017  1.00 41.24 ? 21  ARG A CD  1 
ATOM   173 N NE  . ARG A 1 42 ? -4.305  1.885  -4.628  1.00 48.15 ? 21  ARG A NE  1 
ATOM   174 C CZ  . ARG A 1 42 ? -3.336  2.522  -5.298  1.00 57.21 ? 21  ARG A CZ  1 
ATOM   175 N NH1 . ARG A 1 42 ? -2.870  3.685  -4.821  1.00 58.71 ? 21  ARG A NH1 1 
ATOM   176 N NH2 . ARG A 1 42 ? -2.813  2.023  -6.437  1.00 57.59 ? 21  ARG A NH2 1 
ATOM   177 N N   . GLN A 1 43 ? -7.285  -4.317 -3.225  1.00 27.18 ? 22  GLN A N   1 
ATOM   178 C CA  . GLN A 1 43 ? -8.297  -5.383 -3.325  1.00 30.12 ? 22  GLN A CA  1 
ATOM   179 C C   . GLN A 1 43 ? -9.082  -5.507 -2.021  1.00 29.32 ? 22  GLN A C   1 
ATOM   180 O O   . GLN A 1 43 ? -10.294 -5.624 -2.031  1.00 29.02 ? 22  GLN A O   1 
ATOM   181 C CB  . GLN A 1 43 ? -7.667  -6.771 -3.613  1.00 33.37 ? 22  GLN A CB  1 
ATOM   182 C CG  . GLN A 1 43 ? -8.692  -7.937 -3.555  1.00 34.34 ? 22  GLN A CG  1 
ATOM   183 C CD  . GLN A 1 43 ? -9.789  -7.666 -4.528  1.00 35.25 ? 22  GLN A CD  1 
ATOM   184 O OE1 . GLN A 1 43 ? -9.537  -7.010 -5.542  1.00 39.65 ? 22  GLN A OE1 1 
ATOM   185 N NE2 . GLN A 1 43 ? -11.004 -8.096 -4.230  1.00 33.68 ? 22  GLN A NE2 1 
ATOM   186 N N   . LYS A 1 44 ? -8.367  -5.486 -0.903  1.00 30.09 ? 23  LYS A N   1 
ATOM   187 C CA  . LYS A 1 44 ? -8.990  -5.607 0.412   1.00 29.38 ? 23  LYS A CA  1 
ATOM   188 C C   . LYS A 1 44 ? -9.793  -4.377 0.754   1.00 28.23 ? 23  LYS A C   1 
ATOM   189 O O   . LYS A 1 44 ? -10.830 -4.488 1.385   1.00 27.61 ? 23  LYS A O   1 
ATOM   190 C CB  . LYS A 1 44 ? -7.937  -5.965 1.448   1.00 33.95 ? 23  LYS A CB  1 
ATOM   191 C CG  . LYS A 1 44 ? -7.414  -7.406 1.243   1.00 37.80 ? 23  LYS A CG  1 
ATOM   192 C CD  . LYS A 1 44 ? -6.596  -7.839 2.448   1.00 42.31 ? 23  LYS A CD  1 
ATOM   193 C CE  . LYS A 1 44 ? -5.548  -8.938 2.210   1.00 45.93 ? 23  LYS A CE  1 
ATOM   194 N NZ  . LYS A 1 44 ? -4.365  -8.850 3.183   1.00 40.94 ? 23  LYS A NZ  1 
ATOM   195 N N   . VAL A 1 45 ? -9.412  -3.210 0.235   1.00 26.28 ? 24  VAL A N   1 
ATOM   196 C CA  . VAL A 1 45 ? -10.299 -2.053 0.315   1.00 24.77 ? 24  VAL A CA  1 
ATOM   197 C C   . VAL A 1 45 ? -11.607 -2.324 -0.431  1.00 25.69 ? 24  VAL A C   1 
ATOM   198 O O   . VAL A 1 45 ? -12.672 -2.035 0.135   1.00 23.18 ? 24  VAL A O   1 
ATOM   199 C CB  . VAL A 1 45 ? -9.662  -0.747 -0.188  1.00 24.56 ? 24  VAL A CB  1 
ATOM   200 C CG1 . VAL A 1 45 ? -10.675 0.401  -0.192  1.00 23.53 ? 24  VAL A CG1 1 
ATOM   201 C CG2 . VAL A 1 45 ? -8.458  -0.380 0.661   1.00 23.33 ? 24  VAL A CG2 1 
ATOM   202 N N   . ARG A 1 46 ? -11.550 -2.878 -1.671  1.00 27.33 ? 25  ARG A N   1 
ATOM   203 C CA  A ARG A 1 46 ? -12.765 -3.126 -2.457  0.50 27.55 ? 25  ARG A CA  1 
ATOM   204 C CA  B ARG A 1 46 ? -12.774 -3.100 -2.436  0.50 27.81 ? 25  ARG A CA  1 
ATOM   205 C C   . ARG A 1 46 ? -13.684 -4.047 -1.684  1.00 28.21 ? 25  ARG A C   1 
ATOM   206 O O   . ARG A 1 46 ? -14.869 -3.776 -1.541  1.00 29.51 ? 25  ARG A O   1 
ATOM   207 C CB  A ARG A 1 46 ? -12.482 -3.754 -3.838  0.50 28.06 ? 25  ARG A CB  1 
ATOM   208 C CB  B ARG A 1 46 ? -12.502 -3.647 -3.839  0.50 28.68 ? 25  ARG A CB  1 
ATOM   209 C CG  A ARG A 1 46 ? -11.944 -2.804 -4.907  0.50 27.28 ? 25  ARG A CG  1 
ATOM   210 C CG  B ARG A 1 46 ? -13.724 -3.711 -4.746  0.50 28.70 ? 25  ARG A CG  1 
ATOM   211 C CD  A ARG A 1 46 ? -11.739 -3.494 -6.260  0.50 27.34 ? 25  ARG A CD  1 
ATOM   212 C CD  B ARG A 1 46 ? -14.060 -2.360 -5.356  0.50 28.76 ? 25  ARG A CD  1 
ATOM   213 N NE  A ARG A 1 46 ? -10.512 -4.264 -6.332  0.50 25.39 ? 25  ARG A NE  1 
ATOM   214 N NE  B ARG A 1 46 ? -15.255 -2.414 -6.194  0.50 28.40 ? 25  ARG A NE  1 
ATOM   215 C CZ  A ARG A 1 46 ? -9.309  -3.714 -6.346  0.50 24.37 ? 25  ARG A CZ  1 
ATOM   216 C CZ  B ARG A 1 46 ? -16.441 -2.014 -5.784  0.50 28.70 ? 25  ARG A CZ  1 
ATOM   217 N NH1 A ARG A 1 46 ? -9.164  -2.424 -6.313  0.50 25.26 ? 25  ARG A NH1 1 
ATOM   218 N NH1 B ARG A 1 46 ? -16.570 -1.524 -4.563  0.50 28.55 ? 25  ARG A NH1 1 
ATOM   219 N NH2 A ARG A 1 46 ? -8.248  -4.449 -6.407  0.50 24.59 ? 25  ARG A NH2 1 
ATOM   220 N NH2 B ARG A 1 46 ? -17.497 -2.105 -6.587  0.50 29.14 ? 25  ARG A NH2 1 
ATOM   221 N N   . ASP A 1 47 ? -13.137 -5.152 -1.211  1.00 30.17 ? 26  ASP A N   1 
ATOM   222 C CA  . ASP A 1 47 ? -13.953 -6.102 -0.464  1.00 33.13 ? 26  ASP A CA  1 
ATOM   223 C C   . ASP A 1 47 ? -14.569 -5.481 0.801   1.00 33.01 ? 26  ASP A C   1 
ATOM   224 O O   . ASP A 1 47 ? -15.748 -5.756 1.112   1.00 30.93 ? 26  ASP A O   1 
ATOM   225 C CB  . ASP A 1 47 ? -13.193 -7.389 -0.162  1.00 32.70 ? 26  ASP A CB  1 
ATOM   226 C CG  . ASP A 1 47 ? -12.990 -8.256 -1.449  1.00 36.97 ? 26  ASP A CG  1 
ATOM   227 O OD1 . ASP A 1 47 ? -11.976 -8.981 -1.504  1.00 34.91 ? 26  ASP A OD1 1 
ATOM   228 O OD2 . ASP A 1 47 ? -13.854 -8.217 -2.390  1.00 37.42 ? 26  ASP A OD2 1 
ATOM   229 N N   . ALA A 1 48 ? -13.800 -4.638 1.496   1.00 28.45 ? 27  ALA A N   1 
ATOM   230 C CA  . ALA A 1 48 ? -14.294 -4.036 2.735   1.00 27.74 ? 27  ALA A CA  1 
ATOM   231 C C   . ALA A 1 48 ? -15.402 -3.022 2.418   1.00 26.56 ? 27  ALA A C   1 
ATOM   232 O O   . ALA A 1 48 ? -16.339 -2.859 3.213   1.00 27.97 ? 27  ALA A O   1 
ATOM   233 C CB  . ALA A 1 48 ? -13.163 -3.437 3.570   1.00 23.17 ? 27  ALA A CB  1 
ATOM   234 N N   . GLU A 1 49 ? -15.316 -2.376 1.260   1.00 27.56 ? 28  GLU A N   1 
ATOM   235 C CA  . GLU A 1 49 ? -16.375 -1.483 0.746   1.00 30.66 ? 28  GLU A CA  1 
ATOM   236 C C   . GLU A 1 49 ? -17.716 -2.173 0.560   1.00 32.88 ? 28  GLU A C   1 
ATOM   237 O O   . GLU A 1 49 ? -18.751 -1.694 1.007   1.00 30.19 ? 28  GLU A O   1 
ATOM   238 C CB  . GLU A 1 49 ? -16.019 -0.907 -0.610  1.00 32.98 ? 28  GLU A CB  1 
ATOM   239 C CG  . GLU A 1 49 ? -15.045 0.265  -0.569  1.00 37.14 ? 28  GLU A CG  1 
ATOM   240 C CD  . GLU A 1 49 ? -14.518 0.677  -1.957  1.00 38.15 ? 28  GLU A CD  1 
ATOM   241 O OE1 . GLU A 1 49 ? -14.953 0.149  -3.037  1.00 41.12 ? 28  GLU A OE1 1 
ATOM   242 O OE2 . GLU A 1 49 ? -13.671 1.577  -1.947  1.00 38.83 ? 28  GLU A OE2 1 
ATOM   243 N N   . LYS A 1 50 ? -17.683 -3.303 -0.126  1.00 35.94 ? 29  LYS A N   1 
ATOM   244 C CA  . LYS A 1 50 ? -18.888 -4.028 -0.411  1.00 38.90 ? 29  LYS A CA  1 
ATOM   245 C C   . LYS A 1 50 ? -19.445 -4.593 0.880   1.00 37.32 ? 29  LYS A C   1 
ATOM   246 O O   . LYS A 1 50 ? -20.650 -4.546 1.102   1.00 37.59 ? 29  LYS A O   1 
ATOM   247 C CB  . LYS A 1 50 ? -18.625 -5.067 -1.500  1.00 42.71 ? 29  LYS A CB  1 
ATOM   248 C CG  . LYS A 1 50 ? -18.351 -4.349 -2.826  1.00 47.71 ? 29  LYS A CG  1 
ATOM   249 C CD  . LYS A 1 50 ? -17.426 -5.106 -3.750  1.00 51.94 ? 29  LYS A CD  1 
ATOM   250 C CE  . LYS A 1 50 ? -18.173 -6.189 -4.502  1.00 57.26 ? 29  LYS A CE  1 
ATOM   251 N NZ  . LYS A 1 50 ? -17.438 -6.571 -5.744  1.00 58.92 ? 29  LYS A NZ  1 
ATOM   252 N N   . GLN A 1 51 ? -18.576 -5.043 1.772   1.00 36.08 ? 30  GLN A N   1 
ATOM   253 C CA  . GLN A 1 51 ? -19.041 -5.572 3.049   1.00 38.01 ? 30  GLN A CA  1 
ATOM   254 C C   . GLN A 1 51 ? -19.697 -4.472 3.834   1.00 36.20 ? 30  GLN A C   1 
ATOM   255 O O   . GLN A 1 51 ? -20.735 -4.678 4.463   1.00 38.07 ? 30  GLN A O   1 
ATOM   256 C CB  . GLN A 1 51 ? -17.886 -6.120 3.855   1.00 38.16 ? 30  GLN A CB  1 
ATOM   257 C CG  . GLN A 1 51 ? -18.267 -6.482 5.270   1.00 41.78 ? 30  GLN A CG  1 
ATOM   258 C CD  . GLN A 1 51 ? -17.537 -7.716 5.770   1.00 44.84 ? 30  GLN A CD  1 
ATOM   259 O OE1 . GLN A 1 51 ? -17.064 -8.519 4.985   1.00 47.65 ? 30  GLN A OE1 1 
ATOM   260 N NE2 . GLN A 1 51 ? -17.451 -7.872 7.075   1.00 49.35 ? 30  GLN A NE2 1 
ATOM   261 N N   . TYR A 1 52 ? -19.091 -3.297 3.789   1.00 33.42 ? 31  TYR A N   1 
ATOM   262 C CA  . TYR A 1 52 ? -19.627 -2.148 4.508   1.00 34.30 ? 31  TYR A CA  1 
ATOM   263 C C   . TYR A 1 52 ? -20.993 -1.779 3.945   1.00 35.54 ? 31  TYR A C   1 
ATOM   264 O O   . TYR A 1 52 ? -21.900 -1.430 4.701   1.00 33.01 ? 31  TYR A O   1 
ATOM   265 C CB  . TYR A 1 52 ? -18.690 -0.930 4.416   1.00 32.58 ? 31  TYR A CB  1 
ATOM   266 C CG  . TYR A 1 52 ? -19.306 0.344  4.909   1.00 31.78 ? 31  TYR A CG  1 
ATOM   267 C CD1 . TYR A 1 52 ? -19.500 0.547  6.255   1.00 32.45 ? 31  TYR A CD1 1 
ATOM   268 C CD2 . TYR A 1 52 ? -19.698 1.361  4.027   1.00 32.39 ? 31  TYR A CD2 1 
ATOM   269 C CE1 . TYR A 1 52 ? -20.062 1.715  6.747   1.00 32.56 ? 31  TYR A CE1 1 
ATOM   270 C CE2 . TYR A 1 52 ? -20.284 2.538  4.520   1.00 32.27 ? 31  TYR A CE2 1 
ATOM   271 C CZ  . TYR A 1 52 ? -20.466 2.694  5.882   1.00 33.07 ? 31  TYR A CZ  1 
ATOM   272 O OH  . TYR A 1 52 ? -21.042 3.825  6.421   1.00 36.82 ? 31  TYR A OH  1 
ATOM   273 N N   . GLU A 1 53 ? -21.118 -1.810 2.625   1.00 37.75 ? 32  GLU A N   1 
ATOM   274 C CA  . GLU A 1 53 ? -22.376 -1.396 1.985   1.00 43.50 ? 32  GLU A CA  1 
ATOM   275 C C   . GLU A 1 53 ? -23.447 -2.435 2.174   1.00 41.85 ? 32  GLU A C   1 
ATOM   276 O O   . GLU A 1 53 ? -24.585 -2.075 2.305   1.00 41.50 ? 32  GLU A O   1 
ATOM   277 C CB  . GLU A 1 53 ? -22.201 -1.096 0.495   1.00 47.59 ? 32  GLU A CB  1 
ATOM   278 C CG  . GLU A 1 53 ? -21.912 0.374  0.212   1.00 52.65 ? 32  GLU A CG  1 
ATOM   279 C CD  . GLU A 1 53 ? -20.997 0.590  -0.988  1.00 59.25 ? 32  GLU A CD  1 
ATOM   280 O OE1 . GLU A 1 53 ? -20.543 -0.395 -1.634  1.00 62.26 ? 32  GLU A OE1 1 
ATOM   281 O OE2 . GLU A 1 53 ? -20.721 1.768  -1.288  1.00 70.15 ? 32  GLU A OE2 1 
ATOM   282 N N   . LYS A 1 54 ? -23.083 -3.713 2.168   1.00 44.95 ? 33  LYS A N   1 
ATOM   283 C CA  . LYS A 1 54 ? -24.028 -4.760 2.535   1.00 48.08 ? 33  LYS A CA  1 
ATOM   284 C C   . LYS A 1 54 ? -24.509 -4.518 3.977   1.00 49.57 ? 33  LYS A C   1 
ATOM   285 O O   . LYS A 1 54 ? -25.699 -4.599 4.238   1.00 51.10 ? 33  LYS A O   1 
ATOM   286 C CB  . LYS A 1 54 ? -23.447 -6.173 2.343   1.00 44.98 ? 33  LYS A CB  1 
ATOM   287 N N   . ASP A 1 55 ? -23.602 -4.184 4.896   1.00 49.46 ? 34  ASP A N   1 
ATOM   288 C CA  . ASP A 1 55 ? -23.968 -4.036 6.316   1.00 47.20 ? 34  ASP A CA  1 
ATOM   289 C C   . ASP A 1 55 ? -23.125 -2.961 7.000   1.00 39.41 ? 34  ASP A C   1 
ATOM   290 O O   . ASP A 1 55 ? -22.013 -3.237 7.485   1.00 37.01 ? 34  ASP A O   1 
ATOM   291 C CB  . ASP A 1 55 ? -23.813 -5.360 7.062   1.00 50.92 ? 34  ASP A CB  1 
ATOM   292 C CG  . ASP A 1 55 ? -24.792 -5.488 8.228   1.00 60.09 ? 34  ASP A CG  1 
ATOM   293 O OD1 . ASP A 1 55 ? -25.216 -6.642 8.499   1.00 69.21 ? 34  ASP A OD1 1 
ATOM   294 O OD2 . ASP A 1 55 ? -25.162 -4.450 8.847   1.00 53.73 ? 34  ASP A OD2 1 
ATOM   295 N N   . PRO A 1 56 ? -23.651 -1.736 7.041   1.00 33.39 ? 35  PRO A N   1 
ATOM   296 C CA  . PRO A 1 56 ? -22.775 -0.632 7.435   1.00 32.95 ? 35  PRO A CA  1 
ATOM   297 C C   . PRO A 1 56 ? -22.706 -0.412 8.940   1.00 30.61 ? 35  PRO A C   1 
ATOM   298 O O   . PRO A 1 56 ? -22.896 0.693  9.363   1.00 31.00 ? 35  PRO A O   1 
ATOM   299 C CB  . PRO A 1 56 ? -23.370 0.583  6.683   1.00 32.12 ? 35  PRO A CB  1 
ATOM   300 C CG  . PRO A 1 56 ? -24.811 0.228  6.393   1.00 32.36 ? 35  PRO A CG  1 
ATOM   301 C CD  . PRO A 1 56 ? -24.964 -1.264 6.540   1.00 34.20 ? 35  PRO A CD  1 
ATOM   302 N N   . ASP A 1 57 ? -22.362 -1.426 9.733   1.00 30.81 ? 36  ASP A N   1 
ATOM   303 C CA  . ASP A 1 57 ? -22.242 -1.244 11.202  1.00 31.97 ? 36  ASP A CA  1 
ATOM   304 C C   . ASP A 1 57 ? -20.899 -0.653 11.547  1.00 34.79 ? 36  ASP A C   1 
ATOM   305 O O   . ASP A 1 57 ? -20.093 -0.378 10.650  1.00 33.03 ? 36  ASP A O   1 
ATOM   306 C CB  . ASP A 1 57 ? -22.534 -2.538 12.001  1.00 33.43 ? 36  ASP A CB  1 
ATOM   307 C CG  . ASP A 1 57 ? -21.606 -3.696 11.681  1.00 34.06 ? 36  ASP A CG  1 
ATOM   308 O OD1 . ASP A 1 57 ? -20.504 -3.485 11.154  1.00 34.92 ? 36  ASP A OD1 1 
ATOM   309 O OD2 . ASP A 1 57 ? -22.000 -4.859 11.937  1.00 36.14 ? 36  ASP A OD2 1 
ATOM   310 N N   . GLU A 1 58 ? -20.640 -0.437 12.836  1.00 37.08 ? 37  GLU A N   1 
ATOM   311 C CA  . GLU A 1 58 ? -19.438 0.282  13.262  1.00 37.08 ? 37  GLU A CA  1 
ATOM   312 C C   . GLU A 1 58 ? -18.184 -0.552 13.014  1.00 35.03 ? 37  GLU A C   1 
ATOM   313 O O   . GLU A 1 58 ? -17.138 -0.012 12.668  1.00 33.57 ? 37  GLU A O   1 
ATOM   314 C CB  . GLU A 1 58 ? -19.515 0.691  14.745  1.00 40.82 ? 37  GLU A CB  1 
ATOM   315 C CG  . GLU A 1 58 ? -20.467 1.848  15.043  1.00 47.13 ? 37  GLU A CG  1 
ATOM   316 C CD  . GLU A 1 58 ? -20.032 3.158  14.380  1.00 50.77 ? 37  GLU A CD  1 
ATOM   317 O OE1 . GLU A 1 58 ? -18.826 3.513  14.449  1.00 57.18 ? 37  GLU A OE1 1 
ATOM   318 O OE2 . GLU A 1 58 ? -20.888 3.825  13.761  1.00 49.68 ? 37  GLU A OE2 1 
ATOM   319 N N   . LEU A 1 59 ? -18.273 -1.864 13.187  1.00 31.58 ? 38  LEU A N   1 
ATOM   320 C CA  . LEU A 1 59 ? -17.082 -2.679 13.007  1.00 31.22 ? 38  LEU A CA  1 
ATOM   321 C C   . LEU A 1 59 ? -16.707 -2.737 11.529  1.00 29.13 ? 38  LEU A C   1 
ATOM   322 O O   . LEU A 1 59 ? -15.531 -2.754 11.195  1.00 27.72 ? 38  LEU A O   1 
ATOM   323 C CB  . LEU A 1 59 ? -17.240 -4.087 13.599  1.00 32.76 ? 38  LEU A CB  1 
ATOM   324 C CG  . LEU A 1 59 ? -16.902 -4.281 15.095  1.00 35.86 ? 38  LEU A CG  1 
ATOM   325 C CD1 . LEU A 1 59 ? -17.376 -5.645 15.641  1.00 32.76 ? 38  LEU A CD1 1 
ATOM   326 C CD2 . LEU A 1 59 ? -15.396 -4.090 15.301  1.00 35.41 ? 38  LEU A CD2 1 
ATOM   327 N N   . ASN A 1 60 ? -17.699 -2.778 10.649  1.00 28.08 ? 39  ASN A N   1 
ATOM   328 C CA  . ASN A 1 60 ? -17.449 -2.838 9.202   1.00 28.92 ? 39  ASN A CA  1 
ATOM   329 C C   . ASN A 1 60 ? -16.901 -1.492 8.667   1.00 29.02 ? 39  ASN A C   1 
ATOM   330 O O   . ASN A 1 60 ? -15.997 -1.459 7.836   1.00 29.85 ? 39  ASN A O   1 
ATOM   331 C CB  . ASN A 1 60 ? -18.717 -3.253 8.446   1.00 28.35 ? 39  ASN A CB  1 
ATOM   332 C CG  . ASN A 1 60 ? -18.949 -4.740 8.448   1.00 29.06 ? 39  ASN A CG  1 
ATOM   333 O OD1 . ASN A 1 60 ? -18.052 -5.515 8.773   1.00 30.76 ? 39  ASN A OD1 1 
ATOM   334 N ND2 . ASN A 1 60 ? -20.138 -5.155 8.027   1.00 30.53 ? 39  ASN A ND2 1 
ATOM   335 N N   . LYS A 1 61 ? -17.420 -0.409 9.213   1.00 31.81 ? 40  LYS A N   1 
ATOM   336 C CA  . LYS A 1 61 ? -16.933 0.959  8.969   1.00 32.88 ? 40  LYS A CA  1 
ATOM   337 C C   . LYS A 1 61 ? -15.460 1.077  9.350   1.00 32.44 ? 40  LYS A C   1 
ATOM   338 O O   . LYS A 1 61 ? -14.627 1.503  8.534   1.00 30.37 ? 40  LYS A O   1 
ATOM   339 C CB  . LYS A 1 61 ? -17.801 1.944  9.770   1.00 36.15 ? 40  LYS A CB  1 
ATOM   340 C CG  . LYS A 1 61 ? -17.414 3.415  9.662   1.00 41.86 ? 40  LYS A CG  1 
ATOM   341 C CD  . LYS A 1 61 ? -18.128 4.318  10.681  1.00 42.99 ? 40  LYS A CD  1 
ATOM   342 C CE  . LYS A 1 61 ? -19.424 4.849  10.131  1.00 45.10 ? 40  LYS A CE  1 
ATOM   343 N NZ  . LYS A 1 61 ? -20.197 5.640  11.150  1.00 48.76 ? 40  LYS A NZ  1 
ATOM   344 N N   . ARG A 1 62 ? -15.135 0.676  10.583  1.00 32.69 ? 41  ARG A N   1 
ATOM   345 C CA  . ARG A 1 62 ? -13.758 0.723  11.101  1.00 33.93 ? 41  ARG A CA  1 
ATOM   346 C C   . ARG A 1 62 ? -12.799 -0.088 10.214  1.00 32.55 ? 41  ARG A C   1 
ATOM   347 O O   . ARG A 1 62 ? -11.723 0.363  9.877   1.00 32.13 ? 41  ARG A O   1 
ATOM   348 C CB  . ARG A 1 62 ? -13.730 0.171  12.513  1.00 38.22 ? 41  ARG A CB  1 
ATOM   349 C CG  . ARG A 1 62 ? -12.368 0.074  13.176  1.00 43.44 ? 41  ARG A CG  1 
ATOM   350 C CD  . ARG A 1 62 ? -12.414 -0.910 14.366  1.00 51.07 ? 41  ARG A CD  1 
ATOM   351 N NE  . ARG A 1 62 ? -12.569 -2.313 13.939  1.00 54.37 ? 41  ARG A NE  1 
ATOM   352 C CZ  . ARG A 1 62 ? -12.279 -3.382 14.695  1.00 64.05 ? 41  ARG A CZ  1 
ATOM   353 N NH1 . ARG A 1 62 ? -11.811 -3.230 15.941  1.00 64.90 ? 41  ARG A NH1 1 
ATOM   354 N NH2 . ARG A 1 62 ? -12.441 -4.627 14.203  1.00 65.27 ? 41  ARG A NH2 1 
ATOM   355 N N   . THR A 1 63 ? -13.223 -1.276 9.822   1.00 29.83 ? 42  THR A N   1 
ATOM   356 C CA  . THR A 1 63 ? -12.429 -2.124 9.014   1.00 30.23 ? 42  THR A CA  1 
ATOM   357 C C   . THR A 1 63 ? -12.142 -1.512 7.621   1.00 27.38 ? 42  THR A C   1 
ATOM   358 O O   . THR A 1 63 ? -11.017 -1.579 7.140   1.00 27.93 ? 42  THR A O   1 
ATOM   359 C CB  . THR A 1 63 ? -13.068 -3.513 8.912   1.00 31.73 ? 42  THR A CB  1 
ATOM   360 O OG1 . THR A 1 63 ? -13.100 -4.120 10.227  1.00 37.92 ? 42  THR A OG1 1 
ATOM   361 C CG2 . THR A 1 63 ? -12.292 -4.381 7.931   1.00 32.25 ? 42  THR A CG2 1 
ATOM   362 N N   . LEU A 1 64 ? -13.133 -0.896 7.007   1.00 26.25 ? 43  LEU A N   1 
ATOM   363 C CA  . LEU A 1 64 ? -12.924 -0.173 5.748   1.00 25.29 ? 43  LEU A CA  1 
ATOM   364 C C   . LEU A 1 64 ? -11.912 0.959  5.923   1.00 24.12 ? 43  LEU A C   1 
ATOM   365 O O   . LEU A 1 64 ? -10.984 1.078  5.136   1.00 24.26 ? 43  LEU A O   1 
ATOM   366 C CB  . LEU A 1 64 ? -14.261 0.378  5.246   1.00 25.09 ? 43  LEU A CB  1 
ATOM   367 C CG  . LEU A 1 64 ? -14.272 1.245  4.004   1.00 23.64 ? 43  LEU A CG  1 
ATOM   368 C CD1 . LEU A 1 64 ? -13.441 0.627  2.862   1.00 21.38 ? 43  LEU A CD1 1 
ATOM   369 C CD2 . LEU A 1 64 ? -15.727 1.484  3.639   1.00 22.87 ? 43  LEU A CD2 1 
ATOM   370 N N   . THR A 1 65 ? -12.069 1.745  6.981   1.00 23.50 ? 44  THR A N   1 
ATOM   371 C CA  . THR A 1 65 ? -11.171 2.894  7.223   1.00 24.86 ? 44  THR A CA  1 
ATOM   372 C C   . THR A 1 65 ? -9.713  2.441  7.437   1.00 26.47 ? 44  THR A C   1 
ATOM   373 O O   . THR A 1 65 ? -8.795  3.073  6.930   1.00 25.51 ? 44  THR A O   1 
ATOM   374 C CB  . THR A 1 65 ? -11.659 3.740  8.424   1.00 25.27 ? 44  THR A CB  1 
ATOM   375 O OG1 . THR A 1 65 ? -12.993 4.237  8.134   1.00 24.37 ? 44  THR A OG1 1 
ATOM   376 C CG2 . THR A 1 65 ? -10.688 4.906  8.745   1.00 24.88 ? 44  THR A CG2 1 
ATOM   377 N N   . ASP A 1 66 ? -9.534  1.320  8.151   1.00 26.96 ? 45  ASP A N   1 
ATOM   378 C CA  . ASP A 1 66 ? -8.226  0.734  8.384   1.00 28.18 ? 45  ASP A CA  1 
ATOM   379 C C   . ASP A 1 66 ? -7.647  0.143  7.085   1.00 27.55 ? 45  ASP A C   1 
ATOM   380 O O   . ASP A 1 66 ? -6.469  0.350  6.790   1.00 27.08 ? 45  ASP A O   1 
ATOM   381 C CB  . ASP A 1 66 ? -8.298  -0.358 9.460   1.00 29.74 ? 45  ASP A CB  1 
ATOM   382 C CG  . ASP A 1 66 ? -8.537  0.202  10.857  1.00 31.37 ? 45  ASP A CG  1 
ATOM   383 O OD1 . ASP A 1 66 ? -8.444  1.409  11.062  1.00 33.27 ? 45  ASP A OD1 1 
ATOM   384 O OD2 . ASP A 1 66 ? -8.869  -0.573 11.751  1.00 36.66 ? 45  ASP A OD2 1 
ATOM   385 N N   . ARG A 1 67 ? -8.473  -0.579 6.316   1.00 25.53 ? 46  ARG A N   1 
ATOM   386 C CA  . ARG A 1 67 ? -7.999  -1.038 5.018   1.00 25.70 ? 46  ARG A CA  1 
ATOM   387 C C   . ARG A 1 67 ? -7.499  0.130  4.152   1.00 24.16 ? 46  ARG A C   1 
ATOM   388 O O   . ARG A 1 67 ? -6.453  0.003  3.541   1.00 21.70 ? 46  ARG A O   1 
ATOM   389 C CB  . ARG A 1 67 ? -9.053  -1.825 4.286   1.00 25.47 ? 46  ARG A CB  1 
ATOM   390 C CG  . ARG A 1 67 ? -9.372  -3.136 4.947   1.00 27.04 ? 46  ARG A CG  1 
ATOM   391 C CD  . ARG A 1 67 ? -8.179  -4.114 4.965   1.00 26.00 ? 46  ARG A CD  1 
ATOM   392 N NE  . ARG A 1 67 ? -8.676  -5.419 5.375   1.00 28.15 ? 46  ARG A NE  1 
ATOM   393 C CZ  . ARG A 1 67 ? -7.915  -6.439 5.719   1.00 27.82 ? 46  ARG A CZ  1 
ATOM   394 N NH1 . ARG A 1 67 ? -6.600  -6.333 5.703   1.00 30.55 ? 46  ARG A NH1 1 
ATOM   395 N NH2 . ARG A 1 67 ? -8.464  -7.561 6.064   1.00 28.29 ? 46  ARG A NH2 1 
ATOM   396 N N   . GLU A 1 68 ? -8.237  1.252  4.139   1.00 24.04 ? 47  GLU A N   1 
ATOM   397 C CA  . GLU A 1 68 ? -7.834  2.460  3.383   1.00 24.10 ? 47  GLU A CA  1 
ATOM   398 C C   . GLU A 1 68 ? -6.490  3.018  3.852   1.00 23.92 ? 47  GLU A C   1 
ATOM   399 O O   . GLU A 1 68 ? -5.618  3.345  3.047   1.00 24.66 ? 47  GLU A O   1 
ATOM   400 C CB  . GLU A 1 68 ? -8.902  3.545  3.480   1.00 24.04 ? 47  GLU A CB  1 
ATOM   401 C CG  . GLU A 1 68 ? -10.108 3.296  2.582   1.00 24.76 ? 47  GLU A CG  1 
ATOM   402 C CD  . GLU A 1 68 ? -11.321 4.159  2.932   1.00 25.01 ? 47  GLU A CD  1 
ATOM   403 O OE1 . GLU A 1 68 ? -11.402 4.789  4.027   1.00 27.71 ? 47  GLU A OE1 1 
ATOM   404 O OE2 . GLU A 1 68 ? -12.234 4.190  2.100   1.00 25.55 ? 47  GLU A OE2 1 
ATOM   405 N N   . GLY A 1 69 ? -6.327  3.121  5.165   1.00 24.63 ? 48  GLY A N   1 
ATOM   406 C CA  . GLY A 1 69 ? -5.104  3.631  5.728   1.00 25.47 ? 48  GLY A CA  1 
ATOM   407 C C   . GLY A 1 69 ? -3.925  2.743  5.386   1.00 25.98 ? 48  GLY A C   1 
ATOM   408 O O   . GLY A 1 69 ? -2.844  3.254  5.133   1.00 25.30 ? 48  GLY A O   1 
ATOM   409 N N   . VAL A 1 70 ? -4.131  1.426  5.360   1.00 24.49 ? 49  VAL A N   1 
ATOM   410 C CA  . VAL A 1 70 ? -3.055  0.521  4.953   1.00 25.88 ? 49  VAL A CA  1 
ATOM   411 C C   . VAL A 1 70 ? -2.572  0.791  3.524   1.00 26.04 ? 49  VAL A C   1 
ATOM   412 O O   . VAL A 1 70 ? -1.373  0.896  3.312   1.00 28.01 ? 49  VAL A O   1 
ATOM   413 C CB  . VAL A 1 70 ? -3.426  -0.979 5.127   1.00 26.76 ? 49  VAL A CB  1 
ATOM   414 C CG1 . VAL A 1 70 ? -2.511  -1.875 4.278   1.00 24.82 ? 49  VAL A CG1 1 
ATOM   415 C CG2 . VAL A 1 70 ? -3.408  -1.363 6.638   1.00 24.45 ? 49  VAL A CG2 1 
ATOM   416 N N   . ALA A 1 71 ? -3.495  0.947  2.576   1.00 25.94 ? 50  ALA A N   1 
ATOM   417 C CA  . ALA A 1 71 ? -3.176  1.342  1.194   1.00 26.17 ? 50  ALA A CA  1 
ATOM   418 C C   . ALA A 1 71 ? -2.428  2.682  1.138   1.00 26.73 ? 50  ALA A C   1 
ATOM   419 O O   . ALA A 1 71 ? -1.396  2.790  0.432   1.00 27.42 ? 50  ALA A O   1 
ATOM   420 C CB  . ALA A 1 71 ? -4.436  1.356  0.321   1.00 24.18 ? 50  ALA A CB  1 
ATOM   421 N N   . VAL A 1 72 ? -2.867  3.675  1.929   1.00 27.61 ? 51  VAL A N   1 
ATOM   422 C CA  . VAL A 1 72 ? -2.196  5.001  1.930   1.00 25.19 ? 51  VAL A CA  1 
ATOM   423 C C   . VAL A 1 72 ? -0.771  4.776  2.410   1.00 27.59 ? 51  VAL A C   1 
ATOM   424 O O   . VAL A 1 72 ? 0.174   5.249  1.784   1.00 27.86 ? 51  VAL A O   1 
ATOM   425 C CB  . VAL A 1 72 ? -2.953  6.067  2.752   1.00 27.59 ? 51  VAL A CB  1 
ATOM   426 C CG1 . VAL A 1 72 ? -2.061  7.308  3.134   1.00 26.48 ? 51  VAL A CG1 1 
ATOM   427 C CG2 . VAL A 1 72 ? -4.248  6.477  2.010   1.00 27.69 ? 51  VAL A CG2 1 
ATOM   428 N N   . SER A 1 73 ? -0.582  4.027  3.493   1.00 28.08 ? 52  SER A N   1 
ATOM   429 C CA  . SER A 1 73 ? 0.760   3.879  4.046   1.00 28.03 ? 52  SER A CA  1 
ATOM   430 C C   . SER A 1 73 ? 1.704   3.105  3.125   1.00 26.00 ? 52  SER A C   1 
ATOM   431 O O   . SER A 1 73 ? 2.880   3.429  3.027   1.00 25.86 ? 52  SER A O   1 
ATOM   432 C CB  . SER A 1 73 ? 0.720   3.243  5.422   1.00 32.70 ? 52  SER A CB  1 
ATOM   433 O OG  . SER A 1 73 ? 0.327   1.904  5.304   1.00 41.87 ? 52  SER A OG  1 
ATOM   434 N N   . ILE A 1 74 ? 1.204   2.115  2.406   1.00 23.74 ? 53  ILE A N   1 
ATOM   435 C CA  . ILE A 1 74 ? 2.063   1.413  1.478   1.00 22.85 ? 53  ILE A CA  1 
ATOM   436 C C   . ILE A 1 74 ? 2.484   2.345  0.329   1.00 24.10 ? 53  ILE A C   1 
ATOM   437 O O   . ILE A 1 74 ? 3.658   2.397  -0.066  1.00 23.84 ? 53  ILE A O   1 
ATOM   438 C CB  . ILE A 1 74 ? 1.405   0.135  0.941   1.00 20.69 ? 53  ILE A CB  1 
ATOM   439 C CG1 . ILE A 1 74 ? 1.144   -0.845 2.096   1.00 21.71 ? 53  ILE A CG1 1 
ATOM   440 C CG2 . ILE A 1 74 ? 2.321   -0.456 -0.113  1.00 18.75 ? 53  ILE A CG2 1 
ATOM   441 C CD1 . ILE A 1 74 ? 0.360   -2.117 1.718   1.00 20.54 ? 53  ILE A CD1 1 
ATOM   442 N N   . GLN A 1 75 ? 1.537   3.115  -0.177  1.00 26.92 ? 54  GLN A N   1 
ATOM   443 C CA  . GLN A 1 75 ? 1.844   4.069  -1.221  1.00 28.98 ? 54  GLN A CA  1 
ATOM   444 C C   . GLN A 1 75 ? 2.918   5.080  -0.788  1.00 30.45 ? 54  GLN A C   1 
ATOM   445 O O   . GLN A 1 75 ? 3.821   5.414  -1.598  1.00 29.55 ? 54  GLN A O   1 
ATOM   446 C CB  . GLN A 1 75 ? 0.583   4.795  -1.675  1.00 31.40 ? 54  GLN A CB  1 
ATOM   447 C CG  . GLN A 1 75 ? 0.874   5.860  -2.735  1.00 33.10 ? 54  GLN A CG  1 
ATOM   448 C CD  . GLN A 1 75 ? 1.394   5.224  -4.002  1.00 32.97 ? 54  GLN A CD  1 
ATOM   449 O OE1 . GLN A 1 75 ? 0.634   4.588  -4.707  1.00 34.35 ? 54  GLN A OE1 1 
ATOM   450 N NE2 . GLN A 1 75 ? 2.696   5.393  -4.294  1.00 32.24 ? 54  GLN A NE2 1 
ATOM   451 N N   . ALA A 1 76 ? 2.841   5.544  0.464   1.00 27.54 ? 55  ALA A N   1 
ATOM   452 C CA  . ALA A 1 76 ? 3.877   6.442  0.998   1.00 29.90 ? 55  ALA A CA  1 
ATOM   453 C C   . ALA A 1 76 ? 5.236   5.754  1.060   1.00 30.40 ? 55  ALA A C   1 
ATOM   454 O O   . ALA A 1 76 ? 6.238   6.388  0.782   1.00 33.31 ? 55  ALA A O   1 
ATOM   455 C CB  . ALA A 1 76 ? 3.508   7.002  2.387   1.00 28.65 ? 55  ALA A CB  1 
ATOM   456 N N   . LYS A 1 77 ? 5.287   4.475  1.448   1.00 31.08 ? 56  LYS A N   1 
ATOM   457 C CA  . LYS A 1 77 ? 6.572   3.747  1.475   1.00 31.12 ? 56  LYS A CA  1 
ATOM   458 C C   . LYS A 1 77 ? 7.104   3.571  0.044   1.00 29.60 ? 56  LYS A C   1 
ATOM   459 O O   . LYS A 1 77 ? 8.282   3.746  -0.222  1.00 30.36 ? 56  LYS A O   1 
ATOM   460 C CB  . LYS A 1 77 ? 6.474   2.389  2.218   1.00 32.22 ? 56  LYS A CB  1 
ATOM   461 N N   . ILE A 1 78 ? 6.226   3.247  -0.896  1.00 28.18 ? 57  ILE A N   1 
ATOM   462 C CA  . ILE A 1 78 ? 6.652   3.150  -2.269  1.00 27.45 ? 57  ILE A CA  1 
ATOM   463 C C   . ILE A 1 78 ? 7.236   4.488  -2.742  1.00 28.12 ? 57  ILE A C   1 
ATOM   464 O O   . ILE A 1 78 ? 8.282   4.488  -3.386  1.00 27.60 ? 57  ILE A O   1 
ATOM   465 C CB  . ILE A 1 78 ? 5.520   2.758  -3.216  1.00 26.98 ? 57  ILE A CB  1 
ATOM   466 C CG1 . ILE A 1 78 ? 5.039   1.337  -2.928  1.00 26.82 ? 57  ILE A CG1 1 
ATOM   467 C CG2 . ILE A 1 78 ? 5.953   2.934  -4.674  1.00 25.89 ? 57  ILE A CG2 1 
ATOM   468 C CD1 . ILE A 1 78 ? 3.667   1.091  -3.530  1.00 27.01 ? 57  ILE A CD1 1 
ATOM   469 N N   . ASP A 1 79 ? 6.566   5.601  -2.435  1.00 27.29 ? 58  ASP A N   1 
ATOM   470 C CA  . ASP A 1 79 ? 7.043   6.899  -2.855  1.00 28.19 ? 58  ASP A CA  1 
ATOM   471 C C   . ASP A 1 79 ? 8.438   7.192  -2.344  1.00 28.30 ? 58  ASP A C   1 
ATOM   472 O O   . ASP A 1 79 ? 9.303   7.669  -3.085  1.00 27.23 ? 58  ASP A O   1 
ATOM   473 C CB  . ASP A 1 79 ? 6.112   7.984  -2.380  1.00 31.24 ? 58  ASP A CB  1 
ATOM   474 C CG  . ASP A 1 79 ? 4.793   7.985  -3.126  1.00 32.51 ? 58  ASP A CG  1 
ATOM   475 O OD1 . ASP A 1 79 ? 4.643   7.270  -4.154  1.00 31.98 ? 58  ASP A OD1 1 
ATOM   476 O OD2 . ASP A 1 79 ? 3.917   8.730  -2.662  1.00 35.03 ? 58  ASP A OD2 1 
ATOM   477 N N   . GLU A 1 80 ? 8.663   6.872  -1.085  1.00 28.48 ? 59  GLU A N   1 
ATOM   478 C CA  . GLU A 1 80 ? 9.965   7.081  -0.483  1.00 32.36 ? 59  GLU A CA  1 
ATOM   479 C C   . GLU A 1 80 ? 11.078  6.188  -1.071  1.00 31.10 ? 59  GLU A C   1 
ATOM   480 O O   . GLU A 1 80 ? 12.221  6.638  -1.230  1.00 28.66 ? 59  GLU A O   1 
ATOM   481 C CB  . GLU A 1 80 ? 9.887   6.913  1.055   1.00 37.15 ? 59  GLU A CB  1 
ATOM   482 C CG  . GLU A 1 80 ? 11.167  7.342  1.807   1.00 46.52 ? 59  GLU A CG  1 
ATOM   483 C CD  . GLU A 1 80 ? 11.731  8.727  1.395   1.00 52.92 ? 59  GLU A CD  1 
ATOM   484 O OE1 . GLU A 1 80 ? 10.956  9.725  1.359   1.00 53.94 ? 59  GLU A OE1 1 
ATOM   485 O OE2 . GLU A 1 80 ? 12.962  8.815  1.098   1.00 60.73 ? 59  GLU A OE2 1 
ATOM   486 N N   . LEU A 1 81 ? 10.756  4.922  -1.341  1.00 28.59 ? 60  LEU A N   1 
ATOM   487 C CA  . LEU A 1 81 ? 11.729  3.997  -1.900  1.00 28.93 ? 60  LEU A CA  1 
ATOM   488 C C   . LEU A 1 81 ? 12.093  4.425  -3.288  1.00 28.31 ? 60  LEU A C   1 
ATOM   489 O O   . LEU A 1 81 ? 13.259  4.382  -3.658  1.00 29.13 ? 60  LEU A O   1 
ATOM   490 C CB  . LEU A 1 81 ? 11.171  2.565  -1.944  1.00 28.45 ? 60  LEU A CB  1 
ATOM   491 C CG  . LEU A 1 81 ? 11.054  1.972  -0.531  1.00 30.33 ? 60  LEU A CG  1 
ATOM   492 C CD1 . LEU A 1 81 ? 10.242  0.682  -0.480  1.00 28.14 ? 60  LEU A CD1 1 
ATOM   493 C CD2 . LEU A 1 81 ? 12.432  1.749  0.061   1.00 28.90 ? 60  LEU A CD2 1 
ATOM   494 N N   . LYS A 1 82 ? 11.099  4.852  -4.063  1.00 27.74 ? 61  LYS A N   1 
ATOM   495 C CA  . LYS A 1 82 ? 11.362  5.338  -5.420  1.00 28.93 ? 61  LYS A CA  1 
ATOM   496 C C   . LYS A 1 82 ? 12.155  6.630  -5.440  1.00 28.96 ? 61  LYS A C   1 
ATOM   497 O O   . LYS A 1 82 ? 12.970  6.854  -6.352  1.00 26.09 ? 61  LYS A O   1 
ATOM   498 C CB  . LYS A 1 82 ? 10.074  5.510  -6.184  1.00 30.49 ? 61  LYS A CB  1 
ATOM   499 C CG  . LYS A 1 82 ? 9.467   4.189  -6.616  1.00 32.99 ? 61  LYS A CG  1 
ATOM   500 C CD  . LYS A 1 82 ? 8.100   4.398  -7.257  1.00 36.25 ? 61  LYS A CD  1 
ATOM   501 C CE  . LYS A 1 82 ? 7.822   3.336  -8.320  1.00 41.11 ? 61  LYS A CE  1 
ATOM   502 N NZ  . LYS A 1 82 ? 6.411   3.396  -8.818  1.00 43.53 ? 61  LYS A NZ  1 
ATOM   503 N N   . ARG A 1 83 ? 11.941  7.478  -4.432  1.00 30.91 ? 62  ARG A N   1 
ATOM   504 C CA  . ARG A 1 83 ? 12.757  8.688  -4.292  1.00 32.44 ? 62  ARG A CA  1 
ATOM   505 C C   . ARG A 1 83 ? 14.204  8.317  -4.030  1.00 32.52 ? 62  ARG A C   1 
ATOM   506 O O   . ARG A 1 83 ? 15.092  8.822  -4.718  1.00 28.09 ? 62  ARG A O   1 
ATOM   507 C CB  . ARG A 1 83 ? 12.246  9.599  -3.180  1.00 35.78 ? 62  ARG A CB  1 
ATOM   508 C CG  . ARG A 1 83 ? 13.193  10.745 -2.775  1.00 39.07 ? 62  ARG A CG  1 
ATOM   509 C CD  . ARG A 1 83 ? 12.590  11.499 -1.605  1.00 43.39 ? 62  ARG A CD  1 
ATOM   510 N NE  . ARG A 1 83 ? 11.361  12.150 -2.056  1.00 50.46 ? 62  ARG A NE  1 
ATOM   511 C CZ  . ARG A 1 83 ? 10.107  11.814 -1.735  1.00 54.22 ? 62  ARG A CZ  1 
ATOM   512 N NH1 . ARG A 1 83 ? 9.828   10.811 -0.901  1.00 55.48 ? 62  ARG A NH1 1 
ATOM   513 N NH2 . ARG A 1 83 ? 9.102   12.512 -2.262  1.00 57.63 ? 62  ARG A NH2 1 
ATOM   514 N N   . GLN A 1 84 ? 14.452  7.411  -3.081  1.00 33.30 ? 63  GLN A N   1 
ATOM   515 C CA  . GLN A 1 84 ? 15.822  6.930  -2.887  1.00 35.33 ? 63  GLN A CA  1 
ATOM   516 C C   . GLN A 1 84 ? 16.472  6.418  -4.152  1.00 33.35 ? 63  GLN A C   1 
ATOM   517 O O   . GLN A 1 84 ? 17.658  6.671  -4.398  1.00 33.94 ? 63  GLN A O   1 
ATOM   518 C CB  . GLN A 1 84 ? 15.876  5.813  -1.858  1.00 38.11 ? 63  GLN A CB  1 
ATOM   519 C CG  . GLN A 1 84 ? 15.808  6.360  -0.452  1.00 42.85 ? 63  GLN A CG  1 
ATOM   520 C CD  . GLN A 1 84 ? 15.394  5.300  0.536   1.00 47.16 ? 63  GLN A CD  1 
ATOM   521 O OE1 . GLN A 1 84 ? 14.430  5.493  1.306   1.00 45.43 ? 63  GLN A OE1 1 
ATOM   522 N NE2 . GLN A 1 84 ? 16.106  4.158  0.514   1.00 44.96 ? 63  GLN A NE2 1 
ATOM   523 N N   . LEU A 1 85 ? 15.722  5.646  -4.932  1.00 32.00 ? 64  LEU A N   1 
ATOM   524 C CA  . LEU A 1 85 ? 16.307  4.992  -6.099  1.00 32.26 ? 64  LEU A CA  1 
ATOM   525 C C   . LEU A 1 85 ? 16.659  6.050  -7.138  1.00 31.24 ? 64  LEU A C   1 
ATOM   526 O O   . LEU A 1 85 ? 17.750  6.037  -7.675  1.00 29.81 ? 64  LEU A O   1 
ATOM   527 C CB  . LEU A 1 85 ? 15.378  3.919  -6.678  1.00 34.33 ? 64  LEU A CB  1 
ATOM   528 C CG  . LEU A 1 85 ? 15.909  3.107  -7.884  1.00 37.37 ? 64  LEU A CG  1 
ATOM   529 C CD1 . LEU A 1 85 ? 16.619  1.860  -7.420  1.00 39.47 ? 64  LEU A CD1 1 
ATOM   530 C CD2 . LEU A 1 85 ? 14.805  2.725  -8.853  1.00 39.23 ? 64  LEU A CD2 1 
ATOM   531 N N   . ALA A 1 86 ? 15.725  6.961  -7.408  1.00 32.49 ? 65  ALA A N   1 
ATOM   532 C CA  . ALA A 1 86 ? 15.977  8.081  -8.311  1.00 33.41 ? 65  ALA A CA  1 
ATOM   533 C C   . ALA A 1 86 ? 17.229  8.879  -7.857  1.00 32.80 ? 65  ALA A C   1 
ATOM   534 O O   . ALA A 1 86 ? 18.098  9.139  -8.666  1.00 31.21 ? 65  ALA A O   1 
ATOM   535 C CB  . ALA A 1 86 ? 14.749  8.980  -8.448  1.00 29.71 ? 65  ALA A CB  1 
ATOM   536 N N   . ASP A 1 87 ? 17.343  9.188  -6.566  1.00 36.98 ? 66  ASP A N   1 
ATOM   537 C CA  . ASP A 1 87 ? 18.485  9.966  -6.062  1.00 42.33 ? 66  ASP A CA  1 
ATOM   538 C C   . ASP A 1 87 ? 19.811  9.280  -6.282  1.00 41.23 ? 66  ASP A C   1 
ATOM   539 O O   . ASP A 1 87 ? 20.792  9.938  -6.487  1.00 42.81 ? 66  ASP A O   1 
ATOM   540 C CB  . ASP A 1 87 ? 18.316  10.371 -4.596  1.00 46.40 ? 66  ASP A CB  1 
ATOM   541 C CG  . ASP A 1 87 ? 17.333  11.534 -4.436  1.00 54.23 ? 66  ASP A CG  1 
ATOM   542 O OD1 . ASP A 1 87 ? 17.073  11.981 -3.293  1.00 64.78 ? 66  ASP A OD1 1 
ATOM   543 O OD2 . ASP A 1 87 ? 16.799  12.007 -5.464  1.00 54.37 ? 66  ASP A OD2 1 
ATOM   544 N N   . ARG A 1 88 ? 19.815  7.959  -6.304  1.00 41.16 ? 67  ARG A N   1 
ATOM   545 C CA  . ARG A 1 88 ? 21.031  7.196  -6.493  1.00 40.92 ? 67  ARG A CA  1 
ATOM   546 C C   . ARG A 1 88 ? 21.445  7.035  -7.944  1.00 42.78 ? 67  ARG A C   1 
ATOM   547 O O   . ARG A 1 88 ? 22.628  6.940  -8.234  1.00 43.70 ? 67  ARG A O   1 
ATOM   548 C CB  . ARG A 1 88 ? 20.883  5.860  -5.777  1.00 40.62 ? 67  ARG A CB  1 
ATOM   549 C CG  . ARG A 1 88 ? 20.855  6.135  -4.273  1.00 42.77 ? 67  ARG A CG  1 
ATOM   550 C CD  . ARG A 1 88 ? 20.420  4.968  -3.425  1.00 43.74 ? 67  ARG A CD  1 
ATOM   551 N NE  . ARG A 1 88 ? 21.276  3.817  -3.652  1.00 42.54 ? 67  ARG A NE  1 
ATOM   552 C CZ  . ARG A 1 88 ? 21.337  2.766  -2.839  1.00 42.35 ? 67  ARG A CZ  1 
ATOM   553 N NH1 . ARG A 1 88 ? 20.611  2.718  -1.712  1.00 37.67 ? 67  ARG A NH1 1 
ATOM   554 N NH2 . ARG A 1 88 ? 22.140  1.756  -3.165  1.00 41.39 ? 67  ARG A NH2 1 
ATOM   555 N N   . ILE A 1 89 ? 20.478  7.017  -8.854  1.00 42.11 ? 68  ILE A N   1 
ATOM   556 C CA  . ILE A 1 89 ? 20.780  7.066  -10.286 1.00 41.53 ? 68  ILE A CA  1 
ATOM   557 C C   . ILE A 1 89 ? 21.464  8.407  -10.526 1.00 45.77 ? 68  ILE A C   1 
ATOM   558 O O   . ILE A 1 89 ? 22.506  8.428  -11.136 1.00 43.66 ? 68  ILE A O   1 
ATOM   559 C CB  . ILE A 1 89 ? 19.517  6.838  -11.168 1.00 41.23 ? 68  ILE A CB  1 
ATOM   560 C CG1 . ILE A 1 89 ? 19.045  5.367  -10.984 1.00 41.92 ? 68  ILE A CG1 1 
ATOM   561 C CG2 . ILE A 1 89 ? 19.799  7.154  -12.640 1.00 42.38 ? 68  ILE A CG2 1 
ATOM   562 C CD1 . ILE A 1 89 ? 17.657  5.038  -11.494 1.00 40.85 ? 68  ILE A CD1 1 
ATOM   563 N N   . ALA A 1 90 ? 20.893  9.486  -9.968  1.00 50.18 ? 69  ALA A N   1 
ATOM   564 C CA  . ALA A 1 90 ? 21.469  10.847 -9.964  1.00 55.01 ? 69  ALA A CA  1 
ATOM   565 C C   . ALA A 1 90 ? 22.878  10.988 -9.323  1.00 59.94 ? 69  ALA A C   1 
ATOM   566 O O   . ALA A 1 90 ? 23.802  11.464 -9.984  1.00 65.08 ? 69  ALA A O   1 
ATOM   567 C CB  . ALA A 1 90 ? 20.483  11.807 -9.296  1.00 52.15 ? 69  ALA A CB  1 
ATOM   568 N N   . THR A 1 91 ? 23.017  10.613 -8.042  1.00 66.00 ? 70  THR A N   1 
ATOM   569 C CA  . THR A 1 91 ? 24.317  10.407 -7.352  1.00 65.62 ? 70  THR A CA  1 
ATOM   570 C C   . THR A 1 91 ? 25.449  9.963  -8.268  1.00 66.76 ? 70  THR A C   1 
ATOM   571 O O   . THR A 1 91 ? 25.592  8.769  -8.557  1.00 70.99 ? 70  THR A O   1 
ATOM   572 C CB  . THR A 1 91 ? 24.161  9.333  -6.249  1.00 66.66 ? 70  THR A CB  1 
ATOM   573 O OG1 . THR A 1 91 ? 23.807  9.974  -5.025  1.00 73.23 ? 70  THR A OG1 1 
ATOM   574 C CG2 . THR A 1 91 ? 25.445  8.478  -6.020  1.00 68.11 ? 70  THR A CG2 1 
HETATM 575 O O   . HOH B 2 .  ? 16.435  -6.005 -8.294  1.00 40.87 ? 101 HOH A O   1 
HETATM 576 O O   . HOH B 2 .  ? 15.010  -5.893 -0.773  1.00 34.64 ? 102 HOH A O   1 
HETATM 577 O O   . HOH B 2 .  ? 16.620  -7.868 -1.190  1.00 35.66 ? 103 HOH A O   1 
HETATM 578 O O   . HOH B 2 .  ? 18.158  -8.375 1.002   1.00 31.65 ? 104 HOH A O   1 
HETATM 579 O O   . HOH B 2 .  ? 22.574  -6.965 -4.208  1.00 29.98 ? 105 HOH A O   1 
HETATM 580 O O   . HOH B 2 .  ? 15.975  -8.893 -8.104  1.00 31.66 ? 106 HOH A O   1 
HETATM 581 O O   . HOH B 2 .  ? 10.654  -7.943 -4.812  1.00 35.15 ? 107 HOH A O   1 
HETATM 582 O O   . HOH B 2 .  ? 11.421  -8.109 -7.472  1.00 31.91 ? 108 HOH A O   1 
HETATM 583 O O   . HOH B 2 .  ? 1.159   -1.297 -7.115  1.00 29.49 ? 109 HOH A O   1 
HETATM 584 O O   . HOH B 2 .  ? -6.008  -4.283 -6.543  1.00 23.84 ? 110 HOH A O   1 
HETATM 585 O O   . HOH B 2 .  ? -5.896  -2.319 2.618   1.00 18.61 ? 111 HOH A O   1 
HETATM 586 O O   . HOH B 2 .  ? -4.943  -4.376 4.111   1.00 20.25 ? 112 HOH A O   1 
HETATM 587 O O   . HOH B 2 .  ? -3.516  -6.183 2.675   1.00 26.38 ? 113 HOH A O   1 
HETATM 588 O O   . HOH B 2 .  ? -1.000  -5.565 1.326   1.00 35.79 ? 114 HOH A O   1 
HETATM 589 O O   . HOH B 2 .  ? -12.388 -6.769 -6.506  1.00 39.35 ? 115 HOH A O   1 
HETATM 590 O O   . HOH B 2 .  ? -14.502 -6.987 -5.104  1.00 40.73 ? 116 HOH A O   1 
HETATM 591 O O   . HOH B 2 .  ? -11.644 -6.595 2.800   1.00 36.87 ? 117 HOH A O   1 
HETATM 592 O O   . HOH B 2 .  ? -11.306 -6.478 5.633   1.00 29.71 ? 118 HOH A O   1 
HETATM 593 O O   . HOH B 2 .  ? -15.237 -5.929 5.975   1.00 31.87 ? 119 HOH A O   1 
HETATM 594 O O   . HOH B 2 .  ? -16.032 -3.376 5.792   1.00 24.80 ? 120 HOH A O   1 
HETATM 595 O O   . HOH B 2 .  ? -16.788 -8.241 1.081   1.00 24.14 ? 121 HOH A O   1 
HETATM 596 O O   . HOH B 2 .  ? -16.342 -8.987 -1.509  1.00 39.84 ? 122 HOH A O   1 
HETATM 597 O O   . HOH B 2 .  ? -15.714 -9.342 2.835   1.00 30.07 ? 123 HOH A O   1 
HETATM 598 O O   . HOH B 2 .  ? -14.184 -7.503 3.593   1.00 35.59 ? 124 HOH A O   1 
HETATM 599 O O   . HOH B 2 .  ? -22.235 -4.607 -0.986  1.00 51.03 ? 125 HOH A O   1 
HETATM 600 O O   . HOH B 2 .  ? -4.752  1.367  8.769   1.00 36.18 ? 126 HOH A O   1 
HETATM 601 O O   . HOH B 2 .  ? -8.073  5.678  6.576   1.00 33.06 ? 127 HOH A O   1 
HETATM 602 O O   . HOH B 2 .  ? 0.279   7.669  0.462   1.00 39.71 ? 128 HOH A O   1 
HETATM 603 O O   . HOH B 2 .  ? -2.111  7.149  -1.285  1.00 54.77 ? 129 HOH A O   1 
HETATM 604 O O   . HOH B 2 .  ? 6.439   9.200  1.325   1.00 46.80 ? 130 HOH A O   1 
HETATM 605 O O   . HOH B 2 .  ? 4.567   4.404  5.299   1.00 44.08 ? 131 HOH A O   1 
HETATM 606 O O   . HOH B 2 .  ? 12.377  5.537  -8.746  1.00 27.53 ? 132 HOH A O   1 
HETATM 607 O O   . HOH B 2 .  ? 11.509  3.245  -9.571  1.00 40.60 ? 133 HOH A O   1 
HETATM 608 O O   . HOH B 2 .  ? 10.494  0.617  -9.676  1.00 36.65 ? 134 HOH A O   1 
HETATM 609 O O   . HOH B 2 .  ? 15.176  9.993  0.148   1.00 51.41 ? 135 HOH A O   1 
HETATM 610 O O   . HOH B 2 .  ? 24.140  -1.135 -5.600  1.00 38.28 ? 136 HOH A O   1 
HETATM 611 O O   . HOH B 2 .  ? 9.146   -5.992 1.965   1.00 58.50 ? 137 HOH A O   1 
HETATM 612 O O   . HOH B 2 .  ? 7.180   -5.491 3.456   1.00 56.03 ? 138 HOH A O   1 
HETATM 613 O O   . HOH B 2 .  ? 7.688   0.524  -9.903  1.00 53.88 ? 139 HOH A O   1 
HETATM 614 O O   . HOH B 2 .  ? 7.847   4.763  -11.685 1.00 46.75 ? 140 HOH A O   1 
HETATM 615 O O   . HOH B 2 .  ? 12.331  -4.692 -11.231 1.00 52.43 ? 141 HOH A O   1 
HETATM 616 O O   . HOH B 2 .  ? 2.131   2.126  -7.135  1.00 47.97 ? 142 HOH A O   1 
HETATM 617 O O   . HOH B 2 .  ? 4.006   4.392  -7.404  1.00 52.68 ? 143 HOH A O   1 
HETATM 618 O O   . HOH B 2 .  ? -9.624  -0.198 -3.939  1.00 36.71 ? 144 HOH A O   1 
HETATM 619 O O   . HOH B 2 .  ? -12.011 0.511  -4.282  1.00 49.66 ? 145 HOH A O   1 
HETATM 620 O O   . HOH B 2 .  ? -6.692  4.286  0.547   1.00 43.84 ? 146 HOH A O   1 
HETATM 621 O O   . HOH B 2 .  ? -19.602 -8.461 1.293   1.00 31.98 ? 147 HOH A O   1 
HETATM 622 O O   . HOH B 2 .  ? -20.624 -9.147 3.532   1.00 39.95 ? 148 HOH A O   1 
HETATM 623 O O   . HOH B 2 .  ? -21.342 -7.614 7.672   1.00 38.70 ? 149 HOH A O   1 
HETATM 624 O O   . HOH B 2 .  ? -15.564 -6.649 8.803   1.00 42.34 ? 150 HOH A O   1 
HETATM 625 O O   . HOH B 2 .  ? -22.453 4.113  8.584   1.00 46.92 ? 151 HOH A O   1 
HETATM 626 O O   . HOH B 2 .  ? -21.838 -2.484 -2.353  1.00 52.66 ? 152 HOH A O   1 
HETATM 627 O O   . HOH B 2 .  ? -22.596 -0.835 14.952  1.00 39.38 ? 153 HOH A O   1 
HETATM 628 O O   . HOH B 2 .  ? -20.554 -3.115 14.732  1.00 34.45 ? 154 HOH A O   1 
HETATM 629 O O   . HOH B 2 .  ? -2.268  1.943  8.643   1.00 50.09 ? 155 HOH A O   1 
HETATM 630 O O   . HOH B 2 .  ? -2.286  5.774  6.257   1.00 45.14 ? 156 HOH A O   1 
HETATM 631 O O   . HOH B 2 .  ? -0.226  0.110  7.568   1.00 53.35 ? 157 HOH A O   1 
HETATM 632 O O   . HOH B 2 .  ? -5.911  6.843  5.362   1.00 42.79 ? 158 HOH A O   1 
HETATM 633 O O   . HOH B 2 .  ? 24.679  -5.885 -5.768  1.00 52.49 ? 159 HOH A O   1 
HETATM 634 O O   . HOH B 2 .  ? 16.564  -1.427 -10.408 1.00 52.19 ? 160 HOH A O   1 
HETATM 635 O O   . HOH B 2 .  ? 1.642   -2.773 -9.356  1.00 49.88 ? 161 HOH A O   1 
HETATM 636 O O   . HOH B 2 .  ? 3.846   -2.790 -10.810 1.00 48.54 ? 162 HOH A O   1 
HETATM 637 O O   . HOH B 2 .  ? 5.758   -3.908 -9.684  1.00 42.55 ? 163 HOH A O   1 
HETATM 638 O O   . HOH B 2 .  ? 10.418  4.762  -12.263 1.00 42.60 ? 164 HOH A O   1 
HETATM 639 O O   . HOH B 2 .  ? -24.294 0.792  13.732  1.00 49.62 ? 165 HOH A O   1 
HETATM 640 O O   . HOH B 2 .  ? -21.795 -0.003 17.490  1.00 55.23 ? 166 HOH A O   1 
HETATM 641 O O   . HOH B 2 .  ? -6.136  2.904  10.629  1.00 48.59 ? 167 HOH A O   1 
HETATM 642 O O   . HOH B 2 .  ? -9.244  0.787  14.355  1.00 55.24 ? 168 HOH A O   1 
HETATM 643 O O   . HOH B 2 .  ? -7.338  2.238  -1.779  1.00 49.83 ? 169 HOH A O   1 
HETATM 644 O O   . HOH B 2 .  ? -5.150  4.495  -1.902  1.00 57.88 ? 170 HOH A O   1 
HETATM 645 O O   . HOH B 2 .  ? 1.699   -0.689 5.727   1.00 57.23 ? 171 HOH A O   1 
# 
loop_
_atom_site_anisotrop.id 
_atom_site_anisotrop.type_symbol 
_atom_site_anisotrop.pdbx_label_atom_id 
_atom_site_anisotrop.pdbx_label_alt_id 
_atom_site_anisotrop.pdbx_label_comp_id 
_atom_site_anisotrop.pdbx_label_asym_id 
_atom_site_anisotrop.pdbx_label_seq_id 
_atom_site_anisotrop.pdbx_PDB_ins_code 
_atom_site_anisotrop.U[1][1] 
_atom_site_anisotrop.U[2][2] 
_atom_site_anisotrop.U[3][3] 
_atom_site_anisotrop.U[1][2] 
_atom_site_anisotrop.U[1][3] 
_atom_site_anisotrop.U[2][3] 
_atom_site_anisotrop.pdbx_auth_seq_id 
_atom_site_anisotrop.pdbx_auth_comp_id 
_atom_site_anisotrop.pdbx_auth_asym_id 
_atom_site_anisotrop.pdbx_auth_atom_id 
1   N N   . SER A 21 ? 0.7347 0.9306 0.7693 0.0494  -0.0196 -0.0078 0  SER A N   
2   C CA  . SER A 21 ? 0.7691 0.9765 0.8034 0.0586  -0.0187 0.0118  0  SER A CA  
3   C C   . SER A 21 ? 0.7288 0.9049 0.7653 0.0612  -0.0140 0.0247  0  SER A C   
4   O O   . SER A 21 ? 0.8299 1.0114 0.8705 0.0686  -0.0106 0.0414  0  SER A O   
5   C CB  . SER A 21 ? 0.7337 0.9755 0.7631 0.0633  -0.0201 0.0173  0  SER A CB  
6   O OG  . SER A 21 ? 0.7375 0.9667 0.7620 0.0613  -0.0189 0.0154  0  SER A OG  
7   N N   . MET A 22 ? 0.5781 0.7248 0.6142 0.0550  -0.0127 0.0171  1  MET A N   
8   C CA  . MET A 22 ? 0.5079 0.6282 0.5473 0.0552  -0.0080 0.0244  1  MET A CA  
9   C C   . MET A 22 ? 0.4702 0.5749 0.5139 0.0508  -0.0074 0.0185  1  MET A C   
10  O O   . MET A 22 ? 0.4380 0.5414 0.4804 0.0457  -0.0101 0.0072  1  MET A O   
11  C CB  . MET A 22 ? 0.4920 0.5969 0.5265 0.0514  -0.0071 0.0209  1  MET A CB  
12  C CG  . MET A 22 ? 0.4947 0.6077 0.5269 0.0563  -0.0054 0.0301  1  MET A CG  
13  S SD  . MET A 22 ? 0.5068 0.5984 0.5351 0.0520  -0.0033 0.0275  1  MET A SD  
14  C CE  . MET A 22 ? 0.5732 0.6715 0.5953 0.0465  -0.0080 0.0131  1  MET A CE  
15  N N   . THR A 23 ? 0.4239 0.5177 0.4752 0.0526  -0.0027 0.0256  2  THR A N   
16  C CA  . THR A 23 ? 0.3969 0.4747 0.4514 0.0472  -0.0014 0.0190  2  THR A CA  
17  C C   . THR A 23 ? 0.3663 0.4291 0.4161 0.0412  -0.0009 0.0127  2  THR A C   
18  O O   . THR A 23 ? 0.3667 0.4280 0.4120 0.0414  -0.0007 0.0142  2  THR A O   
19  C CB  . THR A 23 ? 0.3918 0.4624 0.4579 0.0494  0.0050  0.0258  2  THR A CB  
20  O OG1 . THR A 23 ? 0.3735 0.4356 0.4444 0.0507  0.0110  0.0313  2  THR A OG1 
21  C CG2 . THR A 23 ? 0.3823 0.4706 0.4552 0.0568  0.0051  0.0354  2  THR A CG2 
22  N N   . MET A 24 ? 0.3636 0.4179 0.4149 0.0361  -0.0004 0.0069  3  MET A N   
23  C CA  . MET A 24 ? 0.4169 0.4627 0.4651 0.0309  0.0005  0.0032  3  MET A CA  
24  C C   . MET A 24 ? 0.3808 0.4205 0.4312 0.0304  0.0055  0.0058  3  MET A C   
25  O O   . MET A 24 ? 0.3564 0.3936 0.4023 0.0284  0.0055  0.0051  3  MET A O   
26  C CB  . MET A 24 ? 0.4665 0.5097 0.5174 0.0265  0.0010  -0.0014 3  MET A CB  
27  C CG  . MET A 24 ? 0.5745 0.6175 0.6224 0.0227  -0.0002 -0.0034 3  MET A CG  
28  S SD  . MET A 24 ? 0.7373 0.7844 0.7868 0.0240  -0.0034 -0.0061 3  MET A SD  
29  C CE  . MET A 24 ? 0.7111 0.7565 0.7637 0.0203  -0.0014 -0.0045 3  MET A CE  
30  N N   . GLU A 25 ? 0.3514 0.3885 0.4113 0.0318  0.0108  0.0080  4  GLU A N   
31  C CA  . GLU A 25 ? 0.3711 0.4024 0.4389 0.0309  0.0181  0.0089  4  GLU A CA  
32  C C   . GLU A 25 ? 0.3634 0.3956 0.4288 0.0357  0.0183  0.0163  4  GLU A C   
33  O O   . GLU A 25 ? 0.3448 0.3725 0.4107 0.0332  0.0215  0.0145  4  GLU A O   
34  C CB  . GLU A 25 ? 0.4021 0.4308 0.4858 0.0328  0.0256  0.0112  4  GLU A CB  
35  C CG  . GLU A 25 ? 0.4385 0.4659 0.5268 0.0268  0.0276  0.0020  4  GLU A CG  
36  C CD  . GLU A 25 ? 0.4841 0.5159 0.5679 0.0284  0.0217  0.0027  4  GLU A CD  
37  O OE1 . GLU A 25 ? 0.4701 0.5078 0.5498 0.0342  0.0169  0.0094  4  GLU A OE1 
38  O OE2 . GLU A 25 ? 0.5825 0.6146 0.6677 0.0233  0.0223  -0.0047 4  GLU A OE2 
39  N N   . GLU A 26 ? 0.3344 0.3754 0.3976 0.0423  0.0150  0.0239  5  GLU A N   
40  C CA  . GLU A 26 ? 0.3680 0.4143 0.4281 0.0470  0.0149  0.0312  5  GLU A CA  
41  C C   . GLU A 26 ? 0.3875 0.4322 0.4351 0.0430  0.0099  0.0251  5  GLU A C   
42  O O   . GLU A 26 ? 0.3802 0.4217 0.4268 0.0433  0.0120  0.0273  5  GLU A O   
43  C CB  . GLU A 26 ? 0.3729 0.4370 0.4315 0.0541  0.0114  0.0394  5  GLU A CB  
44  C CG  . GLU A 26 ? 0.3690 0.4390 0.4425 0.0615  0.0179  0.0527  5  GLU A CG  
45  C CD  . GLU A 26 ? 0.3611 0.4567 0.4314 0.0686  0.0135  0.0613  5  GLU A CD  
46  O OE1 . GLU A 26 ? 0.3816 0.4867 0.4453 0.0667  0.0071  0.0541  5  GLU A OE1 
47  O OE2 . GLU A 26 ? 0.3867 0.4952 0.4617 0.0760  0.0167  0.0751  5  GLU A OE2 
48  N N   . LEU A 27 ? 0.3849 0.4318 0.4260 0.0395  0.0044  0.0178  6  LEU A N   
49  C CA  . LEU A 27 ? 0.3713 0.4166 0.4050 0.0361  0.0013  0.0132  6  LEU A CA  
50  C C   . LEU A 27 ? 0.3538 0.3901 0.3876 0.0317  0.0044  0.0115  6  LEU A C   
51  O O   . LEU A 27 ? 0.3533 0.3882 0.3832 0.0314  0.0044  0.0124  6  LEU A O   
52  C CB  . LEU A 27 ? 0.3777 0.4261 0.4106 0.0333  -0.0024 0.0067  6  LEU A CB  
53  C CG  . LEU A 27 ? 0.4101 0.4597 0.4409 0.0312  -0.0043 0.0023  6  LEU A CG  
54  C CD1 . LEU A 27 ? 0.3751 0.4314 0.4018 0.0339  -0.0051 0.0034  6  LEU A CD1 
55  C CD2 . LEU A 27 ? 0.4120 0.4666 0.4481 0.0295  -0.0058 -0.0042 6  LEU A CD2 
56  N N   . GLN A 28 ? 0.3192 0.3523 0.3576 0.0279  0.0071  0.0082  7  GLN A N   
57  C CA  . GLN A 28 ? 0.3323 0.3636 0.3716 0.0228  0.0105  0.0047  7  GLN A CA  
58  C C   . GLN A 28 ? 0.3349 0.3621 0.3791 0.0240  0.0160  0.0066  7  GLN A C   
59  O O   . GLN A 28 ? 0.2973 0.3246 0.3389 0.0214  0.0168  0.0050  7  GLN A O   
60  C CB  . GLN A 28 ? 0.3413 0.3751 0.3861 0.0180  0.0134  -0.0010 7  GLN A CB  
61  C CG  . GLN A 28 ? 0.3897 0.4299 0.4348 0.0117  0.0163  -0.0068 7  GLN A CG  
62  C CD  . GLN A 28 ? 0.4155 0.4633 0.4522 0.0104  0.0114  -0.0040 7  GLN A CD  
63  O OE1 . GLN A 28 ? 0.4654 0.5178 0.5011 0.0102  0.0087  -0.0022 7  GLN A OE1 
64  N NE2 . GLN A 28 ? 0.3918 0.4413 0.4252 0.0098  0.0115  -0.0025 7  GLN A NE2 
65  N N   . ARG A 29 ? 0.3012 0.3254 0.3545 0.0285  0.0205  0.0112  8  ARG A N   
66  C CA  . ARG A 29 ? 0.3138 0.3338 0.3757 0.0307  0.0274  0.0152  8  ARG A CA  
67  C C   . ARG A 29 ? 0.3012 0.3230 0.3534 0.0341  0.0234  0.0206  8  ARG A C   
68  O O   . ARG A 29 ? 0.2828 0.3012 0.3369 0.0331  0.0270  0.0205  8  ARG A O   
69  C CB  . ARG A 29 ? 0.3027 0.3211 0.3797 0.0366  0.0343  0.0233  8  ARG A CB  
70  C CG  . ARG A 29 ? 0.3109 0.3249 0.4036 0.0321  0.0423  0.0163  8  ARG A CG  
71  C CD  . ARG A 29 ? 0.3222 0.3333 0.4357 0.0389  0.0522  0.0266  8  ARG A CD  
72  N NE  . ARG A 29 ? 0.3069 0.3254 0.4190 0.0462  0.0480  0.0372  8  ARG A NE  
73  C CZ  . ARG A 29 ? 0.3043 0.3238 0.4201 0.0451  0.0476  0.0342  8  ARG A CZ  
74  N NH1 . ARG A 29 ? 0.3113 0.3258 0.4302 0.0366  0.0498  0.0205  8  ARG A NH1 
75  N NH2 . ARG A 29 ? 0.3054 0.3342 0.4207 0.0522  0.0441  0.0444  8  ARG A NH2 
76  N N   . GLU A 30 ? 0.3247 0.3531 0.3675 0.0374  0.0165  0.0236  9  GLU A N   
77  C CA  . GLU A 30 ? 0.3686 0.4012 0.4032 0.0403  0.0132  0.0271  9  GLU A CA  
78  C C   . GLU A 30 ? 0.3500 0.3786 0.3776 0.0349  0.0108  0.0210  9  GLU A C   
79  O O   . GLU A 30 ? 0.3383 0.3654 0.3635 0.0354  0.0118  0.0229  9  GLU A O   
80  C CB  . GLU A 30 ? 0.3965 0.4412 0.4254 0.0438  0.0073  0.0281  9  GLU A CB  
81  C CG  . GLU A 30 ? 0.4720 0.5282 0.4966 0.0487  0.0060  0.0337  9  GLU A CG  
82  C CD  . GLU A 30 ? 0.5059 0.5657 0.5386 0.0554  0.0120  0.0463  9  GLU A CD  
83  O OE1 . GLU A 30 ? 0.5032 0.5583 0.5476 0.0573  0.0175  0.0514  9  GLU A OE1 
84  O OE2 . GLU A 30 ? 0.5479 0.6158 0.5770 0.0589  0.0120  0.0517  9  GLU A OE2 
85  N N   . ILE A 31 ? 0.3193 0.3479 0.3453 0.0302  0.0084  0.0154  10 ILE A N   
86  C CA  . ILE A 31 ? 0.3230 0.3517 0.3456 0.0258  0.0073  0.0125  10 ILE A CA  
87  C C   . ILE A 31 ? 0.3230 0.3499 0.3490 0.0227  0.0123  0.0106  10 ILE A C   
88  O O   . ILE A 31 ? 0.2940 0.3210 0.3171 0.0219  0.0125  0.0113  10 ILE A O   
89  C CB  . ILE A 31 ? 0.3016 0.3342 0.3247 0.0223  0.0053  0.0097  10 ILE A CB  
90  C CG1 . ILE A 31 ? 0.3083 0.3421 0.3310 0.0245  0.0019  0.0099  10 ILE A CG1 
91  C CG2 . ILE A 31 ? 0.2948 0.3326 0.3169 0.0182  0.0060  0.0097  10 ILE A CG2 
92  C CD1 . ILE A 31 ? 0.2742 0.3104 0.3008 0.0230  0.0010  0.0080  10 ILE A CD1 
93  N N   . ASN A 32 ? 0.3240 0.3505 0.3582 0.0203  0.0172  0.0069  11 ASN A N   
94  C CA  . ASN A 32 ? 0.3381 0.3654 0.3792 0.0156  0.0236  0.0012  11 ASN A CA  
95  C C   . ASN A 32 ? 0.3304 0.3508 0.3755 0.0192  0.0279  0.0055  11 ASN A C   
96  O O   . ASN A 32 ? 0.3161 0.3381 0.3620 0.0159  0.0303  0.0020  11 ASN A O   
97  C CB  . ASN A 32 ? 0.3528 0.3810 0.4064 0.0118  0.0303  -0.0061 11 ASN A CB  
98  C CG  . ASN A 32 ? 0.3989 0.4360 0.4491 0.0079  0.0269  -0.0106 11 ASN A CG  
99  O OD1 . ASN A 32 ? 0.4450 0.4892 0.4852 0.0073  0.0207  -0.0083 11 ASN A OD1 
100 N ND2 . ASN A 32 ? 0.4037 0.4404 0.4645 0.0058  0.0320  -0.0160 11 ASN A ND2 
101 N N   . ALA A 33 ? 0.3031 0.3188 0.3512 0.0262  0.0288  0.0139  12 ALA A N   
102 C CA  . ALA A 33 ? 0.3184 0.3303 0.3708 0.0307  0.0330  0.0208  12 ALA A CA  
103 C C   . ALA A 33 ? 0.3090 0.3227 0.3485 0.0309  0.0274  0.0220  12 ALA A C   
104 O O   . ALA A 33 ? 0.3137 0.3246 0.3557 0.0297  0.0311  0.0215  12 ALA A O   
105 C CB  . ALA A 33 ? 0.3042 0.3179 0.3611 0.0393  0.0342  0.0324  12 ALA A CB  
106 N N   . HIS A 34 ? 0.3116 0.3297 0.3398 0.0317  0.0196  0.0225  13 HIS A N   
107 C CA  . HIS A 34 ? 0.3313 0.3509 0.3506 0.0316  0.0155  0.0229  13 HIS A CA  
108 C C   . HIS A 34 ? 0.3628 0.3828 0.3813 0.0257  0.0160  0.0180  13 HIS A C   
109 O O   . HIS A 34 ? 0.3668 0.3858 0.3833 0.0254  0.0169  0.0189  13 HIS A O   
110 C CB  . HIS A 34 ? 0.3249 0.3496 0.3378 0.0331  0.0096  0.0226  13 HIS A CB  
111 C CG  . HIS A 34 ? 0.3553 0.3869 0.3671 0.0390  0.0086  0.0272  13 HIS A CG  
112 N ND1 . HIS A 34 ? 0.3673 0.4031 0.3833 0.0419  0.0093  0.0302  13 HIS A ND1 
113 C CD2 . HIS A 34 ? 0.3498 0.3892 0.3571 0.0425  0.0072  0.0301  13 HIS A CD2 
114 C CE1 . HIS A 34 ? 0.3606 0.4086 0.3744 0.0475  0.0082  0.0356  13 HIS A CE1 
115 N NE2 . HIS A 34 ? 0.3592 0.4100 0.3674 0.0475  0.0068  0.0348  13 HIS A NE2 
116 N N   . GLU A 35 ? 0.3811 0.4055 0.4017 0.0212  0.0160  0.0131  14 GLU A N   
117 C CA  . GLU A 35 ? 0.3863 0.4185 0.4067 0.0155  0.0168  0.0091  14 GLU A CA  
118 C C   . GLU A 35 ? 0.3752 0.4067 0.4019 0.0127  0.0231  0.0047  14 GLU A C   
119 O O   . GLU A 35 ? 0.3635 0.3998 0.3878 0.0107  0.0230  0.0041  14 GLU A O   
120 C CB  . GLU A 35 ? 0.4269 0.4697 0.4483 0.0113  0.0157  0.0054  14 GLU A CB  
121 C CG  . GLU A 35 ? 0.5160 0.5645 0.5327 0.0124  0.0107  0.0113  14 GLU A CG  
122 C CD  . GLU A 35 ? 0.5730 0.6291 0.5912 0.0113  0.0091  0.0120  14 GLU A CD  
123 O OE1 . GLU A 35 ? 0.6035 0.6643 0.6225 0.0127  0.0071  0.0183  14 GLU A OE1 
124 O OE2 . GLU A 35 ? 0.6439 0.7016 0.6649 0.0091  0.0108  0.0068  14 GLU A OE2 
125 N N   . GLY A 36 ? 0.3571 0.3825 0.3942 0.0131  0.0296  0.0021  15 GLY A N   
126 C CA  . GLY A 36 ? 0.3547 0.3765 0.4029 0.0114  0.0379  -0.0016 15 GLY A CA  
127 C C   . GLY A 36 ? 0.3533 0.3686 0.3977 0.0162  0.0374  0.0060  15 GLY A C   
128 O O   . GLY A 36 ? 0.3216 0.3388 0.3689 0.0129  0.0408  0.0020  15 GLY A O   
129 N N   . GLN A 37 ? 0.3583 0.3688 0.3964 0.0236  0.0335  0.0159  16 GLN A N   
130 C CA  . GLN A 37 ? 0.3773 0.3850 0.4105 0.0284  0.0324  0.0233  16 GLN A CA  
131 C C   . GLN A 37 ? 0.3447 0.3560 0.3677 0.0257  0.0272  0.0211  16 GLN A C   
132 O O   . GLN A 37 ? 0.3306 0.3396 0.3529 0.0266  0.0288  0.0232  16 GLN A O   
133 C CB  . GLN A 37 ? 0.4149 0.4248 0.4421 0.0356  0.0283  0.0319  16 GLN A CB  
134 C CG  . GLN A 37 ? 0.5018 0.5118 0.5392 0.0414  0.0336  0.0399  16 GLN A CG  
135 C CD  . GLN A 37 ? 0.6200 0.6401 0.6489 0.0468  0.0273  0.0455  16 GLN A CD  
136 O OE1 . GLN A 37 ? 0.7536 0.7774 0.7871 0.0496  0.0278  0.0487  16 GLN A OE1 
137 N NE2 . GLN A 37 ? 0.6578 0.6842 0.6753 0.0476  0.0215  0.0452  16 GLN A NE2 
138 N N   . LEU A 38 ? 0.3193 0.3364 0.3360 0.0228  0.0215  0.0185  17 LEU A N   
139 C CA  . LEU A 38 ? 0.3089 0.3309 0.3201 0.0207  0.0180  0.0188  17 LEU A CA  
140 C C   . LEU A 38 ? 0.3168 0.3447 0.3316 0.0157  0.0216  0.0142  17 LEU A C   
141 O O   . LEU A 38 ? 0.2811 0.3091 0.2935 0.0160  0.0214  0.0162  17 LEU A O   
142 C CB  . LEU A 38 ? 0.3002 0.3287 0.3091 0.0195  0.0136  0.0193  17 LEU A CB  
143 C CG  . LEU A 38 ? 0.3164 0.3505 0.3240 0.0188  0.0115  0.0229  17 LEU A CG  
144 C CD1 . LEU A 38 ? 0.3023 0.3292 0.3078 0.0224  0.0109  0.0256  17 LEU A CD1 
145 C CD2 . LEU A 38 ? 0.2959 0.3373 0.3064 0.0182  0.0094  0.0259  17 LEU A CD2 
146 N N   . VAL A 39 ? 0.3183 0.3532 0.3396 0.0106  0.0253  0.0068  18 VAL A N   
147 C CA  . VAL A 39 ? 0.3251 0.3707 0.3517 0.0044  0.0296  -0.0011 18 VAL A CA  
148 C C   . VAL A 39 ? 0.3236 0.3583 0.3560 0.0060  0.0354  -0.0012 18 VAL A C   
149 O O   . VAL A 39 ? 0.3190 0.3585 0.3504 0.0041  0.0358  -0.0023 18 VAL A O   
150 C CB  . VAL A 39 ? 0.3562 0.4132 0.3918 -0.0024 0.0344  -0.0127 18 VAL A CB  
151 C CG1 . VAL A 39 ? 0.3307 0.4025 0.3740 -0.0101 0.0400  -0.0242 18 VAL A CG1 
152 C CG2 . VAL A 39 ? 0.3376 0.4084 0.3671 -0.0038 0.0288  -0.0113 18 VAL A CG2 
153 N N   . ILE A 40 ? 0.3246 0.3459 0.3635 0.0105  0.0397  0.0022  19 ILE A N   
154 C CA  . ILE A 40 ? 0.3285 0.3401 0.3755 0.0133  0.0464  0.0051  19 ILE A CA  
155 C C   . ILE A 40 ? 0.3248 0.3339 0.3598 0.0179  0.0408  0.0134  19 ILE A C   
156 O O   . ILE A 40 ? 0.3268 0.3358 0.3640 0.0163  0.0436  0.0119  19 ILE A O   
157 C CB  . ILE A 40 ? 0.3448 0.3462 0.4033 0.0191  0.0530  0.0114  19 ILE A CB  
158 C CG1 . ILE A 40 ? 0.3774 0.3799 0.4522 0.0141  0.0607  0.0019  19 ILE A CG1 
159 C CG2 . ILE A 40 ? 0.3228 0.3160 0.3922 0.0231  0.0612  0.0175  19 ILE A CG2 
160 C CD1 . ILE A 40 ? 0.3963 0.3898 0.4849 0.0208  0.0675  0.0108  19 ILE A CD1 
161 N N   . ALA A 41 ? 0.3037 0.3125 0.3276 0.0223  0.0335  0.0200  20 ALA A N   
162 C CA  . ALA A 41 ? 0.2989 0.3068 0.3133 0.0256  0.0288  0.0254  20 ALA A CA  
163 C C   . ALA A 41 ? 0.3033 0.3170 0.3147 0.0214  0.0268  0.0227  20 ALA A C   
164 O O   . ALA A 41 ? 0.2957 0.3070 0.3048 0.0229  0.0270  0.0253  20 ALA A O   
165 C CB  . ALA A 41 ? 0.2802 0.2897 0.2871 0.0291  0.0227  0.0288  20 ALA A CB  
166 N N   . ARG A 42 ? 0.3079 0.3318 0.3197 0.0166  0.0249  0.0185  21 ARG A N   
167 C CA  . ARG A 42 ? 0.3298 0.3646 0.3397 0.0135  0.0230  0.0188  21 ARG A CA  
168 C C   . ARG A 42 ? 0.3263 0.3650 0.3414 0.0096  0.0280  0.0130  21 ARG A C   
169 O O   . ARG A 42 ? 0.3162 0.3589 0.3295 0.0093  0.0274  0.0151  21 ARG A O   
170 C CB  . ARG A 42 ? 0.3661 0.4168 0.3760 0.0103  0.0201  0.0185  21 ARG A CB  
171 C CG  . ARG A 42 ? 0.3975 0.4440 0.4050 0.0142  0.0161  0.0248  21 ARG A CG  
172 C CD  . ARG A 42 ? 0.4981 0.5612 0.5076 0.0124  0.0142  0.0287  21 ARG A CD  
173 N NE  . ARG A 42 ? 0.5870 0.6439 0.5985 0.0164  0.0123  0.0354  21 ARG A NE  
174 C CZ  . ARG A 42 ? 0.6987 0.7612 0.7137 0.0168  0.0113  0.0384  21 ARG A CZ  
175 N NH1 . ARG A 42 ? 0.7183 0.7735 0.7390 0.0201  0.0115  0.0427  21 ARG A NH1 
176 N NH2 . ARG A 42 ? 0.6991 0.7752 0.7137 0.0135  0.0110  0.0359  21 ARG A NH2 
177 N N   . GLN A 43 ? 0.3237 0.3612 0.3478 0.0065  0.0342  0.0051  22 GLN A N   
178 C CA  . GLN A 43 ? 0.3572 0.3965 0.3910 0.0023  0.0417  -0.0028 22 GLN A CA  
179 C C   . GLN A 43 ? 0.3520 0.3773 0.3849 0.0075  0.0434  0.0042  22 GLN A C   
180 O O   . GLN A 43 ? 0.3462 0.3755 0.3809 0.0051  0.0453  0.0017  22 GLN A O   
181 C CB  . GLN A 43 ? 0.3943 0.4298 0.4439 -0.0010 0.0510  -0.0121 22 GLN A CB  
182 C CG  . GLN A 43 ? 0.4017 0.4360 0.4670 -0.0052 0.0614  -0.0211 22 GLN A CG  
183 C CD  . GLN A 43 ? 0.4064 0.4630 0.4699 -0.0129 0.0599  -0.0307 22 GLN A CD  
184 O OE1 . GLN A 43 ? 0.4582 0.5342 0.5143 -0.0165 0.0541  -0.0335 22 GLN A OE1 
185 N NE2 . GLN A 43 ? 0.3845 0.4408 0.4543 -0.0148 0.0647  -0.0343 22 GLN A NE2 
186 N N   . LYS A 44 ? 0.3669 0.3791 0.3973 0.0145  0.0428  0.0128  23 LYS A N   
187 C CA  . LYS A 44 ? 0.3615 0.3641 0.3906 0.0200  0.0444  0.0204  23 LYS A CA  
188 C C   . LYS A 44 ? 0.3498 0.3553 0.3674 0.0210  0.0377  0.0242  23 LYS A C   
189 O O   . LYS A 44 ? 0.3431 0.3454 0.3607 0.0223  0.0397  0.0263  23 LYS A O   
190 C CB  . LYS A 44 ? 0.4215 0.4169 0.4517 0.0271  0.0458  0.0289  23 LYS A CB  
191 C CG  . LYS A 44 ? 0.4658 0.4565 0.5140 0.0270  0.0561  0.0275  23 LYS A CG  
192 C CD  . LYS A 44 ? 0.5231 0.5100 0.5745 0.0359  0.0587  0.0404  23 LYS A CD  
193 C CE  . LYS A 44 ? 0.5642 0.5478 0.6333 0.0374  0.0672  0.0421  23 LYS A CE  
194 N NZ  . LYS A 44 ? 0.5009 0.4884 0.5665 0.0462  0.0649  0.0557  23 LYS A NZ  
195 N N   . VAL A 45 ? 0.3254 0.3372 0.3359 0.0202  0.0312  0.0247  24 VAL A N   
196 C CA  . VAL A 45 ? 0.3067 0.3223 0.3122 0.0203  0.0273  0.0278  24 VAL A CA  
197 C C   . VAL A 45 ? 0.3141 0.3390 0.3232 0.0157  0.0294  0.0243  24 VAL A C   
198 O O   . VAL A 45 ? 0.2835 0.3061 0.2911 0.0169  0.0297  0.0271  24 VAL A O   
199 C CB  . VAL A 45 ? 0.3030 0.3244 0.3058 0.0205  0.0222  0.0305  24 VAL A CB  
200 C CG1 . VAL A 45 ? 0.2883 0.3138 0.2918 0.0208  0.0208  0.0350  24 VAL A CG1 
201 C CG2 . VAL A 45 ? 0.2906 0.3052 0.2907 0.0244  0.0203  0.0319  24 VAL A CG2 
202 N N   . ARG A 46 ? 0.3289 0.3666 0.3429 0.0100  0.0312  0.0173  25 ARG A N   
203 C CA  A ARG A 46 ? 0.3252 0.3787 0.3429 0.0046  0.0331  0.0121  25 ARG A CA  
204 C CA  B ARG A 46 ? 0.3286 0.3818 0.3461 0.0047  0.0331  0.0123  25 ARG A CA  
205 C C   . ARG A 46 ? 0.3352 0.3786 0.3582 0.0045  0.0390  0.0089  25 ARG A C   
206 O O   . ARG A 46 ? 0.3505 0.3981 0.3726 0.0040  0.0388  0.0104  25 ARG A O   
207 C CB  A ARG A 46 ? 0.3230 0.3965 0.3467 -0.0027 0.0354  0.0015  25 ARG A CB  
208 C CB  B ARG A 46 ? 0.3309 0.4048 0.3540 -0.0024 0.0349  0.0023  25 ARG A CB  
209 C CG  A ARG A 46 ? 0.3082 0.4010 0.3276 -0.0037 0.0299  0.0054  25 ARG A CG  
210 C CG  B ARG A 46 ? 0.3218 0.4210 0.3477 -0.0085 0.0357  -0.0033 25 ARG A CG  
211 C CD  A ARG A 46 ? 0.2986 0.4166 0.3236 -0.0117 0.0325  -0.0069 25 ARG A CD  
212 C CD  B ARG A 46 ? 0.3180 0.4366 0.3381 -0.0066 0.0293  0.0078  25 ARG A CD  
213 N NE  A ARG A 46 ? 0.2756 0.3840 0.3052 -0.0132 0.0358  -0.0143 25 ARG A NE  
214 N NE  B ARG A 46 ? 0.3026 0.4508 0.3256 -0.0117 0.0300  0.0043  25 ARG A NE  
215 C CZ  A ARG A 46 ? 0.2664 0.3681 0.2914 -0.0095 0.0320  -0.0080 25 ARG A CZ  
216 C CZ  B ARG A 46 ? 0.3063 0.4554 0.3288 -0.0097 0.0294  0.0103  25 ARG A CZ  
217 N NH1 A ARG A 46 ? 0.2794 0.3829 0.2973 -0.0048 0.0258  0.0045  25 ARG A NH1 
218 N NH1 B ARG A 46 ? 0.3145 0.4363 0.3340 -0.0032 0.0286  0.0189  25 ARG A NH1 
219 N NH2 A ARG A 46 ? 0.2703 0.3638 0.3004 -0.0107 0.0354  -0.0145 25 ARG A NH2 
220 N NH2 B ARG A 46 ? 0.3006 0.4806 0.3261 -0.0145 0.0299  0.0068  25 ARG A NH2 
221 N N   . ASP A 47 ? 0.3615 0.3926 0.3920 0.0054  0.0452  0.0055  26 ASP A N   
222 C CA  . ASP A 47 ? 0.3994 0.4205 0.4387 0.0060  0.0527  0.0041  26 ASP A CA  
223 C C   . ASP A 47 ? 0.4042 0.4150 0.4350 0.0124  0.0498  0.0148  26 ASP A C   
224 O O   . ASP A 47 ? 0.3772 0.3869 0.4112 0.0116  0.0531  0.0138  26 ASP A O   
225 C CB  . ASP A 47 ? 0.3930 0.4030 0.4465 0.0070  0.0619  0.0018  26 ASP A CB  
226 C CG  . ASP A 47 ? 0.4383 0.4599 0.5064 -0.0019 0.0687  -0.0139 26 ASP A CG  
227 O OD1 . ASP A 47 ? 0.4106 0.4260 0.4897 -0.0015 0.0743  -0.0158 26 ASP A OD1 
228 O OD2 . ASP A 47 ? 0.4373 0.4772 0.5073 -0.0096 0.0687  -0.0249 26 ASP A OD2 
229 N N   . ALA A 48 ? 0.3516 0.3569 0.3725 0.0180  0.0441  0.0230  27 ALA A N   
230 C CA  . ALA A 48 ? 0.3471 0.3460 0.3609 0.0233  0.0418  0.0306  27 ALA A CA  
231 C C   . ALA A 48 ? 0.3312 0.3368 0.3410 0.0210  0.0380  0.0307  27 ALA A C   
232 O O   . ALA A 48 ? 0.3510 0.3524 0.3592 0.0230  0.0390  0.0336  27 ALA A O   
233 C CB  . ALA A 48 ? 0.2926 0.2886 0.2994 0.0285  0.0378  0.0363  27 ALA A CB  
234 N N   . GLU A 49 ? 0.3402 0.3574 0.3496 0.0174  0.0345  0.0287  28 GLU A N   
235 C CA  . GLU A 49 ? 0.3759 0.4040 0.3850 0.0157  0.0321  0.0311  28 GLU A CA  
236 C C   . GLU A 49 ? 0.4006 0.4344 0.4141 0.0122  0.0359  0.0270  28 GLU A C   
237 O O   . GLU A 49 ? 0.3672 0.4001 0.3800 0.0136  0.0356  0.0308  28 GLU A O   
238 C CB  . GLU A 49 ? 0.3989 0.4448 0.4095 0.0126  0.0290  0.0317  28 GLU A CB  
239 C CG  . GLU A 49 ? 0.4530 0.4963 0.4620 0.0161  0.0252  0.0381  28 GLU A CG  
240 C CD  . GLU A 49 ? 0.4587 0.5207 0.4700 0.0138  0.0231  0.0400  28 GLU A CD  
241 O OE1 . GLU A 49 ? 0.4889 0.5712 0.5023 0.0090  0.0238  0.0361  28 GLU A OE1 
242 O OE2 . GLU A 49 ? 0.4679 0.5270 0.4805 0.0165  0.0213  0.0451  28 GLU A OE2 
243 N N   . LYS A 50 ? 0.4350 0.4754 0.4550 0.0073  0.0402  0.0177  29 LYS A N   
244 C CA  . LYS A 50 ? 0.4675 0.5161 0.4945 0.0026  0.0449  0.0106  29 LYS A CA  
245 C C   . LYS A 50 ? 0.4530 0.4826 0.4823 0.0063  0.0497  0.0130  29 LYS A C   
246 O O   . LYS A 50 ? 0.4554 0.4871 0.4858 0.0055  0.0509  0.0131  29 LYS A O   
247 C CB  . LYS A 50 ? 0.5077 0.5705 0.5447 -0.0051 0.0499  -0.0030 29 LYS A CB  
248 C CG  . LYS A 50 ? 0.5634 0.6527 0.5965 -0.0087 0.0443  -0.0039 29 LYS A CG  
249 C CD  . LYS A 50 ? 0.6113 0.7114 0.6508 -0.0145 0.0474  -0.0155 29 LYS A CD  
250 C CE  . LYS A 50 ? 0.6678 0.7875 0.7203 -0.0240 0.0548  -0.0332 29 LYS A CE  
251 N NZ  . LYS A 50 ? 0.6793 0.8223 0.7370 -0.0313 0.0563  -0.0457 29 LYS A NZ  
252 N N   . GLN A 51 ? 0.4427 0.4560 0.4723 0.0110  0.0521  0.0169  30 GLN A N   
253 C CA  . GLN A 51 ? 0.4709 0.4703 0.5032 0.0157  0.0571  0.0220  30 GLN A CA  
254 C C   . GLN A 51 ? 0.4522 0.4495 0.4739 0.0195  0.0518  0.0293  30 GLN A C   
255 O O   . GLN A 51 ? 0.4765 0.4698 0.5001 0.0205  0.0549  0.0308  30 GLN A O   
256 C CB  . GLN A 51 ? 0.4757 0.4644 0.5097 0.0214  0.0599  0.0281  30 GLN A CB  
257 C CG  . GLN A 51 ? 0.5242 0.5040 0.5591 0.0279  0.0640  0.0372  30 GLN A CG  
258 C CD  . GLN A 51 ? 0.5610 0.5340 0.6089 0.0321  0.0730  0.0425  30 GLN A CD  
259 O OE1 . GLN A 51 ? 0.5924 0.5647 0.6535 0.0286  0.0788  0.0363  30 GLN A OE1 
260 N NE2 . GLN A 51 ? 0.6194 0.5901 0.6654 0.0399  0.0750  0.0547  30 GLN A NE2 
261 N N   . TYR A 52 ? 0.4188 0.4189 0.4320 0.0212  0.0449  0.0330  31 TYR A N   
262 C CA  . TYR A 52 ? 0.4326 0.4309 0.4398 0.0240  0.0414  0.0380  31 TYR A CA  
263 C C   . TYR A 52 ? 0.4446 0.4509 0.4548 0.0208  0.0412  0.0374  31 TYR A C   
264 O O   . TYR A 52 ? 0.4144 0.4163 0.4235 0.0226  0.0421  0.0401  31 TYR A O   
265 C CB  . TYR A 52 ? 0.4114 0.4120 0.4144 0.0255  0.0361  0.0403  31 TYR A CB  
266 C CG  . TYR A 52 ? 0.4015 0.4019 0.4043 0.0269  0.0345  0.0434  31 TYR A CG  
267 C CD1 . TYR A 52 ? 0.4128 0.4074 0.4127 0.0298  0.0357  0.0438  31 TYR A CD1 
268 C CD2 . TYR A 52 ? 0.4047 0.4131 0.4128 0.0253  0.0329  0.0463  31 TYR A CD2 
269 C CE1 . TYR A 52 ? 0.4132 0.4077 0.4159 0.0303  0.0359  0.0441  31 TYR A CE1 
270 C CE2 . TYR A 52 ? 0.4021 0.4090 0.4151 0.0268  0.0338  0.0494  31 TYR A CE2 
271 C CZ  . TYR A 52 ? 0.4158 0.4146 0.4263 0.0287  0.0355  0.0469  31 TYR A CZ  
272 O OH  . TYR A 52 ? 0.4614 0.4586 0.4791 0.0293  0.0378  0.0473  31 TYR A OH  
273 N N   . GLU A 53 ? 0.4666 0.4872 0.4804 0.0162  0.0402  0.0340  32 GLU A N   
274 C CA  . GLU A 53 ? 0.5338 0.5684 0.5507 0.0135  0.0397  0.0348  32 GLU A CA  
275 C C   . GLU A 53 ? 0.5114 0.5456 0.5331 0.0106  0.0449  0.0288  32 GLU A C   
276 O O   . GLU A 53 ? 0.5052 0.5434 0.5281 0.0105  0.0450  0.0311  32 GLU A O   
277 C CB  . GLU A 53 ? 0.5769 0.6349 0.5963 0.0095  0.0370  0.0341  32 GLU A CB  
278 C CG  . GLU A 53 ? 0.6390 0.7030 0.6584 0.0130  0.0329  0.0449  32 GLU A CG  
279 C CD  . GLU A 53 ? 0.7166 0.7978 0.7369 0.0112  0.0303  0.0459  32 GLU A CD  
280 O OE1 . GLU A 53 ? 0.7521 0.8415 0.7719 0.0066  0.0312  0.0364  32 GLU A OE1 
281 O OE2 . GLU A 53 ? 0.8516 0.9384 0.8753 0.0144  0.0284  0.0561  32 GLU A OE2 
282 N N   . LYS A 54 ? 0.5505 0.5797 0.5777 0.0083  0.0503  0.0210  33 LYS A N   
283 C CA  . LYS A 54 ? 0.5888 0.6135 0.6244 0.0063  0.0575  0.0154  33 LYS A CA  
284 C C   . LYS A 54 ? 0.6148 0.6228 0.6460 0.0125  0.0584  0.0239  33 LYS A C   
285 O O   . LYS A 54 ? 0.6331 0.6416 0.6670 0.0116  0.0607  0.0235  33 LYS A O   
286 C CB  . LYS A 54 ? 0.5470 0.5671 0.5949 0.0032  0.0660  0.0065  33 LYS A CB  
287 N N   . ASP A 55 ? 0.6193 0.6159 0.6438 0.0184  0.0563  0.0311  34 ASP A N   
288 C CA  . ASP A 55 ? 0.5957 0.5818 0.6159 0.0239  0.0576  0.0381  34 ASP A CA  
289 C C   . ASP A 55 ? 0.5009 0.4853 0.5113 0.0282  0.0520  0.0433  34 ASP A C   
290 O O   . ASP A 55 ? 0.4721 0.4539 0.4802 0.0315  0.0520  0.0459  34 ASP A O   
291 C CB  . ASP A 55 ? 0.6433 0.6202 0.6713 0.0269  0.0658  0.0403  34 ASP A CB  
292 C CG  . ASP A 55 ? 0.7612 0.7327 0.7891 0.0307  0.0694  0.0459  34 ASP A CG  
293 O OD1 . ASP A 55 ? 0.8746 0.8408 0.9143 0.0314  0.0784  0.0466  34 ASP A OD1 
294 O OD2 . ASP A 55 ? 0.6835 0.6563 0.7016 0.0326  0.0646  0.0489  34 ASP A OD2 
295 N N   . PRO A 56 ? 0.4247 0.4121 0.4318 0.0279  0.0481  0.0445  35 PRO A N   
296 C CA  . PRO A 56 ? 0.4206 0.4084 0.4230 0.0301  0.0441  0.0459  35 PRO A CA  
297 C C   . PRO A 56 ? 0.3934 0.3785 0.3909 0.0340  0.0451  0.0473  35 PRO A C   
298 O O   . PRO A 56 ? 0.3978 0.3844 0.3957 0.0340  0.0440  0.0459  35 PRO A O   
299 C CB  . PRO A 56 ? 0.4066 0.4002 0.4135 0.0279  0.0417  0.0468  35 PRO A CB  
300 C CG  . PRO A 56 ? 0.4075 0.4039 0.4181 0.0259  0.0439  0.0473  35 PRO A CG  
301 C CD  . PRO A 56 ? 0.4320 0.4247 0.4428 0.0252  0.0479  0.0441  35 PRO A CD  
302 N N   . ASP A 57 ? 0.3970 0.3812 0.3923 0.0375  0.0480  0.0503  36 ASP A N   
303 C CA  . ASP A 57 ? 0.4119 0.4011 0.4017 0.0415  0.0489  0.0526  36 ASP A CA  
304 C C   . ASP A 57 ? 0.4464 0.4438 0.4316 0.0427  0.0454  0.0504  36 ASP A C   
305 O O   . ASP A 57 ? 0.4242 0.4200 0.4108 0.0407  0.0425  0.0480  36 ASP A O   
306 C CB  . ASP A 57 ? 0.4300 0.4191 0.4210 0.0460  0.0546  0.0601  36 ASP A CB  
307 C CG  . ASP A 57 ? 0.4367 0.4245 0.4328 0.0485  0.0577  0.0651  36 ASP A CG  
308 O OD1 . ASP A 57 ? 0.4475 0.4373 0.4421 0.0477  0.0543  0.0630  36 ASP A OD1 
309 O OD2 . ASP A 57 ? 0.4616 0.4457 0.4658 0.0512  0.0648  0.0715  36 ASP A OD2 
310 N N   . GLU A 58 ? 0.4734 0.4823 0.4533 0.0456  0.0457  0.0506  37 GLU A N   
311 C CA  . GLU A 58 ? 0.4704 0.4916 0.4469 0.0455  0.0427  0.0454  37 GLU A CA  
312 C C   . GLU A 58 ? 0.4438 0.4685 0.4188 0.0486  0.0417  0.0510  37 GLU A C   
313 O O   . GLU A 58 ? 0.4243 0.4524 0.3987 0.0471  0.0384  0.0463  37 GLU A O   
314 C CB  . GLU A 58 ? 0.5132 0.5530 0.4849 0.0470  0.0436  0.0423  37 GLU A CB  
315 C CG  . GLU A 58 ? 0.5921 0.6308 0.5680 0.0427  0.0450  0.0326  37 GLU A CG  
316 C CD  . GLU A 58 ? 0.6368 0.6710 0.6212 0.0376  0.0439  0.0222  37 GLU A CD  
317 O OE1 . GLU A 58 ? 0.7149 0.7585 0.6990 0.0368  0.0420  0.0168  37 GLU A OE1 
318 O OE2 . GLU A 58 ? 0.6242 0.6460 0.6175 0.0348  0.0456  0.0205  37 GLU A OE2 
319 N N   . LEU A 59 ? 0.4001 0.4233 0.3766 0.0532  0.0456  0.0614  38 LEU A N   
320 C CA  . LEU A 59 ? 0.3937 0.4205 0.3720 0.0567  0.0463  0.0679  38 LEU A CA  
321 C C   . LEU A 59 ? 0.3702 0.3829 0.3537 0.0524  0.0447  0.0633  38 LEU A C   
322 O O   . LEU A 59 ? 0.3515 0.3673 0.3345 0.0529  0.0425  0.0631  38 LEU A O   
323 C CB  . LEU A 59 ? 0.4104 0.4398 0.3947 0.0634  0.0534  0.0820  38 LEU A CB  
324 C CG  . LEU A 59 ? 0.4430 0.4971 0.4227 0.0705  0.0547  0.0919  38 LEU A CG  
325 C CD1 . LEU A 59 ? 0.4000 0.4549 0.3899 0.0777  0.0640  0.1088  38 LEU A CD1 
326 C CD2 . LEU A 59 ? 0.4328 0.5042 0.4084 0.0727  0.0509  0.0930  38 LEU A CD2 
327 N N   . ASN A 60 ? 0.3595 0.3597 0.3476 0.0482  0.0460  0.0598  39 ASN A N   
328 C CA  . ASN A 60 ? 0.3711 0.3639 0.3638 0.0436  0.0447  0.0550  39 ASN A CA  
329 C C   . ASN A 60 ? 0.3728 0.3683 0.3617 0.0404  0.0385  0.0488  39 ASN A C   
330 O O   . ASN A 60 ? 0.3828 0.3783 0.3729 0.0388  0.0365  0.0469  39 ASN A O   
331 C CB  . ASN A 60 ? 0.3641 0.3499 0.3633 0.0397  0.0479  0.0524  39 ASN A CB  
332 C CG  . ASN A 60 ? 0.3714 0.3520 0.3808 0.0411  0.0560  0.0557  39 ASN A CG  
333 O OD1 . ASN A 60 ? 0.3911 0.3722 0.4052 0.0450  0.0596  0.0612  39 ASN A OD1 
334 N ND2 . ASN A 60 ? 0.3890 0.3658 0.4053 0.0376  0.0599  0.0522  39 ASN A ND2 
335 N N   . LYS A 61 ? 0.4079 0.4062 0.3945 0.0396  0.0369  0.0458  40 LYS A N   
336 C CA  . LYS A 61 ? 0.4201 0.4211 0.4081 0.0372  0.0337  0.0402  40 LYS A CA  
337 C C   . LYS A 61 ? 0.4130 0.4217 0.3979 0.0388  0.0316  0.0382  40 LYS A C   
338 O O   . LYS A 61 ? 0.3862 0.3940 0.3736 0.0370  0.0294  0.0360  40 LYS A O   
339 C CB  . LYS A 61 ? 0.4602 0.4633 0.4501 0.0364  0.0352  0.0365  40 LYS A CB  
340 C CG  . LYS A 61 ? 0.5292 0.5345 0.5270 0.0336  0.0350  0.0298  40 LYS A CG  
341 C CD  . LYS A 61 ? 0.5406 0.5497 0.5432 0.0324  0.0384  0.0234  40 LYS A CD  
342 C CE  . LYS A 61 ? 0.5671 0.5680 0.5787 0.0310  0.0410  0.0266  40 LYS A CE  
343 N NZ  . LYS A 61 ? 0.6103 0.6139 0.6284 0.0296  0.0454  0.0200  40 LYS A NZ  
344 N N   . ARG A 62 ? 0.4144 0.4336 0.3940 0.0423  0.0324  0.0397  41 ARG A N   
345 C CA  . ARG A 62 ? 0.4269 0.4592 0.4030 0.0443  0.0303  0.0383  41 ARG A CA  
346 C C   . ARG A 62 ? 0.4109 0.4378 0.3880 0.0455  0.0294  0.0431  41 ARG A C   
347 O O   . ARG A 62 ? 0.4043 0.4346 0.3818 0.0443  0.0267  0.0392  41 ARG A O   
348 C CB  . ARG A 62 ? 0.4773 0.5269 0.4478 0.0491  0.0318  0.0430  41 ARG A CB  
349 C CG  . ARG A 62 ? 0.5379 0.6081 0.5044 0.0521  0.0299  0.0437  41 ARG A CG  
350 C CD  . ARG A 62 ? 0.6296 0.7187 0.5921 0.0591  0.0326  0.0557  41 ARG A CD  
351 N NE  . ARG A 62 ? 0.6737 0.7503 0.6417 0.0640  0.0370  0.0703  41 ARG A NE  
352 C CZ  . ARG A 62 ? 0.7909 0.8817 0.7610 0.0718  0.0411  0.0856  41 ARG A CZ  
353 N NH1 . ARG A 62 ? 0.7932 0.9156 0.7572 0.0760  0.0401  0.0894  41 ARG A NH1 
354 N NH2 . ARG A 62 ? 0.8077 0.8837 0.7886 0.0755  0.0475  0.0972  41 ARG A NH2 
355 N N   . THR A 63 ? 0.3783 0.3969 0.3583 0.0473  0.0328  0.0504  42 THR A N   
356 C CA  . THR A 63 ? 0.3835 0.3972 0.3678 0.0479  0.0338  0.0535  42 THR A CA  
357 C C   . THR A 63 ? 0.3491 0.3558 0.3355 0.0424  0.0307  0.0467  42 THR A C   
358 O O   . THR A 63 ? 0.3553 0.3635 0.3424 0.0423  0.0290  0.0460  42 THR A O   
359 C CB  . THR A 63 ? 0.4025 0.4086 0.3945 0.0499  0.0406  0.0603  42 THR A CB  
360 O OG1 . THR A 63 ? 0.4778 0.4935 0.4696 0.0565  0.0443  0.0703  42 THR A OG1 
361 C CG2 . THR A 63 ? 0.4082 0.4085 0.4085 0.0489  0.0434  0.0605  42 THR A CG2 
362 N N   . LEU A 64 ? 0.3357 0.3377 0.3237 0.0386  0.0301  0.0433  43 LEU A N   
363 C CA  . LEU A 64 ? 0.3230 0.3241 0.3140 0.0345  0.0274  0.0398  43 LEU A CA  
364 C C   . LEU A 64 ? 0.3069 0.3121 0.2975 0.0345  0.0243  0.0365  43 LEU A C   
365 O O   . LEU A 64 ? 0.3079 0.3140 0.3000 0.0333  0.0225  0.0356  43 LEU A O   
366 C CB  . LEU A 64 ? 0.3197 0.3196 0.3139 0.0317  0.0279  0.0396  43 LEU A CB  
367 C CG  . LEU A 64 ? 0.2984 0.3024 0.2974 0.0287  0.0260  0.0397  43 LEU A CG  
368 C CD1 . LEU A 64 ? 0.2682 0.2762 0.2678 0.0266  0.0251  0.0386  43 LEU A CD1 
369 C CD2 . LEU A 64 ? 0.2866 0.2931 0.2893 0.0270  0.0275  0.0420  43 LEU A CD2 
370 N N   . THR A 65 ? 0.2979 0.3072 0.2877 0.0353  0.0244  0.0335  44 THR A N   
371 C CA  . THR A 65 ? 0.3122 0.3270 0.3056 0.0341  0.0233  0.0271  44 THR A CA  
372 C C   . THR A 65 ? 0.3316 0.3533 0.3209 0.0360  0.0211  0.0264  44 THR A C   
373 O O   . THR A 65 ? 0.3179 0.3404 0.3111 0.0344  0.0198  0.0227  44 THR A O   
374 C CB  . THR A 65 ? 0.3145 0.3356 0.3102 0.0335  0.0254  0.0207  44 THR A CB  
375 O OG1 . THR A 65 ? 0.3034 0.3172 0.3053 0.0320  0.0280  0.0222  44 THR A OG1 
376 C CG2 . THR A 65 ? 0.3045 0.3333 0.3076 0.0311  0.0260  0.0105  44 THR A CG2 
377 N N   . ASP A 66 ? 0.3382 0.3651 0.3211 0.0399  0.0214  0.0314  45 ASP A N   
378 C CA  . ASP A 66 ? 0.3518 0.3870 0.3319 0.0429  0.0201  0.0338  45 ASP A CA  
379 C C   . ASP A 66 ? 0.3461 0.3713 0.3292 0.0419  0.0197  0.0365  45 ASP A C   
380 O O   . ASP A 66 ? 0.3387 0.3675 0.3224 0.0417  0.0176  0.0343  45 ASP A O   
381 C CB  . ASP A 66 ? 0.3694 0.4147 0.3457 0.0486  0.0223  0.0424  45 ASP A CB  
382 C CG  . ASP A 66 ? 0.3855 0.4493 0.3572 0.0497  0.0220  0.0390  45 ASP A CG  
383 O OD1 . ASP A 66 ? 0.4072 0.4767 0.3801 0.0455  0.0206  0.0276  45 ASP A OD1 
384 O OD2 . ASP A 66 ? 0.4500 0.5240 0.4190 0.0546  0.0243  0.0475  45 ASP A OD2 
385 N N   . ARG A 67 ? 0.3229 0.3380 0.3090 0.0406  0.0223  0.0397  46 ARG A N   
386 C CA  . ARG A 67 ? 0.3257 0.3352 0.3157 0.0382  0.0225  0.0391  46 ARG A CA  
387 C C   . ARG A 67 ? 0.3054 0.3158 0.2966 0.0347  0.0189  0.0344  46 ARG A C   
388 O O   . ARG A 67 ? 0.2737 0.2849 0.2660 0.0341  0.0177  0.0335  46 ARG A O   
389 C CB  . ARG A 67 ? 0.3234 0.3268 0.3178 0.0356  0.0262  0.0395  46 ARG A CB  
390 C CG  . ARG A 67 ? 0.3427 0.3433 0.3414 0.0390  0.0319  0.0445  46 ARG A CG  
391 C CD  . ARG A 67 ? 0.3275 0.3285 0.3320 0.0421  0.0352  0.0484  46 ARG A CD  
392 N NE  . ARG A 67 ? 0.3526 0.3495 0.3675 0.0450  0.0436  0.0543  46 ARG A NE  
393 C CZ  . ARG A 67 ? 0.3451 0.3421 0.3698 0.0498  0.0495  0.0618  46 ARG A CZ  
394 N NH1 . ARG A 67 ? 0.3784 0.3806 0.4018 0.0520  0.0469  0.0639  46 ARG A NH1 
395 N NH2 . ARG A 67 ? 0.3480 0.3406 0.3863 0.0526  0.0590  0.0680  46 ARG A NH2 
396 N N   . GLU A 68 ? 0.3033 0.3138 0.2964 0.0329  0.0183  0.0326  47 GLU A N   
397 C CA  . GLU A 68 ? 0.3017 0.3134 0.3007 0.0306  0.0171  0.0307  47 GLU A CA  
398 C C   . GLU A 68 ? 0.2977 0.3133 0.2977 0.0313  0.0157  0.0261  47 GLU A C   
399 O O   . GLU A 68 ? 0.3058 0.3218 0.3094 0.0302  0.0146  0.0257  47 GLU A O   
400 C CB  . GLU A 68 ? 0.2990 0.3099 0.3045 0.0295  0.0190  0.0311  47 GLU A CB  
401 C CG  . GLU A 68 ? 0.3074 0.3188 0.3147 0.0281  0.0199  0.0363  47 GLU A CG  
402 C CD  . GLU A 68 ? 0.3088 0.3192 0.3223 0.0282  0.0225  0.0382  47 GLU A CD  
403 O OE1 . GLU A 68 ? 0.3429 0.3510 0.3591 0.0288  0.0243  0.0338  47 GLU A OE1 
404 O OE2 . GLU A 68 ? 0.3132 0.3277 0.3299 0.0272  0.0232  0.0436  47 GLU A OE2 
405 N N   . GLY A 69 ? 0.3058 0.3271 0.3029 0.0329  0.0158  0.0223  48 GLY A N   
406 C CA  . GLY A 69 ? 0.3131 0.3432 0.3113 0.0329  0.0147  0.0158  48 GLY A CA  
407 C C   . GLY A 69 ? 0.3204 0.3525 0.3141 0.0350  0.0124  0.0191  48 GLY A C   
408 O O   . GLY A 69 ? 0.3095 0.3449 0.3067 0.0338  0.0112  0.0148  48 GLY A O   
409 N N   . VAL A 70 ? 0.3040 0.3336 0.2928 0.0377  0.0129  0.0262  49 VAL A N   
410 C CA  . VAL A 70 ? 0.3216 0.3517 0.3101 0.0396  0.0125  0.0298  49 VAL A CA  
411 C C   . VAL A 70 ? 0.3246 0.3478 0.3171 0.0360  0.0116  0.0278  49 VAL A C   
412 O O   . VAL A 70 ? 0.3481 0.3745 0.3416 0.0362  0.0099  0.0262  49 VAL A O   
413 C CB  . VAL A 70 ? 0.3336 0.3606 0.3225 0.0431  0.0161  0.0379  49 VAL A CB  
414 C CG1 . VAL A 70 ? 0.3088 0.3317 0.3027 0.0433  0.0178  0.0402  49 VAL A CG1 
415 C CG2 . VAL A 70 ? 0.3010 0.3412 0.2866 0.0486  0.0171  0.0436  49 VAL A CG2 
416 N N   . ALA A 71 ? 0.3245 0.3416 0.3195 0.0329  0.0126  0.0283  50 ALA A N   
417 C CA  . ALA A 71 ? 0.3262 0.3429 0.3252 0.0298  0.0117  0.0276  50 ALA A CA  
418 C C   . ALA A 71 ? 0.3309 0.3500 0.3347 0.0291  0.0105  0.0250  50 ALA A C   
419 O O   . ALA A 71 ? 0.3384 0.3590 0.3446 0.0283  0.0094  0.0243  50 ALA A O   
420 C CB  . ALA A 71 ? 0.3002 0.3174 0.3012 0.0270  0.0131  0.0298  50 ALA A CB  
421 N N   . VAL A 72 ? 0.3404 0.3603 0.3481 0.0292  0.0116  0.0223  51 VAL A N   
422 C CA  . VAL A 72 ? 0.3058 0.3275 0.3238 0.0279  0.0129  0.0178  51 VAL A CA  
423 C C   . VAL A 72 ? 0.3354 0.3625 0.3505 0.0286  0.0107  0.0124  51 VAL A C   
424 O O   . VAL A 72 ? 0.3367 0.3640 0.3576 0.0276  0.0108  0.0110  51 VAL A O   
425 C CB  . VAL A 72 ? 0.3332 0.3552 0.3600 0.0270  0.0166  0.0132  51 VAL A CB  
426 C CG1 . VAL A 72 ? 0.3132 0.3389 0.3540 0.0250  0.0199  0.0038  51 VAL A CG1 
427 C CG2 . VAL A 72 ? 0.3335 0.3513 0.3671 0.0267  0.0194  0.0210  51 VAL A CG2 
428 N N   . SER A 73 ? 0.3423 0.3757 0.3488 0.0310  0.0092  0.0108  52 SER A N   
429 C CA  . SER A 73 ? 0.3389 0.3825 0.3435 0.0321  0.0072  0.0067  52 SER A CA  
430 C C   . SER A 73 ? 0.3151 0.3550 0.3178 0.0331  0.0055  0.0114  52 SER A C   
431 O O   . SER A 73 ? 0.3109 0.3556 0.3162 0.0326  0.0043  0.0075  52 SER A O   
432 C CB  . SER A 73 ? 0.3961 0.4534 0.3931 0.0354  0.0063  0.0070  52 SER A CB  
433 O OG  . SER A 73 ? 0.5158 0.5681 0.5070 0.0390  0.0066  0.0173  52 SER A OG  
434 N N   . ILE A 74 ? 0.2900 0.3221 0.2898 0.0337  0.0061  0.0182  53 ILE A N   
435 C CA  . ILE A 74 ? 0.2796 0.3088 0.2800 0.0336  0.0058  0.0204  53 ILE A CA  
436 C C   . ILE A 74 ? 0.2942 0.3212 0.3002 0.0302  0.0052  0.0181  53 ILE A C   
437 O O   . ILE A 74 ? 0.2897 0.3185 0.2976 0.0300  0.0042  0.0165  53 ILE A O   
438 C CB  . ILE A 74 ? 0.2543 0.2777 0.2541 0.0336  0.0084  0.0250  53 ILE A CB  
439 C CG1 . ILE A 74 ? 0.2671 0.2927 0.2650 0.0382  0.0105  0.0300  53 ILE A CG1 
440 C CG2 . ILE A 74 ? 0.2291 0.2510 0.2322 0.0321  0.0091  0.0244  53 ILE A CG2 
441 C CD1 . ILE A 74 ? 0.2531 0.2718 0.2554 0.0380  0.0157  0.0335  53 ILE A CD1 
442 N N   . GLN A 75 ? 0.3294 0.3541 0.3393 0.0281  0.0066  0.0193  54 GLN A N   
443 C CA  . GLN A 75 ? 0.3524 0.3781 0.3707 0.0262  0.0074  0.0206  54 GLN A CA  
444 C C   . GLN A 75 ? 0.3679 0.3952 0.3939 0.0261  0.0080  0.0151  54 GLN A C   
445 O O   . GLN A 75 ? 0.3545 0.3826 0.3856 0.0253  0.0081  0.0156  54 GLN A O   
446 C CB  . GLN A 75 ? 0.3809 0.4070 0.4050 0.0253  0.0099  0.0257  54 GLN A CB  
447 C CG  . GLN A 75 ? 0.3971 0.4271 0.4333 0.0247  0.0123  0.0309  54 GLN A CG  
448 C CD  . GLN A 75 ? 0.3945 0.4315 0.4268 0.0235  0.0104  0.0342  54 GLN A CD  
449 O OE1 . GLN A 75 ? 0.4111 0.4551 0.4387 0.0222  0.0099  0.0373  54 GLN A OE1 
450 N NE2 . GLN A 75 ? 0.3844 0.4213 0.4193 0.0234  0.0099  0.0319  54 GLN A NE2 
451 N N   . ALA A 76 ? 0.3297 0.3594 0.3574 0.0264  0.0088  0.0085  55 ALA A N   
452 C CA  . ALA A 76 ? 0.3548 0.3898 0.3914 0.0251  0.0102  -0.0007 55 ALA A CA  
453 C C   . ALA A 76 ? 0.3615 0.4019 0.3916 0.0262  0.0065  -0.0027 55 ALA A C   
454 O O   . ALA A 76 ? 0.3950 0.4373 0.4334 0.0248  0.0075  -0.0073 55 ALA A O   
455 C CB  . ALA A 76 ? 0.3354 0.3779 0.3754 0.0240  0.0122  -0.0104 55 ALA A CB  
456 N N   . LYS A 77 ? 0.3732 0.4165 0.3911 0.0291  0.0035  0.0013  56 LYS A N   
457 C CA  . LYS A 77 ? 0.3732 0.4221 0.3873 0.0309  0.0010  0.0018  56 LYS A CA  
458 C C   . LYS A 77 ? 0.3557 0.3963 0.3725 0.0296  0.0010  0.0054  56 LYS A C   
459 O O   . LYS A 77 ? 0.3634 0.4069 0.3833 0.0293  0.0001  0.0026  56 LYS A O   
460 C CB  . LYS A 77 ? 0.3881 0.4425 0.3937 0.0354  -0.0001 0.0082  56 LYS A CB  
461 N N   . ILE A 78 ? 0.3406 0.3739 0.3565 0.0285  0.0022  0.0108  57 ILE A N   
462 C CA  . ILE A 78 ? 0.3312 0.3624 0.3497 0.0266  0.0025  0.0132  57 ILE A CA  
463 C C   . ILE A 78 ? 0.3359 0.3683 0.3644 0.0251  0.0036  0.0115  57 ILE A C   
464 O O   . ILE A 78 ? 0.3281 0.3616 0.3590 0.0244  0.0032  0.0110  57 ILE A O   
465 C CB  . ILE A 78 ? 0.3260 0.3562 0.3431 0.0247  0.0038  0.0178  57 ILE A CB  
466 C CG1 . ILE A 78 ? 0.3265 0.3545 0.3381 0.0253  0.0047  0.0182  57 ILE A CG1 
467 C CG2 . ILE A 78 ? 0.3094 0.3443 0.3300 0.0222  0.0043  0.0198  57 ILE A CG2 
468 C CD1 . ILE A 78 ? 0.3287 0.3580 0.3395 0.0231  0.0064  0.0200  57 ILE A CD1 
469 N N   . ASP A 79 ? 0.3228 0.3544 0.3596 0.0245  0.0064  0.0109  58 ASP A N   
470 C CA  . ASP A 79 ? 0.3292 0.3608 0.3813 0.0234  0.0103  0.0102  58 ASP A CA  
471 C C   . ASP A 79 ? 0.3282 0.3625 0.3845 0.0228  0.0098  0.0013  58 ASP A C   
472 O O   . ASP A 79 ? 0.3119 0.3462 0.3767 0.0221  0.0115  0.0020  58 ASP A O   
473 C CB  . ASP A 79 ? 0.3641 0.3940 0.4287 0.0230  0.0152  0.0096  58 ASP A CB  
474 C CG  . ASP A 79 ? 0.3804 0.4098 0.4453 0.0239  0.0167  0.0207  58 ASP A CG  
475 O OD1 . ASP A 79 ? 0.3748 0.4084 0.4316 0.0240  0.0142  0.0279  58 ASP A OD1 
476 O OD2 . ASP A 79 ? 0.4097 0.4371 0.4842 0.0240  0.0209  0.0210  58 ASP A OD2 
477 N N   . GLU A 80 ? 0.3307 0.3705 0.3810 0.0232  0.0077  -0.0067 59 GLU A N   
478 C CA  . GLU A 80 ? 0.3761 0.4242 0.4294 0.0225  0.0068  -0.0163 59 GLU A CA  
479 C C   . GLU A 80 ? 0.3624 0.4111 0.4082 0.0239  0.0031  -0.0127 59 GLU A C   
480 O O   . GLU A 80 ? 0.3281 0.3802 0.3810 0.0228  0.0035  -0.0178 59 GLU A O   
481 C CB  . GLU A 80 ? 0.4341 0.4955 0.4819 0.0228  0.0052  -0.0247 59 GLU A CB  
482 C CG  . GLU A 80 ? 0.5455 0.6232 0.5989 0.0210  0.0049  -0.0374 59 GLU A CG  
483 C CD  . GLU A 80 ? 0.6206 0.6952 0.6949 0.0166  0.0111  -0.0471 59 GLU A CD  
484 O OE1 . GLU A 80 ? 0.6306 0.6989 0.7200 0.0141  0.0176  -0.0504 59 GLU A OE1 
485 O OE2 . GLU A 80 ? 0.7169 0.7953 0.7951 0.0160  0.0104  -0.0508 59 GLU A OE2 
486 N N   . LEU A 81 ? 0.3356 0.3814 0.3695 0.0262  0.0004  -0.0049 60 LEU A N   
487 C CA  . LEU A 81 ? 0.3412 0.3869 0.3710 0.0274  -0.0016 -0.0020 60 LEU A CA  
488 C C   . LEU A 81 ? 0.3332 0.3737 0.3689 0.0251  -0.0002 0.0003  60 LEU A C   
489 O O   . LEU A 81 ? 0.3421 0.3843 0.3805 0.0249  -0.0009 -0.0015 60 LEU A O   
490 C CB  . LEU A 81 ? 0.3389 0.3816 0.3606 0.0295  -0.0020 0.0048  60 LEU A CB  
491 C CG  . LEU A 81 ? 0.3615 0.4127 0.3782 0.0335  -0.0030 0.0059  60 LEU A CG  
492 C CD1 . LEU A 81 ? 0.3366 0.3829 0.3495 0.0358  -0.0010 0.0133  60 LEU A CD1 
493 C CD2 . LEU A 81 ? 0.3392 0.4023 0.3565 0.0360  -0.0049 0.0045  60 LEU A CD2 
494 N N   . LYS A 82 ? 0.3261 0.3630 0.3649 0.0237  0.0020  0.0052  61 LYS A N   
495 C CA  . LYS A 82 ? 0.3387 0.3763 0.3841 0.0223  0.0039  0.0098  61 LYS A CA  
496 C C   . LYS A 82 ? 0.3343 0.3721 0.3940 0.0217  0.0069  0.0071  61 LYS A C   
497 O O   . LYS A 82 ? 0.2956 0.3352 0.3605 0.0212  0.0080  0.0095  61 LYS A O   
498 C CB  . LYS A 82 ? 0.3576 0.3974 0.4036 0.0216  0.0057  0.0176  61 LYS A CB  
499 C CG  . LYS A 82 ? 0.3922 0.4344 0.4271 0.0206  0.0040  0.0188  61 LYS A CG  
500 C CD  . LYS A 82 ? 0.4310 0.4799 0.4665 0.0196  0.0056  0.0253  61 LYS A CD  
501 C CE  . LYS A 82 ? 0.4912 0.5501 0.5207 0.0165  0.0053  0.0249  61 LYS A CE  
502 N NZ  . LYS A 82 ? 0.5184 0.5882 0.5472 0.0153  0.0064  0.0298  61 LYS A NZ  
503 N N   . ARG A 83 ? 0.3564 0.3934 0.4246 0.0215  0.0095  0.0009  62 ARG A N   
504 C CA  . ARG A 83 ? 0.3697 0.4072 0.4557 0.0201  0.0143  -0.0054 62 ARG A CA  
505 C C   . ARG A 83 ? 0.3704 0.4122 0.4531 0.0196  0.0111  -0.0131 62 ARG A C   
506 O O   . ARG A 83 ? 0.3112 0.3523 0.4039 0.0189  0.0136  -0.0129 62 ARG A O   
507 C CB  . ARG A 83 ? 0.4077 0.4460 0.5056 0.0185  0.0188  -0.0146 62 ARG A CB  
508 C CG  . ARG A 83 ? 0.4415 0.4826 0.5605 0.0156  0.0249  -0.0268 62 ARG A CG  
509 C CD  . ARG A 83 ? 0.4910 0.5359 0.6218 0.0128  0.0300  -0.0391 62 ARG A CD  
510 N NE  . ARG A 83 ? 0.5791 0.6154 0.7226 0.0139  0.0364  -0.0295 62 ARG A NE  
511 C CZ  . ARG A 83 ? 0.6304 0.6650 0.7646 0.0151  0.0348  -0.0248 62 ARG A CZ  
512 N NH1 . ARG A 83 ? 0.6518 0.6922 0.7642 0.0156  0.0272  -0.0286 62 ARG A NH1 
513 N NH2 . ARG A 83 ? 0.6708 0.6990 0.8200 0.0163  0.0415  -0.0146 62 ARG A NH2 
514 N N   . GLN A 84 ? 0.3828 0.4305 0.4521 0.0206  0.0061  -0.0180 63 GLN A N   
515 C CA  . GLN A 84 ? 0.4074 0.4617 0.4732 0.0211  0.0028  -0.0226 63 GLN A CA  
516 C C   . GLN A 84 ? 0.3848 0.4338 0.4484 0.0215  0.0018  -0.0156 63 GLN A C   
517 O O   . GLN A 84 ? 0.3896 0.4410 0.4590 0.0207  0.0020  -0.0194 63 GLN A O   
518 C CB  . GLN A 84 ? 0.4441 0.5075 0.4963 0.0239  -0.0019 -0.0228 63 GLN A CB  
519 C CG  . GLN A 84 ? 0.4983 0.5766 0.5532 0.0229  -0.0017 -0.0333 63 GLN A CG  
520 C CD  . GLN A 84 ? 0.5537 0.6425 0.5954 0.0268  -0.0053 -0.0288 63 GLN A CD  
521 O OE1 . GLN A 84 ? 0.5310 0.6241 0.5709 0.0266  -0.0045 -0.0309 63 GLN A OE1 
522 N NE2 . GLN A 84 ? 0.5270 0.6200 0.5615 0.0307  -0.0082 -0.0214 63 GLN A NE2 
523 N N   . LEU A 85 ? 0.3721 0.4160 0.4276 0.0222  0.0010  -0.0069 64 LEU A N   
524 C CA  . LEU A 85 ? 0.3768 0.4194 0.4295 0.0218  0.0003  -0.0024 64 LEU A CA  
525 C C   . LEU A 85 ? 0.3600 0.4026 0.4243 0.0203  0.0038  0.0004  64 LEU A C   
526 O O   . LEU A 85 ? 0.3404 0.3844 0.4078 0.0197  0.0038  -0.0008 64 LEU A O   
527 C CB  . LEU A 85 ? 0.4064 0.4477 0.4502 0.0215  0.0000  0.0029  64 LEU A CB  
528 C CG  . LEU A 85 ? 0.4449 0.4882 0.4869 0.0196  0.0003  0.0043  64 LEU A CG  
529 C CD1 . LEU A 85 ? 0.4732 0.5144 0.5120 0.0212  -0.0004 0.0017  64 LEU A CD1 
530 C CD2 . LEU A 85 ? 0.4680 0.5158 0.5070 0.0172  0.0019  0.0079  64 LEU A CD2 
531 N N   . ALA A 86 ? 0.3732 0.4154 0.4459 0.0201  0.0076  0.0054  65 ALA A N   
532 C CA  . ALA A 86 ? 0.3790 0.4229 0.4674 0.0200  0.0129  0.0114  65 ALA A CA  
533 C C   . ALA A 86 ? 0.3676 0.4093 0.4695 0.0192  0.0156  0.0028  65 ALA A C   
534 O O   . ALA A 86 ? 0.3446 0.3879 0.4534 0.0190  0.0174  0.0055  65 ALA A O   
535 C CB  . ALA A 86 ? 0.3284 0.3727 0.4277 0.0209  0.0181  0.0195  65 ALA A CB  
536 N N   . ASP A 87 ? 0.4194 0.4607 0.5250 0.0183  0.0158  -0.0086 66 ASP A N   
537 C CA  . ASP A 87 ? 0.4817 0.5248 0.6017 0.0164  0.0190  -0.0201 66 ASP A CA  
538 C C   . ASP A 87 ? 0.4692 0.5157 0.5815 0.0164  0.0144  -0.0231 66 ASP A C   
539 O O   . ASP A 87 ? 0.4846 0.5319 0.6102 0.0150  0.0178  -0.0280 66 ASP A O   
540 C CB  . ASP A 87 ? 0.5298 0.5784 0.6545 0.0143  0.0201  -0.0345 66 ASP A CB  
541 C CG  . ASP A 87 ? 0.6240 0.6682 0.7684 0.0130  0.0287  -0.0348 66 ASP A CG  
542 O OD1 . ASP A 87 ? 0.7535 0.8030 0.9048 0.0104  0.0312  -0.0480 66 ASP A OD1 
543 O OD2 . ASP A 87 ? 0.6245 0.6620 0.7792 0.0148  0.0337  -0.0214 66 ASP A OD2 
544 N N   . ARG A 88 ? 0.4744 0.5223 0.5673 0.0181  0.0078  -0.0197 67 ARG A N   
545 C CA  . ARG A 88 ? 0.4724 0.5233 0.5591 0.0185  0.0041  -0.0215 67 ARG A CA  
546 C C   . ARG A 88 ? 0.4968 0.5443 0.5844 0.0182  0.0053  -0.0138 67 ARG A C   
547 O O   . ARG A 88 ? 0.5070 0.5562 0.5972 0.0179  0.0046  -0.0166 67 ARG A O   
548 C CB  . ARG A 88 ? 0.4726 0.5271 0.5437 0.0208  -0.0011 -0.0207 67 ARG A CB  
549 C CG  . ARG A 88 ? 0.4962 0.5613 0.5676 0.0213  -0.0023 -0.0293 67 ARG A CG  
550 C CD  . ARG A 88 ? 0.5109 0.5818 0.5694 0.0247  -0.0060 -0.0254 67 ARG A CD  
551 N NE  . ARG A 88 ? 0.4968 0.5695 0.5502 0.0275  -0.0082 -0.0202 67 ARG A NE  
552 C CZ  . ARG A 88 ? 0.4935 0.5748 0.5408 0.0317  -0.0101 -0.0153 67 ARG A CZ  
553 N NH1 . ARG A 88 ? 0.4324 0.5236 0.4753 0.0336  -0.0111 -0.0151 67 ARG A NH1 
554 N NH2 . ARG A 88 ? 0.4813 0.5625 0.5287 0.0343  -0.0101 -0.0096 67 ARG A NH2 
555 N N   . ILE A 89 ? 0.4893 0.5356 0.5752 0.0182  0.0069  -0.0044 68 ILE A N   
556 C CA  . ILE A 89 ? 0.4799 0.5295 0.5684 0.0176  0.0088  0.0032  68 ILE A CA  
557 C C   . ILE A 89 ? 0.5274 0.5765 0.6353 0.0176  0.0144  0.0037  68 ILE A C   
558 O O   . ILE A 89 ? 0.4989 0.5496 0.6103 0.0172  0.0149  0.0036  68 ILE A O   
559 C CB  . ILE A 89 ? 0.4758 0.5314 0.5592 0.0174  0.0096  0.0130  68 ILE A CB  
560 C CG1 . ILE A 89 ? 0.4899 0.5456 0.5573 0.0164  0.0054  0.0096  68 ILE A CG1 
561 C CG2 . ILE A 89 ? 0.4851 0.5515 0.5737 0.0169  0.0125  0.0220  68 ILE A CG2 
562 C CD1 . ILE A 89 ? 0.4760 0.5384 0.5376 0.0154  0.0060  0.0151  68 ILE A CD1 
563 N N   . ALA A 90 ? 0.5795 0.6256 0.7017 0.0179  0.0195  0.0032  69 ALA A N   
564 C CA  . ALA A 90 ? 0.6330 0.6768 0.7802 0.0176  0.0276  0.0014  69 ALA A CA  
565 C C   . ALA A 90 ? 0.6937 0.7371 0.8467 0.0155  0.0271  -0.0130 69 ALA A C   
566 O O   . ALA A 90 ? 0.7547 0.7982 0.9199 0.0153  0.0310  -0.0115 69 ALA A O   
567 C CB  . ALA A 90 ? 0.5927 0.6331 0.7556 0.0176  0.0341  0.0006  69 ALA A CB  
568 N N   . THR A 91 ? 0.7722 0.8182 0.9172 0.0141  0.0228  -0.0264 70 THR A N   
569 C CA  . THR A 91 ? 0.7654 0.8179 0.9097 0.0125  0.0197  -0.0395 70 THR A CA  
570 C C   . THR A 91 ? 0.7811 0.8332 0.9222 0.0131  0.0177  -0.0356 70 THR A C   
571 O O   . THR A 91 ? 0.8404 0.8933 0.9636 0.0147  0.0114  -0.0308 70 THR A O   
572 C CB  . THR A 91 ? 0.7826 0.8432 0.9072 0.0134  0.0118  -0.0447 70 THR A CB  
573 O OG1 . THR A 91 ? 0.8606 0.9289 0.9929 0.0113  0.0140  -0.0570 70 THR A OG1 
574 C CG2 . THR A 91 ? 0.8012 0.8700 0.9168 0.0143  0.0062  -0.0486 70 THR A CG2 
# 
loop_
_pdbx_poly_seq_scheme.asym_id 
_pdbx_poly_seq_scheme.entity_id 
_pdbx_poly_seq_scheme.seq_id 
_pdbx_poly_seq_scheme.mon_id 
_pdbx_poly_seq_scheme.ndb_seq_num 
_pdbx_poly_seq_scheme.pdb_seq_num 
_pdbx_poly_seq_scheme.auth_seq_num 
_pdbx_poly_seq_scheme.pdb_mon_id 
_pdbx_poly_seq_scheme.auth_mon_id 
_pdbx_poly_seq_scheme.pdb_strand_id 
_pdbx_poly_seq_scheme.pdb_ins_code 
_pdbx_poly_seq_scheme.hetero 
A 1 1   MET 1   -20 ?  ?   ?   A . n 
A 1 2   ALA 2   -19 ?  ?   ?   A . n 
A 1 3   HIS 3   -18 ?  ?   ?   A . n 
A 1 4   HIS 4   -17 ?  ?   ?   A . n 
A 1 5   HIS 5   -16 ?  ?   ?   A . n 
A 1 6   HIS 6   -15 ?  ?   ?   A . n 
A 1 7   HIS 7   -14 ?  ?   ?   A . n 
A 1 8   HIS 8   -13 ?  ?   ?   A . n 
A 1 9   MET 9   -12 ?  ?   ?   A . n 
A 1 10  GLY 10  -11 ?  ?   ?   A . n 
A 1 11  THR 11  -10 ?  ?   ?   A . n 
A 1 12  LEU 12  -9  ?  ?   ?   A . n 
A 1 13  GLU 13  -8  ?  ?   ?   A . n 
A 1 14  ALA 14  -7  ?  ?   ?   A . n 
A 1 15  GLN 15  -6  ?  ?   ?   A . n 
A 1 16  THR 16  -5  ?  ?   ?   A . n 
A 1 17  GLN 17  -4  ?  ?   ?   A . n 
A 1 18  GLY 18  -3  ?  ?   ?   A . n 
A 1 19  PRO 19  -2  ?  ?   ?   A . n 
A 1 20  GLY 20  -1  ?  ?   ?   A . n 
A 1 21  SER 21  0   0  SER SER A . n 
A 1 22  MET 22  1   1  MET MET A . n 
A 1 23  THR 23  2   2  THR THR A . n 
A 1 24  MET 24  3   3  MET MET A . n 
A 1 25  GLU 25  4   4  GLU GLU A . n 
A 1 26  GLU 26  5   5  GLU GLU A . n 
A 1 27  LEU 27  6   6  LEU LEU A . n 
A 1 28  GLN 28  7   7  GLN GLN A . n 
A 1 29  ARG 29  8   8  ARG ARG A . n 
A 1 30  GLU 30  9   9  GLU GLU A . n 
A 1 31  ILE 31  10  10 ILE ILE A . n 
A 1 32  ASN 32  11  11 ASN ASN A . n 
A 1 33  ALA 33  12  12 ALA ALA A . n 
A 1 34  HIS 34  13  13 HIS HIS A . n 
A 1 35  GLU 35  14  14 GLU GLU A . n 
A 1 36  GLY 36  15  15 GLY GLY A . n 
A 1 37  GLN 37  16  16 GLN GLN A . n 
A 1 38  LEU 38  17  17 LEU LEU A . n 
A 1 39  VAL 39  18  18 VAL VAL A . n 
A 1 40  ILE 40  19  19 ILE ILE A . n 
A 1 41  ALA 41  20  20 ALA ALA A . n 
A 1 42  ARG 42  21  21 ARG ARG A . n 
A 1 43  GLN 43  22  22 GLN GLN A . n 
A 1 44  LYS 44  23  23 LYS LYS A . n 
A 1 45  VAL 45  24  24 VAL VAL A . n 
A 1 46  ARG 46  25  25 ARG ARG A . n 
A 1 47  ASP 47  26  26 ASP ASP A . n 
A 1 48  ALA 48  27  27 ALA ALA A . n 
A 1 49  GLU 49  28  28 GLU GLU A . n 
A 1 50  LYS 50  29  29 LYS LYS A . n 
A 1 51  GLN 51  30  30 GLN GLN A . n 
A 1 52  TYR 52  31  31 TYR TYR A . n 
A 1 53  GLU 53  32  32 GLU GLU A . n 
A 1 54  LYS 54  33  33 LYS LYS A . n 
A 1 55  ASP 55  34  34 ASP ASP A . n 
A 1 56  PRO 56  35  35 PRO PRO A . n 
A 1 57  ASP 57  36  36 ASP ASP A . n 
A 1 58  GLU 58  37  37 GLU GLU A . n 
A 1 59  LEU 59  38  38 LEU LEU A . n 
A 1 60  ASN 60  39  39 ASN ASN A . n 
A 1 61  LYS 61  40  40 LYS LYS A . n 
A 1 62  ARG 62  41  41 ARG ARG A . n 
A 1 63  THR 63  42  42 THR THR A . n 
A 1 64  LEU 64  43  43 LEU LEU A . n 
A 1 65  THR 65  44  44 THR THR A . n 
A 1 66  ASP 66  45  45 ASP ASP A . n 
A 1 67  ARG 67  46  46 ARG ARG A . n 
A 1 68  GLU 68  47  47 GLU GLU A . n 
A 1 69  GLY 69  48  48 GLY GLY A . n 
A 1 70  VAL 70  49  49 VAL VAL A . n 
A 1 71  ALA 71  50  50 ALA ALA A . n 
A 1 72  VAL 72  51  51 VAL VAL A . n 
A 1 73  SER 73  52  52 SER SER A . n 
A 1 74  ILE 74  53  53 ILE ILE A . n 
A 1 75  GLN 75  54  54 GLN GLN A . n 
A 1 76  ALA 76  55  55 ALA ALA A . n 
A 1 77  LYS 77  56  56 LYS LYS A . n 
A 1 78  ILE 78  57  57 ILE ILE A . n 
A 1 79  ASP 79  58  58 ASP ASP A . n 
A 1 80  GLU 80  59  59 GLU GLU A . n 
A 1 81  LEU 81  60  60 LEU LEU A . n 
A 1 82  LYS 82  61  61 LYS LYS A . n 
A 1 83  ARG 83  62  62 ARG ARG A . n 
A 1 84  GLN 84  63  63 GLN GLN A . n 
A 1 85  LEU 85  64  64 LEU LEU A . n 
A 1 86  ALA 86  65  65 ALA ALA A . n 
A 1 87  ASP 87  66  66 ASP ASP A . n 
A 1 88  ARG 88  67  67 ARG ARG A . n 
A 1 89  ILE 89  68  68 ILE ILE A . n 
A 1 90  ALA 90  69  69 ALA ALA A . n 
A 1 91  THR 91  70  70 THR THR A . n 
A 1 92  GLY 92  71  ?  ?   ?   A . n 
A 1 93  LYS 93  72  ?  ?   ?   A . n 
A 1 94  ASN 94  73  ?  ?   ?   A . n 
A 1 95  LEU 95  74  ?  ?   ?   A . n 
A 1 96  GLY 96  75  ?  ?   ?   A . n 
A 1 97  LYS 97  76  ?  ?   ?   A . n 
A 1 98  GLU 98  77  ?  ?   ?   A . n 
A 1 99  GLN 99  78  ?  ?   ?   A . n 
A 1 100 ASP 100 79  ?  ?   ?   A . n 
A 1 101 PRO 101 80  ?  ?   ?   A . n 
A 1 102 THR 102 81  ?  ?   ?   A . n 
A 1 103 GLY 103 82  ?  ?   ?   A . n 
A 1 104 VAL 104 83  ?  ?   ?   A . n 
A 1 105 GLU 105 84  ?  ?   ?   A . n 
A 1 106 PRO 106 85  ?  ?   ?   A . n 
A 1 107 GLY 107 86  ?  ?   ?   A . n 
A 1 108 ASP 108 87  ?  ?   ?   A . n 
A 1 109 HIS 109 88  ?  ?   ?   A . n 
A 1 110 LEU 110 89  ?  ?   ?   A . n 
A 1 111 LYS 111 90  ?  ?   ?   A . n 
A 1 112 GLU 112 91  ?  ?   ?   A . n 
A 1 113 ARG 113 92  ?  ?   ?   A . n 
# 
_pdbx_SG_project.id                    1 
_pdbx_SG_project.project_name          'NIAID, National Institute of Allergy and Infectious Diseases' 
_pdbx_SG_project.full_name_of_center   'Seattle Structural Genomics Center for Infectious Disease' 
_pdbx_SG_project.initial_of_center     SSGCID 
# 
loop_
_pdbx_nonpoly_scheme.asym_id 
_pdbx_nonpoly_scheme.entity_id 
_pdbx_nonpoly_scheme.mon_id 
_pdbx_nonpoly_scheme.ndb_seq_num 
_pdbx_nonpoly_scheme.pdb_seq_num 
_pdbx_nonpoly_scheme.auth_seq_num 
_pdbx_nonpoly_scheme.pdb_mon_id 
_pdbx_nonpoly_scheme.auth_mon_id 
_pdbx_nonpoly_scheme.pdb_strand_id 
_pdbx_nonpoly_scheme.pdb_ins_code 
B 2 HOH 1  101 1  HOH HOH A . 
B 2 HOH 2  102 2  HOH HOH A . 
B 2 HOH 3  103 3  HOH HOH A . 
B 2 HOH 4  104 4  HOH HOH A . 
B 2 HOH 5  105 5  HOH HOH A . 
B 2 HOH 6  106 6  HOH HOH A . 
B 2 HOH 7  107 7  HOH HOH A . 
B 2 HOH 8  108 8  HOH HOH A . 
B 2 HOH 9  109 9  HOH HOH A . 
B 2 HOH 10 110 10 HOH HOH A . 
B 2 HOH 11 111 11 HOH HOH A . 
B 2 HOH 12 112 12 HOH HOH A . 
B 2 HOH 13 113 13 HOH HOH A . 
B 2 HOH 14 114 14 HOH HOH A . 
B 2 HOH 15 115 15 HOH HOH A . 
B 2 HOH 16 116 16 HOH HOH A . 
B 2 HOH 17 117 17 HOH HOH A . 
B 2 HOH 18 118 18 HOH HOH A . 
B 2 HOH 19 119 19 HOH HOH A . 
B 2 HOH 20 120 20 HOH HOH A . 
B 2 HOH 21 121 21 HOH HOH A . 
B 2 HOH 22 122 22 HOH HOH A . 
B 2 HOH 23 123 23 HOH HOH A . 
B 2 HOH 24 124 24 HOH HOH A . 
B 2 HOH 25 125 25 HOH HOH A . 
B 2 HOH 26 126 26 HOH HOH A . 
B 2 HOH 27 127 27 HOH HOH A . 
B 2 HOH 28 128 28 HOH HOH A . 
B 2 HOH 29 129 29 HOH HOH A . 
B 2 HOH 30 130 30 HOH HOH A . 
B 2 HOH 31 131 31 HOH HOH A . 
B 2 HOH 32 132 32 HOH HOH A . 
B 2 HOH 33 133 33 HOH HOH A . 
B 2 HOH 34 134 34 HOH HOH A . 
B 2 HOH 35 135 35 HOH HOH A . 
B 2 HOH 36 136 36 HOH HOH A . 
B 2 HOH 37 137 37 HOH HOH A . 
B 2 HOH 38 138 38 HOH HOH A . 
B 2 HOH 39 139 39 HOH HOH A . 
B 2 HOH 40 140 40 HOH HOH A . 
B 2 HOH 41 141 41 HOH HOH A . 
B 2 HOH 42 142 42 HOH HOH A . 
B 2 HOH 43 143 43 HOH HOH A . 
B 2 HOH 44 144 44 HOH HOH A . 
B 2 HOH 45 145 45 HOH HOH A . 
B 2 HOH 46 146 46 HOH HOH A . 
B 2 HOH 47 147 47 HOH HOH A . 
B 2 HOH 48 148 48 HOH HOH A . 
B 2 HOH 49 149 49 HOH HOH A . 
B 2 HOH 50 150 50 HOH HOH A . 
B 2 HOH 51 151 51 HOH HOH A . 
B 2 HOH 52 152 52 HOH HOH A . 
B 2 HOH 53 153 53 HOH HOH A . 
B 2 HOH 54 154 54 HOH HOH A . 
B 2 HOH 55 155 55 HOH HOH A . 
B 2 HOH 56 156 56 HOH HOH A . 
B 2 HOH 57 157 57 HOH HOH A . 
B 2 HOH 58 158 58 HOH HOH A . 
B 2 HOH 59 159 59 HOH HOH A . 
B 2 HOH 60 160 60 HOH HOH A . 
B 2 HOH 61 161 61 HOH HOH A . 
B 2 HOH 62 162 62 HOH HOH A . 
B 2 HOH 63 163 63 HOH HOH A . 
B 2 HOH 64 164 64 HOH HOH A . 
B 2 HOH 65 165 65 HOH HOH A . 
B 2 HOH 66 166 66 HOH HOH A . 
B 2 HOH 67 167 67 HOH HOH A . 
B 2 HOH 68 168 68 HOH HOH A . 
B 2 HOH 69 169 69 HOH HOH A . 
B 2 HOH 70 170 70 HOH HOH A . 
B 2 HOH 71 171 71 HOH HOH A . 
# 
_pdbx_struct_assembly.id                   1 
_pdbx_struct_assembly.details              author_and_software_defined_assembly 
_pdbx_struct_assembly.method_details       PISA 
_pdbx_struct_assembly.oligomeric_details   monomeric 
_pdbx_struct_assembly.oligomeric_count     1 
# 
_pdbx_struct_assembly_gen.assembly_id       1 
_pdbx_struct_assembly_gen.oper_expression   1 
_pdbx_struct_assembly_gen.asym_id_list      A,B 
# 
_pdbx_struct_oper_list.id                   1 
_pdbx_struct_oper_list.type                 'identity operation' 
_pdbx_struct_oper_list.name                 1_555 
_pdbx_struct_oper_list.symmetry_operation   x,y,z 
_pdbx_struct_oper_list.matrix[1][1]         1.0000000000 
_pdbx_struct_oper_list.matrix[1][2]         0.0000000000 
_pdbx_struct_oper_list.matrix[1][3]         0.0000000000 
_pdbx_struct_oper_list.vector[1]            0.0000000000 
_pdbx_struct_oper_list.matrix[2][1]         0.0000000000 
_pdbx_struct_oper_list.matrix[2][2]         1.0000000000 
_pdbx_struct_oper_list.matrix[2][3]         0.0000000000 
_pdbx_struct_oper_list.vector[2]            0.0000000000 
_pdbx_struct_oper_list.matrix[3][1]         0.0000000000 
_pdbx_struct_oper_list.matrix[3][2]         0.0000000000 
_pdbx_struct_oper_list.matrix[3][3]         1.0000000000 
_pdbx_struct_oper_list.vector[3]            0.0000000000 
# 
loop_
_pdbx_audit_revision_history.ordinal 
_pdbx_audit_revision_history.data_content_type 
_pdbx_audit_revision_history.major_revision 
_pdbx_audit_revision_history.minor_revision 
_pdbx_audit_revision_history.revision_date 
1 'Structure model' 1 0 2012-06-20 
2 'Structure model' 1 1 2023-09-13 
# 
_pdbx_audit_revision_details.ordinal             1 
_pdbx_audit_revision_details.revision_ordinal    1 
_pdbx_audit_revision_details.data_content_type   'Structure model' 
_pdbx_audit_revision_details.provider            repository 
_pdbx_audit_revision_details.type                'Initial release' 
_pdbx_audit_revision_details.description         ? 
_pdbx_audit_revision_details.details             ? 
# 
loop_
_pdbx_audit_revision_group.ordinal 
_pdbx_audit_revision_group.revision_ordinal 
_pdbx_audit_revision_group.data_content_type 
_pdbx_audit_revision_group.group 
1 2 'Structure model' 'Data collection'        
2 2 'Structure model' 'Database references'    
3 2 'Structure model' 'Refinement description' 
# 
loop_
_pdbx_audit_revision_category.ordinal 
_pdbx_audit_revision_category.revision_ordinal 
_pdbx_audit_revision_category.data_content_type 
_pdbx_audit_revision_category.category 
1 2 'Structure model' chem_comp_atom                
2 2 'Structure model' chem_comp_bond                
3 2 'Structure model' database_2                    
4 2 'Structure model' pdbx_initial_refinement_model 
5 2 'Structure model' struct_ref_seq_dif            
# 
loop_
_pdbx_audit_revision_item.ordinal 
_pdbx_audit_revision_item.revision_ordinal 
_pdbx_audit_revision_item.data_content_type 
_pdbx_audit_revision_item.item 
1 2 'Structure model' '_database_2.pdbx_DOI'                
2 2 'Structure model' '_database_2.pdbx_database_accession' 
3 2 'Structure model' '_struct_ref_seq_dif.details'         
# 
_pdbx_refine_tls.pdbx_refine_id   'X-RAY DIFFRACTION' 
_pdbx_refine_tls.id               1 
_pdbx_refine_tls.details          ? 
_pdbx_refine_tls.method           refined 
_pdbx_refine_tls.origin_x         -0.1019 
_pdbx_refine_tls.origin_y         -0.1840 
_pdbx_refine_tls.origin_z         0.0822 
_pdbx_refine_tls.T[1][1]          0.0346 
_pdbx_refine_tls.T[2][2]          0.0531 
_pdbx_refine_tls.T[3][3]          0.0356 
_pdbx_refine_tls.T[1][2]          0.0302 
_pdbx_refine_tls.T[1][3]          0.0109 
_pdbx_refine_tls.T[2][3]          0.0258 
_pdbx_refine_tls.L[1][1]          3.5389 
_pdbx_refine_tls.L[2][2]          0.1965 
_pdbx_refine_tls.L[3][3]          0.5268 
_pdbx_refine_tls.L[1][2]          0.0753 
_pdbx_refine_tls.L[1][3]          -1.3570 
_pdbx_refine_tls.L[2][3]          0.0058 
_pdbx_refine_tls.S[1][1]          -0.0969 
_pdbx_refine_tls.S[2][2]          0.0688 
_pdbx_refine_tls.S[3][3]          0.0281 
_pdbx_refine_tls.S[1][2]          -0.0642 
_pdbx_refine_tls.S[1][3]          -0.0687 
_pdbx_refine_tls.S[2][3]          -0.0133 
_pdbx_refine_tls.S[2][1]          0.0602 
_pdbx_refine_tls.S[3][1]          0.0502 
_pdbx_refine_tls.S[3][2]          0.0386 
# 
loop_
_pdbx_refine_tls_group.pdbx_refine_id 
_pdbx_refine_tls_group.id 
_pdbx_refine_tls_group.refine_tls_id 
_pdbx_refine_tls_group.beg_auth_asym_id 
_pdbx_refine_tls_group.beg_auth_seq_id 
_pdbx_refine_tls_group.end_auth_asym_id 
_pdbx_refine_tls_group.end_auth_seq_id 
_pdbx_refine_tls_group.selection_details 
_pdbx_refine_tls_group.beg_label_asym_id 
_pdbx_refine_tls_group.beg_label_seq_id 
_pdbx_refine_tls_group.end_label_asym_id 
_pdbx_refine_tls_group.end_label_seq_id 
_pdbx_refine_tls_group.selection 
'X-RAY DIFFRACTION' 1 1 A 0   A 70  ? . . . . ? 
'X-RAY DIFFRACTION' 2 1 A 101 A 171 ? . . . . ? 
# 
_pdbx_phasing_MR.entry_id                     4FI5 
_pdbx_phasing_MR.method_rotation              ? 
_pdbx_phasing_MR.method_translation           ? 
_pdbx_phasing_MR.model_details                'Phaser MODE: MR_AUTO' 
_pdbx_phasing_MR.R_factor                     ? 
_pdbx_phasing_MR.R_rigid_body                 ? 
_pdbx_phasing_MR.correlation_coeff_Fo_to_Fc   ? 
_pdbx_phasing_MR.correlation_coeff_Io_to_Ic   ? 
_pdbx_phasing_MR.d_res_high_rotation          3.000 
_pdbx_phasing_MR.d_res_low_rotation           19.350 
_pdbx_phasing_MR.d_res_high_translation       3.000 
_pdbx_phasing_MR.d_res_low_translation        19.350 
_pdbx_phasing_MR.packing                      ? 
_pdbx_phasing_MR.reflns_percent_rotation      ? 
_pdbx_phasing_MR.reflns_percent_translation   ? 
_pdbx_phasing_MR.sigma_F_rotation             ? 
_pdbx_phasing_MR.sigma_F_translation          ? 
_pdbx_phasing_MR.sigma_I_rotation             ? 
_pdbx_phasing_MR.sigma_I_translation          ? 
# 
_phasing.method   MR 
# 
loop_
_software.pdbx_ordinal 
_software.name 
_software.version 
_software.date 
_software.type 
_software.contact_author 
_software.contact_author_email 
_software.classification 
_software.location 
_software.language 
_software.citation_id 
1 XSCALE      .     ?                                package 'Wolfgang Kabsch'    ?                           'data scaling'    
http://www.mpimf-heidelberg.mpg.de/~kabsch/xds/html_doc/xscale_program.html ?          ? 
2 PHASER      2.3.0 'Tue May 1 08:17:33 2012 (svn )' program 'Randy J. Read'      cimr-phaser@lists.cam.ac.uk phasing           
http://www-structmed.cimr.cam.ac.uk/phaser/                                 ?          ? 
3 REFMAC      .     ?                                program 'Garib N. Murshudov' garib@ysbl.york.ac.uk       refinement        
http://www.ccp4.ac.uk/dist/html/refmac5.html                                Fortran_77 ? 
4 PDB_EXTRACT 3.11  'August 3, 2011'                 package PDB                  deposit@deposit.rcsb.org    'data extraction' 
http://sw-tools.pdb.org/apps/PDB_EXTRACT/                                   C++        ? 
5 XDS         .     ?                                ?       ?                    ?                           'data reduction'  ? 
?          ? 
# 
loop_
_pdbx_unobs_or_zero_occ_atoms.id 
_pdbx_unobs_or_zero_occ_atoms.PDB_model_num 
_pdbx_unobs_or_zero_occ_atoms.polymer_flag 
_pdbx_unobs_or_zero_occ_atoms.occupancy_flag 
_pdbx_unobs_or_zero_occ_atoms.auth_asym_id 
_pdbx_unobs_or_zero_occ_atoms.auth_comp_id 
_pdbx_unobs_or_zero_occ_atoms.auth_seq_id 
_pdbx_unobs_or_zero_occ_atoms.PDB_ins_code 
_pdbx_unobs_or_zero_occ_atoms.auth_atom_id 
_pdbx_unobs_or_zero_occ_atoms.label_alt_id 
_pdbx_unobs_or_zero_occ_atoms.label_asym_id 
_pdbx_unobs_or_zero_occ_atoms.label_comp_id 
_pdbx_unobs_or_zero_occ_atoms.label_seq_id 
_pdbx_unobs_or_zero_occ_atoms.label_atom_id 
1 1 Y 1 A LYS 33 ? CG ? A LYS 54 CG 
2 1 Y 1 A LYS 33 ? CD ? A LYS 54 CD 
3 1 Y 1 A LYS 33 ? CE ? A LYS 54 CE 
4 1 Y 1 A LYS 33 ? NZ ? A LYS 54 NZ 
5 1 Y 1 A LYS 56 ? CG ? A LYS 77 CG 
6 1 Y 1 A LYS 56 ? CD ? A LYS 77 CD 
7 1 Y 1 A LYS 56 ? CE ? A LYS 77 CE 
8 1 Y 1 A LYS 56 ? NZ ? A LYS 77 NZ 
# 
loop_
_pdbx_unobs_or_zero_occ_residues.id 
_pdbx_unobs_or_zero_occ_residues.PDB_model_num 
_pdbx_unobs_or_zero_occ_residues.polymer_flag 
_pdbx_unobs_or_zero_occ_residues.occupancy_flag 
_pdbx_unobs_or_zero_occ_residues.auth_asym_id 
_pdbx_unobs_or_zero_occ_residues.auth_comp_id 
_pdbx_unobs_or_zero_occ_residues.auth_seq_id 
_pdbx_unobs_or_zero_occ_residues.PDB_ins_code 
_pdbx_unobs_or_zero_occ_residues.label_asym_id 
_pdbx_unobs_or_zero_occ_residues.label_comp_id 
_pdbx_unobs_or_zero_occ_residues.label_seq_id 
1  1 Y 1 A MET -20 ? A MET 1   
2  1 Y 1 A ALA -19 ? A ALA 2   
3  1 Y 1 A HIS -18 ? A HIS 3   
4  1 Y 1 A HIS -17 ? A HIS 4   
5  1 Y 1 A HIS -16 ? A HIS 5   
6  1 Y 1 A HIS -15 ? A HIS 6   
7  1 Y 1 A HIS -14 ? A HIS 7   
8  1 Y 1 A HIS -13 ? A HIS 8   
9  1 Y 1 A MET -12 ? A MET 9   
10 1 Y 1 A GLY -11 ? A GLY 10  
11 1 Y 1 A THR -10 ? A THR 11  
12 1 Y 1 A LEU -9  ? A LEU 12  
13 1 Y 1 A GLU -8  ? A GLU 13  
14 1 Y 1 A ALA -7  ? A ALA 14  
15 1 Y 1 A GLN -6  ? A GLN 15  
16 1 Y 1 A THR -5  ? A THR 16  
17 1 Y 1 A GLN -4  ? A GLN 17  
18 1 Y 1 A GLY -3  ? A GLY 18  
19 1 Y 1 A PRO -2  ? A PRO 19  
20 1 Y 1 A GLY -1  ? A GLY 20  
21 1 Y 1 A GLY 71  ? A GLY 92  
22 1 Y 1 A LYS 72  ? A LYS 93  
23 1 Y 1 A ASN 73  ? A ASN 94  
24 1 Y 1 A LEU 74  ? A LEU 95  
25 1 Y 1 A GLY 75  ? A GLY 96  
26 1 Y 1 A LYS 76  ? A LYS 97  
27 1 Y 1 A GLU 77  ? A GLU 98  
28 1 Y 1 A GLN 78  ? A GLN 99  
29 1 Y 1 A ASP 79  ? A ASP 100 
30 1 Y 1 A PRO 80  ? A PRO 101 
31 1 Y 1 A THR 81  ? A THR 102 
32 1 Y 1 A GLY 82  ? A GLY 103 
33 1 Y 1 A VAL 83  ? A VAL 104 
34 1 Y 1 A GLU 84  ? A GLU 105 
35 1 Y 1 A PRO 85  ? A PRO 106 
36 1 Y 1 A GLY 86  ? A GLY 107 
37 1 Y 1 A ASP 87  ? A ASP 108 
38 1 Y 1 A HIS 88  ? A HIS 109 
39 1 Y 1 A LEU 89  ? A LEU 110 
40 1 Y 1 A LYS 90  ? A LYS 111 
41 1 Y 1 A GLU 91  ? A GLU 112 
42 1 Y 1 A ARG 92  ? A ARG 113 
# 
loop_
_chem_comp_atom.comp_id 
_chem_comp_atom.atom_id 
_chem_comp_atom.type_symbol 
_chem_comp_atom.pdbx_aromatic_flag 
_chem_comp_atom.pdbx_stereo_config 
_chem_comp_atom.pdbx_ordinal 
ALA N    N N N 1   
ALA CA   C N S 2   
ALA C    C N N 3   
ALA O    O N N 4   
ALA CB   C N N 5   
ALA OXT  O N N 6   
ALA H    H N N 7   
ALA H2   H N N 8   
ALA HA   H N N 9   
ALA HB1  H N N 10  
ALA HB2  H N N 11  
ALA HB3  H N N 12  
ALA HXT  H N N 13  
ARG N    N N N 14  
ARG CA   C N S 15  
ARG C    C N N 16  
ARG O    O N N 17  
ARG CB   C N N 18  
ARG CG   C N N 19  
ARG CD   C N N 20  
ARG NE   N N N 21  
ARG CZ   C N N 22  
ARG NH1  N N N 23  
ARG NH2  N N N 24  
ARG OXT  O N N 25  
ARG H    H N N 26  
ARG H2   H N N 27  
ARG HA   H N N 28  
ARG HB2  H N N 29  
ARG HB3  H N N 30  
ARG HG2  H N N 31  
ARG HG3  H N N 32  
ARG HD2  H N N 33  
ARG HD3  H N N 34  
ARG HE   H N N 35  
ARG HH11 H N N 36  
ARG HH12 H N N 37  
ARG HH21 H N N 38  
ARG HH22 H N N 39  
ARG HXT  H N N 40  
ASN N    N N N 41  
ASN CA   C N S 42  
ASN C    C N N 43  
ASN O    O N N 44  
ASN CB   C N N 45  
ASN CG   C N N 46  
ASN OD1  O N N 47  
ASN ND2  N N N 48  
ASN OXT  O N N 49  
ASN H    H N N 50  
ASN H2   H N N 51  
ASN HA   H N N 52  
ASN HB2  H N N 53  
ASN HB3  H N N 54  
ASN HD21 H N N 55  
ASN HD22 H N N 56  
ASN HXT  H N N 57  
ASP N    N N N 58  
ASP CA   C N S 59  
ASP C    C N N 60  
ASP O    O N N 61  
ASP CB   C N N 62  
ASP CG   C N N 63  
ASP OD1  O N N 64  
ASP OD2  O N N 65  
ASP OXT  O N N 66  
ASP H    H N N 67  
ASP H2   H N N 68  
ASP HA   H N N 69  
ASP HB2  H N N 70  
ASP HB3  H N N 71  
ASP HD2  H N N 72  
ASP HXT  H N N 73  
GLN N    N N N 74  
GLN CA   C N S 75  
GLN C    C N N 76  
GLN O    O N N 77  
GLN CB   C N N 78  
GLN CG   C N N 79  
GLN CD   C N N 80  
GLN OE1  O N N 81  
GLN NE2  N N N 82  
GLN OXT  O N N 83  
GLN H    H N N 84  
GLN H2   H N N 85  
GLN HA   H N N 86  
GLN HB2  H N N 87  
GLN HB3  H N N 88  
GLN HG2  H N N 89  
GLN HG3  H N N 90  
GLN HE21 H N N 91  
GLN HE22 H N N 92  
GLN HXT  H N N 93  
GLU N    N N N 94  
GLU CA   C N S 95  
GLU C    C N N 96  
GLU O    O N N 97  
GLU CB   C N N 98  
GLU CG   C N N 99  
GLU CD   C N N 100 
GLU OE1  O N N 101 
GLU OE2  O N N 102 
GLU OXT  O N N 103 
GLU H    H N N 104 
GLU H2   H N N 105 
GLU HA   H N N 106 
GLU HB2  H N N 107 
GLU HB3  H N N 108 
GLU HG2  H N N 109 
GLU HG3  H N N 110 
GLU HE2  H N N 111 
GLU HXT  H N N 112 
GLY N    N N N 113 
GLY CA   C N N 114 
GLY C    C N N 115 
GLY O    O N N 116 
GLY OXT  O N N 117 
GLY H    H N N 118 
GLY H2   H N N 119 
GLY HA2  H N N 120 
GLY HA3  H N N 121 
GLY HXT  H N N 122 
HIS N    N N N 123 
HIS CA   C N S 124 
HIS C    C N N 125 
HIS O    O N N 126 
HIS CB   C N N 127 
HIS CG   C Y N 128 
HIS ND1  N Y N 129 
HIS CD2  C Y N 130 
HIS CE1  C Y N 131 
HIS NE2  N Y N 132 
HIS OXT  O N N 133 
HIS H    H N N 134 
HIS H2   H N N 135 
HIS HA   H N N 136 
HIS HB2  H N N 137 
HIS HB3  H N N 138 
HIS HD1  H N N 139 
HIS HD2  H N N 140 
HIS HE1  H N N 141 
HIS HE2  H N N 142 
HIS HXT  H N N 143 
HOH O    O N N 144 
HOH H1   H N N 145 
HOH H2   H N N 146 
ILE N    N N N 147 
ILE CA   C N S 148 
ILE C    C N N 149 
ILE O    O N N 150 
ILE CB   C N S 151 
ILE CG1  C N N 152 
ILE CG2  C N N 153 
ILE CD1  C N N 154 
ILE OXT  O N N 155 
ILE H    H N N 156 
ILE H2   H N N 157 
ILE HA   H N N 158 
ILE HB   H N N 159 
ILE HG12 H N N 160 
ILE HG13 H N N 161 
ILE HG21 H N N 162 
ILE HG22 H N N 163 
ILE HG23 H N N 164 
ILE HD11 H N N 165 
ILE HD12 H N N 166 
ILE HD13 H N N 167 
ILE HXT  H N N 168 
LEU N    N N N 169 
LEU CA   C N S 170 
LEU C    C N N 171 
LEU O    O N N 172 
LEU CB   C N N 173 
LEU CG   C N N 174 
LEU CD1  C N N 175 
LEU CD2  C N N 176 
LEU OXT  O N N 177 
LEU H    H N N 178 
LEU H2   H N N 179 
LEU HA   H N N 180 
LEU HB2  H N N 181 
LEU HB3  H N N 182 
LEU HG   H N N 183 
LEU HD11 H N N 184 
LEU HD12 H N N 185 
LEU HD13 H N N 186 
LEU HD21 H N N 187 
LEU HD22 H N N 188 
LEU HD23 H N N 189 
LEU HXT  H N N 190 
LYS N    N N N 191 
LYS CA   C N S 192 
LYS C    C N N 193 
LYS O    O N N 194 
LYS CB   C N N 195 
LYS CG   C N N 196 
LYS CD   C N N 197 
LYS CE   C N N 198 
LYS NZ   N N N 199 
LYS OXT  O N N 200 
LYS H    H N N 201 
LYS H2   H N N 202 
LYS HA   H N N 203 
LYS HB2  H N N 204 
LYS HB3  H N N 205 
LYS HG2  H N N 206 
LYS HG3  H N N 207 
LYS HD2  H N N 208 
LYS HD3  H N N 209 
LYS HE2  H N N 210 
LYS HE3  H N N 211 
LYS HZ1  H N N 212 
LYS HZ2  H N N 213 
LYS HZ3  H N N 214 
LYS HXT  H N N 215 
MET N    N N N 216 
MET CA   C N S 217 
MET C    C N N 218 
MET O    O N N 219 
MET CB   C N N 220 
MET CG   C N N 221 
MET SD   S N N 222 
MET CE   C N N 223 
MET OXT  O N N 224 
MET H    H N N 225 
MET H2   H N N 226 
MET HA   H N N 227 
MET HB2  H N N 228 
MET HB3  H N N 229 
MET HG2  H N N 230 
MET HG3  H N N 231 
MET HE1  H N N 232 
MET HE2  H N N 233 
MET HE3  H N N 234 
MET HXT  H N N 235 
PRO N    N N N 236 
PRO CA   C N S 237 
PRO C    C N N 238 
PRO O    O N N 239 
PRO CB   C N N 240 
PRO CG   C N N 241 
PRO CD   C N N 242 
PRO OXT  O N N 243 
PRO H    H N N 244 
PRO HA   H N N 245 
PRO HB2  H N N 246 
PRO HB3  H N N 247 
PRO HG2  H N N 248 
PRO HG3  H N N 249 
PRO HD2  H N N 250 
PRO HD3  H N N 251 
PRO HXT  H N N 252 
SER N    N N N 253 
SER CA   C N S 254 
SER C    C N N 255 
SER O    O N N 256 
SER CB   C N N 257 
SER OG   O N N 258 
SER OXT  O N N 259 
SER H    H N N 260 
SER H2   H N N 261 
SER HA   H N N 262 
SER HB2  H N N 263 
SER HB3  H N N 264 
SER HG   H N N 265 
SER HXT  H N N 266 
THR N    N N N 267 
THR CA   C N S 268 
THR C    C N N 269 
THR O    O N N 270 
THR CB   C N R 271 
THR OG1  O N N 272 
THR CG2  C N N 273 
THR OXT  O N N 274 
THR H    H N N 275 
THR H2   H N N 276 
THR HA   H N N 277 
THR HB   H N N 278 
THR HG1  H N N 279 
THR HG21 H N N 280 
THR HG22 H N N 281 
THR HG23 H N N 282 
THR HXT  H N N 283 
TYR N    N N N 284 
TYR CA   C N S 285 
TYR C    C N N 286 
TYR O    O N N 287 
TYR CB   C N N 288 
TYR CG   C Y N 289 
TYR CD1  C Y N 290 
TYR CD2  C Y N 291 
TYR CE1  C Y N 292 
TYR CE2  C Y N 293 
TYR CZ   C Y N 294 
TYR OH   O N N 295 
TYR OXT  O N N 296 
TYR H    H N N 297 
TYR H2   H N N 298 
TYR HA   H N N 299 
TYR HB2  H N N 300 
TYR HB3  H N N 301 
TYR HD1  H N N 302 
TYR HD2  H N N 303 
TYR HE1  H N N 304 
TYR HE2  H N N 305 
TYR HH   H N N 306 
TYR HXT  H N N 307 
VAL N    N N N 308 
VAL CA   C N S 309 
VAL C    C N N 310 
VAL O    O N N 311 
VAL CB   C N N 312 
VAL CG1  C N N 313 
VAL CG2  C N N 314 
VAL OXT  O N N 315 
VAL H    H N N 316 
VAL H2   H N N 317 
VAL HA   H N N 318 
VAL HB   H N N 319 
VAL HG11 H N N 320 
VAL HG12 H N N 321 
VAL HG13 H N N 322 
VAL HG21 H N N 323 
VAL HG22 H N N 324 
VAL HG23 H N N 325 
VAL HXT  H N N 326 
# 
loop_
_chem_comp_bond.comp_id 
_chem_comp_bond.atom_id_1 
_chem_comp_bond.atom_id_2 
_chem_comp_bond.value_order 
_chem_comp_bond.pdbx_aromatic_flag 
_chem_comp_bond.pdbx_stereo_config 
_chem_comp_bond.pdbx_ordinal 
ALA N   CA   sing N N 1   
ALA N   H    sing N N 2   
ALA N   H2   sing N N 3   
ALA CA  C    sing N N 4   
ALA CA  CB   sing N N 5   
ALA CA  HA   sing N N 6   
ALA C   O    doub N N 7   
ALA C   OXT  sing N N 8   
ALA CB  HB1  sing N N 9   
ALA CB  HB2  sing N N 10  
ALA CB  HB3  sing N N 11  
ALA OXT HXT  sing N N 12  
ARG N   CA   sing N N 13  
ARG N   H    sing N N 14  
ARG N   H2   sing N N 15  
ARG CA  C    sing N N 16  
ARG CA  CB   sing N N 17  
ARG CA  HA   sing N N 18  
ARG C   O    doub N N 19  
ARG C   OXT  sing N N 20  
ARG CB  CG   sing N N 21  
ARG CB  HB2  sing N N 22  
ARG CB  HB3  sing N N 23  
ARG CG  CD   sing N N 24  
ARG CG  HG2  sing N N 25  
ARG CG  HG3  sing N N 26  
ARG CD  NE   sing N N 27  
ARG CD  HD2  sing N N 28  
ARG CD  HD3  sing N N 29  
ARG NE  CZ   sing N N 30  
ARG NE  HE   sing N N 31  
ARG CZ  NH1  sing N N 32  
ARG CZ  NH2  doub N N 33  
ARG NH1 HH11 sing N N 34  
ARG NH1 HH12 sing N N 35  
ARG NH2 HH21 sing N N 36  
ARG NH2 HH22 sing N N 37  
ARG OXT HXT  sing N N 38  
ASN N   CA   sing N N 39  
ASN N   H    sing N N 40  
ASN N   H2   sing N N 41  
ASN CA  C    sing N N 42  
ASN CA  CB   sing N N 43  
ASN CA  HA   sing N N 44  
ASN C   O    doub N N 45  
ASN C   OXT  sing N N 46  
ASN CB  CG   sing N N 47  
ASN CB  HB2  sing N N 48  
ASN CB  HB3  sing N N 49  
ASN CG  OD1  doub N N 50  
ASN CG  ND2  sing N N 51  
ASN ND2 HD21 sing N N 52  
ASN ND2 HD22 sing N N 53  
ASN OXT HXT  sing N N 54  
ASP N   CA   sing N N 55  
ASP N   H    sing N N 56  
ASP N   H2   sing N N 57  
ASP CA  C    sing N N 58  
ASP CA  CB   sing N N 59  
ASP CA  HA   sing N N 60  
ASP C   O    doub N N 61  
ASP C   OXT  sing N N 62  
ASP CB  CG   sing N N 63  
ASP CB  HB2  sing N N 64  
ASP CB  HB3  sing N N 65  
ASP CG  OD1  doub N N 66  
ASP CG  OD2  sing N N 67  
ASP OD2 HD2  sing N N 68  
ASP OXT HXT  sing N N 69  
GLN N   CA   sing N N 70  
GLN N   H    sing N N 71  
GLN N   H2   sing N N 72  
GLN CA  C    sing N N 73  
GLN CA  CB   sing N N 74  
GLN CA  HA   sing N N 75  
GLN C   O    doub N N 76  
GLN C   OXT  sing N N 77  
GLN CB  CG   sing N N 78  
GLN CB  HB2  sing N N 79  
GLN CB  HB3  sing N N 80  
GLN CG  CD   sing N N 81  
GLN CG  HG2  sing N N 82  
GLN CG  HG3  sing N N 83  
GLN CD  OE1  doub N N 84  
GLN CD  NE2  sing N N 85  
GLN NE2 HE21 sing N N 86  
GLN NE2 HE22 sing N N 87  
GLN OXT HXT  sing N N 88  
GLU N   CA   sing N N 89  
GLU N   H    sing N N 90  
GLU N   H2   sing N N 91  
GLU CA  C    sing N N 92  
GLU CA  CB   sing N N 93  
GLU CA  HA   sing N N 94  
GLU C   O    doub N N 95  
GLU C   OXT  sing N N 96  
GLU CB  CG   sing N N 97  
GLU CB  HB2  sing N N 98  
GLU CB  HB3  sing N N 99  
GLU CG  CD   sing N N 100 
GLU CG  HG2  sing N N 101 
GLU CG  HG3  sing N N 102 
GLU CD  OE1  doub N N 103 
GLU CD  OE2  sing N N 104 
GLU OE2 HE2  sing N N 105 
GLU OXT HXT  sing N N 106 
GLY N   CA   sing N N 107 
GLY N   H    sing N N 108 
GLY N   H2   sing N N 109 
GLY CA  C    sing N N 110 
GLY CA  HA2  sing N N 111 
GLY CA  HA3  sing N N 112 
GLY C   O    doub N N 113 
GLY C   OXT  sing N N 114 
GLY OXT HXT  sing N N 115 
HIS N   CA   sing N N 116 
HIS N   H    sing N N 117 
HIS N   H2   sing N N 118 
HIS CA  C    sing N N 119 
HIS CA  CB   sing N N 120 
HIS CA  HA   sing N N 121 
HIS C   O    doub N N 122 
HIS C   OXT  sing N N 123 
HIS CB  CG   sing N N 124 
HIS CB  HB2  sing N N 125 
HIS CB  HB3  sing N N 126 
HIS CG  ND1  sing Y N 127 
HIS CG  CD2  doub Y N 128 
HIS ND1 CE1  doub Y N 129 
HIS ND1 HD1  sing N N 130 
HIS CD2 NE2  sing Y N 131 
HIS CD2 HD2  sing N N 132 
HIS CE1 NE2  sing Y N 133 
HIS CE1 HE1  sing N N 134 
HIS NE2 HE2  sing N N 135 
HIS OXT HXT  sing N N 136 
HOH O   H1   sing N N 137 
HOH O   H2   sing N N 138 
ILE N   CA   sing N N 139 
ILE N   H    sing N N 140 
ILE N   H2   sing N N 141 
ILE CA  C    sing N N 142 
ILE CA  CB   sing N N 143 
ILE CA  HA   sing N N 144 
ILE C   O    doub N N 145 
ILE C   OXT  sing N N 146 
ILE CB  CG1  sing N N 147 
ILE CB  CG2  sing N N 148 
ILE CB  HB   sing N N 149 
ILE CG1 CD1  sing N N 150 
ILE CG1 HG12 sing N N 151 
ILE CG1 HG13 sing N N 152 
ILE CG2 HG21 sing N N 153 
ILE CG2 HG22 sing N N 154 
ILE CG2 HG23 sing N N 155 
ILE CD1 HD11 sing N N 156 
ILE CD1 HD12 sing N N 157 
ILE CD1 HD13 sing N N 158 
ILE OXT HXT  sing N N 159 
LEU N   CA   sing N N 160 
LEU N   H    sing N N 161 
LEU N   H2   sing N N 162 
LEU CA  C    sing N N 163 
LEU CA  CB   sing N N 164 
LEU CA  HA   sing N N 165 
LEU C   O    doub N N 166 
LEU C   OXT  sing N N 167 
LEU CB  CG   sing N N 168 
LEU CB  HB2  sing N N 169 
LEU CB  HB3  sing N N 170 
LEU CG  CD1  sing N N 171 
LEU CG  CD2  sing N N 172 
LEU CG  HG   sing N N 173 
LEU CD1 HD11 sing N N 174 
LEU CD1 HD12 sing N N 175 
LEU CD1 HD13 sing N N 176 
LEU CD2 HD21 sing N N 177 
LEU CD2 HD22 sing N N 178 
LEU CD2 HD23 sing N N 179 
LEU OXT HXT  sing N N 180 
LYS N   CA   sing N N 181 
LYS N   H    sing N N 182 
LYS N   H2   sing N N 183 
LYS CA  C    sing N N 184 
LYS CA  CB   sing N N 185 
LYS CA  HA   sing N N 186 
LYS C   O    doub N N 187 
LYS C   OXT  sing N N 188 
LYS CB  CG   sing N N 189 
LYS CB  HB2  sing N N 190 
LYS CB  HB3  sing N N 191 
LYS CG  CD   sing N N 192 
LYS CG  HG2  sing N N 193 
LYS CG  HG3  sing N N 194 
LYS CD  CE   sing N N 195 
LYS CD  HD2  sing N N 196 
LYS CD  HD3  sing N N 197 
LYS CE  NZ   sing N N 198 
LYS CE  HE2  sing N N 199 
LYS CE  HE3  sing N N 200 
LYS NZ  HZ1  sing N N 201 
LYS NZ  HZ2  sing N N 202 
LYS NZ  HZ3  sing N N 203 
LYS OXT HXT  sing N N 204 
MET N   CA   sing N N 205 
MET N   H    sing N N 206 
MET N   H2   sing N N 207 
MET CA  C    sing N N 208 
MET CA  CB   sing N N 209 
MET CA  HA   sing N N 210 
MET C   O    doub N N 211 
MET C   OXT  sing N N 212 
MET CB  CG   sing N N 213 
MET CB  HB2  sing N N 214 
MET CB  HB3  sing N N 215 
MET CG  SD   sing N N 216 
MET CG  HG2  sing N N 217 
MET CG  HG3  sing N N 218 
MET SD  CE   sing N N 219 
MET CE  HE1  sing N N 220 
MET CE  HE2  sing N N 221 
MET CE  HE3  sing N N 222 
MET OXT HXT  sing N N 223 
PRO N   CA   sing N N 224 
PRO N   CD   sing N N 225 
PRO N   H    sing N N 226 
PRO CA  C    sing N N 227 
PRO CA  CB   sing N N 228 
PRO CA  HA   sing N N 229 
PRO C   O    doub N N 230 
PRO C   OXT  sing N N 231 
PRO CB  CG   sing N N 232 
PRO CB  HB2  sing N N 233 
PRO CB  HB3  sing N N 234 
PRO CG  CD   sing N N 235 
PRO CG  HG2  sing N N 236 
PRO CG  HG3  sing N N 237 
PRO CD  HD2  sing N N 238 
PRO CD  HD3  sing N N 239 
PRO OXT HXT  sing N N 240 
SER N   CA   sing N N 241 
SER N   H    sing N N 242 
SER N   H2   sing N N 243 
SER CA  C    sing N N 244 
SER CA  CB   sing N N 245 
SER CA  HA   sing N N 246 
SER C   O    doub N N 247 
SER C   OXT  sing N N 248 
SER CB  OG   sing N N 249 
SER CB  HB2  sing N N 250 
SER CB  HB3  sing N N 251 
SER OG  HG   sing N N 252 
SER OXT HXT  sing N N 253 
THR N   CA   sing N N 254 
THR N   H    sing N N 255 
THR N   H2   sing N N 256 
THR CA  C    sing N N 257 
THR CA  CB   sing N N 258 
THR CA  HA   sing N N 259 
THR C   O    doub N N 260 
THR C   OXT  sing N N 261 
THR CB  OG1  sing N N 262 
THR CB  CG2  sing N N 263 
THR CB  HB   sing N N 264 
THR OG1 HG1  sing N N 265 
THR CG2 HG21 sing N N 266 
THR CG2 HG22 sing N N 267 
THR CG2 HG23 sing N N 268 
THR OXT HXT  sing N N 269 
TYR N   CA   sing N N 270 
TYR N   H    sing N N 271 
TYR N   H2   sing N N 272 
TYR CA  C    sing N N 273 
TYR CA  CB   sing N N 274 
TYR CA  HA   sing N N 275 
TYR C   O    doub N N 276 
TYR C   OXT  sing N N 277 
TYR CB  CG   sing N N 278 
TYR CB  HB2  sing N N 279 
TYR CB  HB3  sing N N 280 
TYR CG  CD1  doub Y N 281 
TYR CG  CD2  sing Y N 282 
TYR CD1 CE1  sing Y N 283 
TYR CD1 HD1  sing N N 284 
TYR CD2 CE2  doub Y N 285 
TYR CD2 HD2  sing N N 286 
TYR CE1 CZ   doub Y N 287 
TYR CE1 HE1  sing N N 288 
TYR CE2 CZ   sing Y N 289 
TYR CE2 HE2  sing N N 290 
TYR CZ  OH   sing N N 291 
TYR OH  HH   sing N N 292 
TYR OXT HXT  sing N N 293 
VAL N   CA   sing N N 294 
VAL N   H    sing N N 295 
VAL N   H2   sing N N 296 
VAL CA  C    sing N N 297 
VAL CA  CB   sing N N 298 
VAL CA  HA   sing N N 299 
VAL C   O    doub N N 300 
VAL C   OXT  sing N N 301 
VAL CB  CG1  sing N N 302 
VAL CB  CG2  sing N N 303 
VAL CB  HB   sing N N 304 
VAL CG1 HG11 sing N N 305 
VAL CG1 HG12 sing N N 306 
VAL CG1 HG13 sing N N 307 
VAL CG2 HG21 sing N N 308 
VAL CG2 HG22 sing N N 309 
VAL CG2 HG23 sing N N 310 
VAL OXT HXT  sing N N 311 
# 
_pdbx_entity_nonpoly.entity_id   2 
_pdbx_entity_nonpoly.name        water 
_pdbx_entity_nonpoly.comp_id     HOH 
# 
_pdbx_initial_refinement_model.id               1 
_pdbx_initial_refinement_model.entity_id_list   ? 
_pdbx_initial_refinement_model.type             'experimental model' 
_pdbx_initial_refinement_model.source_name      PDB 
_pdbx_initial_refinement_model.accession_code   2IC9 
_pdbx_initial_refinement_model.details          'pdb ID 2ic9' 
# 
